data_7R53
#
_entry.id   7R53
#
_cell.length_a   164.882
_cell.length_b   89.065
_cell.length_c   152.273
_cell.angle_alpha   90
_cell.angle_beta   120.26
_cell.angle_gamma   90
#
_symmetry.space_group_name_H-M   'C 1 2 1'
#
loop_
_entity.id
_entity.type
_entity.pdbx_description
1 polymer 'Toll-like receptor 8'
2 branched alpha-D-mannopyranose-(1-3)-[alpha-D-mannopyranose-(1-6)]beta-D-mannopyranose-(1-4)-2-acetamido-2-deoxy-beta-D-glucopyranose-(1-4)-2-acetamido-2-deoxy-beta-D-glucopyranose
3 branched beta-D-mannopyranose-(1-4)-2-acetamido-2-deoxy-beta-D-glucopyranose-(1-4)-2-acetamido-2-deoxy-beta-D-glucopyranose
4 non-polymer 2-acetamido-2-deoxy-beta-D-glucopyranose
5 non-polymer 5-cyclopropyl-6-(2,6-dimethylpyridin-4-yl)-~{N}-[(3~{R},4~{R})-3-fluoranylpiperidin-4-yl]-1~{H}-indazol-3-amine
6 water water
#
_entity_poly.entity_id   1
_entity_poly.type   'polypeptide(L)'
_entity_poly.pdbx_seq_one_letter_code
;EENFSRSYPCDEKKQNDSVIAECSNRRLQEVPQTVGKYVTELDLSDNFITHITNESFQGLQNLTKINLNHNPNVQHQNGN
PGIQSNGLNITDGAFLNLKNLRELLLEDNQLPQIPSGLPESLTELSLIQNNIYNITKEGISRLINLKNLYLAWNCYFNKV
CEKTNIEDGVFETLTNLELLSLSFNSLSHVPPKLPSSLRKLFLSNTQIKYISEEDFKGLINLTLLDLSGNCPRCFNAPFP
CVPCDGGASINIDRFAFQNLTQLRYLNLSSTSLRKINAAWFKNMPHLKVLDLEFNYLVGEIASGAFLTMLPRLEILDLSF
NYIKGSYPQHINISRNFSKLLSLRALHLRGYVFQELREDDFQPLMQLPNLSTINLGINFIKQIDFKLFQNFSNLEIIYLS
ENRISPLVKDTRQSYANSSSFQRHIRKRRSTDFEFDPHSNFYHFTRPLIKPQCAAYGKALDLSLNSIFFIGPNQFENLPD
IACLNLSANSNAQVLSGTEFSAIPHVKYLDLTNNRLDFDNASALTELSDLEVLDLSYNSHYFRIAGVTHHLEFIQNFTNL
KVLNLSHNNIYTLTDKYNLESKSLVELVFSGNRLDILWNDDDNRYISIFKGLKNLTRLDLSLNRLKHIPNEAFLNLPASL
TELHINDNMLKFFNWTLLQQFPRLELLDLRGNKLLFLTDSLSDFTSSLRTLLLSHNRISHLPSGFLSEVSSLKHLDLSSN
LLKTINKSALETKTTTKLSMLELHGNPFECTCDIGDFRRWMDEHLNVKIPRLVDVICASPGDQRGKSIVSLELTTCVSDV
TEFLVPR
;
_entity_poly.pdbx_strand_id   A,B
#
loop_
_chem_comp.id
_chem_comp.type
_chem_comp.name
_chem_comp.formula
BMA D-saccharide, beta linking beta-D-mannopyranose 'C6 H12 O6'
I5N non-polymer 5-cyclopropyl-6-(2,6-dimethylpyridin-4-yl)-~{N}-[(3~{R},4~{R})-3-fluoranylpiperidin-4-yl]-1~{H}-indazol-3-amine 'C22 H26 F N5'
MAN D-saccharide, alpha linking alpha-D-mannopyranose 'C6 H12 O6'
NAG D-saccharide, beta linking 2-acetamido-2-deoxy-beta-D-glucopyranose 'C8 H15 N O6'
#
# COMPACT_ATOMS: atom_id res chain seq x y z
N SER A 5 17.08 39.90 25.28
CA SER A 5 17.92 38.79 25.73
C SER A 5 17.36 37.44 25.28
N ARG A 6 16.73 37.39 24.10
CA ARG A 6 16.16 36.15 23.56
C ARG A 6 17.28 35.27 22.98
N SER A 7 17.36 34.02 23.42
CA SER A 7 18.39 33.08 22.97
C SER A 7 18.33 32.70 21.50
N TYR A 8 19.46 32.80 20.81
CA TYR A 8 19.55 32.45 19.39
C TYR A 8 20.97 31.96 19.08
N PRO A 9 21.11 30.84 18.33
CA PRO A 9 20.05 30.00 17.76
C PRO A 9 19.56 28.87 18.66
N CYS A 10 20.16 28.70 19.84
CA CYS A 10 19.78 27.62 20.75
C CYS A 10 18.48 27.91 21.49
N ASP A 11 17.79 26.86 21.93
CA ASP A 11 16.55 27.00 22.68
C ASP A 11 16.86 26.70 24.15
N GLU A 12 17.17 27.74 24.94
CA GLU A 12 17.51 27.57 26.35
C GLU A 12 16.28 27.23 27.19
N LYS A 13 16.44 26.32 28.16
CA LYS A 13 15.34 25.91 29.02
C LYS A 13 15.84 25.51 30.41
N LYS A 14 15.07 25.83 31.45
CA LYS A 14 15.44 25.48 32.83
C LYS A 14 15.15 24.00 33.08
N GLN A 15 16.06 23.32 33.79
CA GLN A 15 15.93 21.89 34.09
C GLN A 15 16.66 21.57 35.39
N ASN A 16 15.92 21.42 36.50
CA ASN A 16 16.45 21.11 37.82
C ASN A 16 17.59 22.05 38.24
N ASP A 17 17.29 23.37 38.30
CA ASP A 17 18.23 24.43 38.66
C ASP A 17 19.46 24.49 37.75
N SER A 18 19.25 24.27 36.45
CA SER A 18 20.31 24.31 35.45
C SER A 18 19.74 24.75 34.08
N VAL A 19 20.60 25.12 33.12
CA VAL A 19 20.14 25.57 31.82
C VAL A 19 20.63 24.68 30.67
N ILE A 20 19.71 24.02 29.97
CA ILE A 20 20.06 23.18 28.84
C ILE A 20 19.85 23.94 27.53
N ALA A 21 20.69 23.67 26.52
CA ALA A 21 20.59 24.36 25.25
C ALA A 21 20.26 23.40 24.11
N GLU A 22 19.01 23.42 23.63
CA GLU A 22 18.61 22.57 22.51
C GLU A 22 19.00 23.26 21.22
N CYS A 23 20.22 23.01 20.75
CA CYS A 23 20.74 23.63 19.53
C CYS A 23 20.91 22.59 18.41
N SER A 24 19.99 21.62 18.33
CA SER A 24 20.09 20.56 17.34
C SER A 24 19.28 20.80 16.08
N ASN A 25 19.72 20.21 14.95
CA ASN A 25 19.06 20.27 13.65
C ASN A 25 18.66 21.68 13.23
N ARG A 26 19.64 22.60 13.13
CA ARG A 26 19.34 23.96 12.72
C ARG A 26 20.34 24.53 11.70
N ARG A 27 20.94 23.65 10.89
CA ARG A 27 21.87 23.99 9.82
C ARG A 27 23.00 24.94 10.25
N LEU A 28 23.62 24.67 11.40
CA LEU A 28 24.71 25.52 11.87
C LEU A 28 26.02 25.15 11.18
N GLN A 29 26.64 26.12 10.50
CA GLN A 29 27.90 25.91 9.78
C GLN A 29 29.09 25.81 10.75
N GLU A 30 29.02 26.52 11.88
CA GLU A 30 30.08 26.52 12.88
C GLU A 30 29.48 26.62 14.30
N VAL A 31 30.27 26.25 15.34
CA VAL A 31 29.85 26.31 16.72
C VAL A 31 29.49 27.75 17.10
N PRO A 32 28.24 28.00 17.50
CA PRO A 32 27.81 29.38 17.79
C PRO A 32 28.40 29.97 19.07
N GLN A 33 28.78 31.25 19.00
CA GLN A 33 29.31 31.97 20.15
C GLN A 33 28.23 32.79 20.90
N THR A 34 26.95 32.62 20.55
CA THR A 34 25.86 33.35 21.18
C THR A 34 25.12 32.48 22.21
N VAL A 35 25.85 31.58 22.87
CA VAL A 35 25.26 30.71 23.89
C VAL A 35 25.63 31.27 25.26
N GLY A 36 24.65 31.36 26.15
CA GLY A 36 24.86 31.86 27.51
C GLY A 36 25.86 31.04 28.27
N LYS A 37 26.89 31.69 28.82
CA LYS A 37 28.00 31.01 29.52
C LYS A 37 27.56 30.16 30.73
N TYR A 38 26.31 30.32 31.18
CA TYR A 38 25.76 29.60 32.32
C TYR A 38 25.16 28.23 31.97
N VAL A 39 25.10 27.84 30.69
CA VAL A 39 24.51 26.56 30.30
C VAL A 39 25.33 25.37 30.78
N THR A 40 24.66 24.27 31.07
CA THR A 40 25.32 23.06 31.55
C THR A 40 25.36 21.99 30.46
N GLU A 41 24.24 21.73 29.80
CA GLU A 41 24.19 20.73 28.74
C GLU A 41 23.95 21.35 27.38
N LEU A 42 24.84 21.07 26.42
CA LEU A 42 24.74 21.62 25.08
C LEU A 42 24.55 20.50 24.04
N ASP A 43 23.52 20.62 23.21
CA ASP A 43 23.24 19.63 22.18
C ASP A 43 23.41 20.27 20.81
N LEU A 44 24.48 19.95 20.09
CA LEU A 44 24.75 20.51 18.77
C LEU A 44 24.70 19.42 17.68
N SER A 45 23.82 18.43 17.85
CA SER A 45 23.72 17.33 16.89
C SER A 45 22.95 17.70 15.62
N ASP A 46 23.22 16.94 14.54
CA ASP A 46 22.59 17.08 13.22
C ASP A 46 22.74 18.47 12.62
N ASN A 47 23.98 18.98 12.62
CA ASN A 47 24.32 20.28 12.05
C ASN A 47 25.43 20.11 10.99
N PHE A 48 25.87 21.22 10.34
CA PHE A 48 26.91 21.13 9.32
C PHE A 48 28.25 21.62 9.84
N ILE A 49 28.53 21.40 11.13
CA ILE A 49 29.79 21.81 11.77
C ILE A 49 30.93 20.96 11.23
N THR A 50 32.03 21.59 10.82
CA THR A 50 33.16 20.87 10.25
C THR A 50 34.43 20.95 11.07
N HIS A 51 34.59 22.01 11.88
CA HIS A 51 35.81 22.18 12.67
C HIS A 51 35.57 22.40 14.15
N ILE A 52 36.37 21.75 15.00
CA ILE A 52 36.31 21.89 16.45
C ILE A 52 37.67 22.36 16.96
N THR A 53 37.76 23.60 17.45
CA THR A 53 39.02 24.15 17.96
C THR A 53 38.97 24.37 19.49
N ASN A 54 40.12 24.72 20.11
CA ASN A 54 40.18 25.00 21.54
C ASN A 54 39.38 26.26 21.94
N GLU A 55 39.06 27.13 20.97
CA GLU A 55 38.31 28.35 21.22
C GLU A 55 36.86 28.26 20.70
N SER A 56 36.30 27.06 20.62
CA SER A 56 34.93 26.86 20.15
C SER A 56 33.96 26.97 21.32
N PHE A 57 34.32 26.37 22.46
CA PHE A 57 33.48 26.42 23.65
C PHE A 57 34.09 27.34 24.72
N GLN A 58 34.66 28.47 24.28
CA GLN A 58 35.25 29.43 25.21
C GLN A 58 34.15 30.18 25.96
N GLY A 59 34.37 30.39 27.25
CA GLY A 59 33.40 31.08 28.10
C GLY A 59 32.42 30.13 28.76
N LEU A 60 32.02 29.07 28.05
CA LEU A 60 31.07 28.07 28.55
C LEU A 60 31.85 27.09 29.45
N GLN A 61 32.35 27.59 30.58
CA GLN A 61 33.14 26.80 31.52
C GLN A 61 32.32 25.81 32.37
N ASN A 62 30.99 25.98 32.42
CA ASN A 62 30.14 25.08 33.19
C ASN A 62 29.49 23.99 32.32
N LEU A 63 30.13 23.62 31.21
CA LEU A 63 29.59 22.59 30.33
C LEU A 63 29.90 21.19 30.83
N THR A 64 28.88 20.50 31.33
CA THR A 64 29.00 19.13 31.82
C THR A 64 28.63 18.08 30.75
N LYS A 65 27.97 18.49 29.66
CA LYS A 65 27.58 17.56 28.60
C LYS A 65 27.59 18.25 27.25
N ILE A 66 28.28 17.66 26.27
CA ILE A 66 28.36 18.19 24.90
C ILE A 66 27.97 17.10 23.91
N ASN A 67 27.01 17.39 23.04
CA ASN A 67 26.56 16.45 22.02
C ASN A 67 26.96 17.00 20.66
N LEU A 68 27.67 16.20 19.84
CA LEU A 68 28.10 16.65 18.52
C LEU A 68 27.89 15.56 17.48
N ASN A 69 26.77 14.82 17.59
CA ASN A 69 26.46 13.73 16.67
C ASN A 69 26.07 14.21 15.27
N HIS A 70 26.40 13.40 14.25
CA HIS A 70 26.09 13.65 12.84
C HIS A 70 26.56 15.03 12.35
N ASN A 71 27.87 15.27 12.40
CA ASN A 71 28.44 16.55 11.97
C ASN A 71 29.63 16.31 11.04
N PRO A 72 29.52 16.67 9.75
CA PRO A 72 28.39 17.30 9.06
C PRO A 72 27.27 16.32 8.73
N ASN A 73 26.02 16.73 8.93
CA ASN A 73 24.84 15.90 8.70
C ASN A 73 24.72 15.50 7.23
N VAL A 74 25.19 14.28 6.90
CA VAL A 74 25.21 13.69 5.56
C VAL A 74 26.01 14.55 4.58
N GLY A 87 35.05 14.82 7.13
CA GLY A 87 34.41 14.51 8.40
C GLY A 87 34.44 15.67 9.37
N LEU A 88 34.85 15.41 10.62
CA LEU A 88 34.92 16.46 11.63
C LEU A 88 36.36 16.69 12.07
N ASN A 89 36.94 17.82 11.67
CA ASN A 89 38.31 18.18 12.00
C ASN A 89 38.39 18.67 13.45
N ILE A 90 38.71 17.76 14.39
CA ILE A 90 38.84 18.14 15.79
C ILE A 90 40.32 18.31 16.13
N THR A 91 40.72 19.50 16.57
CA THR A 91 42.11 19.76 16.93
C THR A 91 42.52 19.06 18.21
N ASP A 92 43.83 18.89 18.43
CA ASP A 92 44.35 18.23 19.63
C ASP A 92 44.16 19.14 20.84
N GLY A 93 43.46 18.64 21.84
CA GLY A 93 43.19 19.39 23.06
C GLY A 93 42.13 20.45 22.89
N ALA A 94 41.16 20.22 21.99
CA ALA A 94 40.09 21.17 21.75
C ALA A 94 39.10 21.25 22.93
N PHE A 95 38.92 20.13 23.64
CA PHE A 95 38.02 20.07 24.80
C PHE A 95 38.77 20.07 26.14
N LEU A 96 40.08 20.35 26.15
CA LEU A 96 40.86 20.29 27.39
C LEU A 96 40.54 21.42 28.38
N ASN A 97 40.16 22.61 27.88
CA ASN A 97 39.83 23.75 28.75
C ASN A 97 38.53 23.54 29.53
N LEU A 98 37.62 22.68 29.02
CA LEU A 98 36.35 22.38 29.67
C LEU A 98 36.64 21.40 30.81
N LYS A 99 36.96 21.93 31.98
CA LYS A 99 37.32 21.12 33.15
C LYS A 99 36.12 20.43 33.83
N ASN A 100 34.89 20.81 33.50
CA ASN A 100 33.71 20.19 34.09
C ASN A 100 32.97 19.24 33.13
N LEU A 101 33.56 18.91 31.97
CA LEU A 101 32.93 18.06 30.97
C LEU A 101 32.87 16.60 31.39
N ARG A 102 31.66 16.04 31.50
CA ARG A 102 31.47 14.66 31.91
C ARG A 102 30.99 13.78 30.76
N GLU A 103 30.04 14.26 29.96
CA GLU A 103 29.51 13.47 28.86
C GLU A 103 29.82 14.08 27.50
N LEU A 104 30.61 13.38 26.68
CA LEU A 104 30.96 13.86 25.35
C LEU A 104 30.51 12.86 24.30
N LEU A 105 29.56 13.26 23.44
CA LEU A 105 29.04 12.37 22.41
C LEU A 105 29.53 12.79 21.03
N LEU A 106 30.29 11.92 20.37
CA LEU A 106 30.82 12.19 19.02
C LEU A 106 30.48 11.03 18.09
N GLU A 107 29.20 10.86 17.76
CA GLU A 107 28.76 9.77 16.89
C GLU A 107 28.58 10.23 15.45
N ASP A 108 28.83 9.34 14.48
CA ASP A 108 28.68 9.59 13.05
C ASP A 108 29.39 10.87 12.57
N ASN A 109 30.66 11.01 12.95
CA ASN A 109 31.48 12.17 12.57
C ASN A 109 32.64 11.85 11.62
N GLN A 110 32.78 10.57 11.20
CA GLN A 110 33.85 10.12 10.31
C GLN A 110 35.24 10.41 10.89
N LEU A 111 35.38 10.27 12.22
CA LEU A 111 36.65 10.52 12.92
C LEU A 111 37.64 9.42 12.57
N PRO A 112 38.80 9.78 11.99
CA PRO A 112 39.79 8.75 11.63
C PRO A 112 40.46 8.12 12.84
N GLN A 113 40.76 8.92 13.86
CA GLN A 113 41.38 8.44 15.10
C GLN A 113 40.64 8.98 16.34
N ILE A 114 40.92 8.41 17.52
CA ILE A 114 40.31 8.87 18.77
C ILE A 114 40.83 10.26 19.07
N PRO A 115 39.93 11.25 19.29
CA PRO A 115 40.39 12.62 19.55
C PRO A 115 41.43 12.75 20.66
N SER A 116 42.56 13.37 20.33
CA SER A 116 43.63 13.57 21.31
C SER A 116 43.34 14.78 22.19
N GLY A 117 43.88 14.76 23.41
CA GLY A 117 43.70 15.84 24.36
C GLY A 117 42.31 15.93 24.95
N LEU A 118 41.69 14.78 25.23
CA LEU A 118 40.36 14.76 25.83
C LEU A 118 40.46 15.08 27.33
N PRO A 119 39.47 15.79 27.91
CA PRO A 119 39.56 16.14 29.33
C PRO A 119 39.47 14.95 30.28
N GLU A 120 40.31 14.95 31.33
CA GLU A 120 40.37 13.88 32.34
C GLU A 120 39.04 13.71 33.08
N SER A 121 38.26 14.79 33.21
CA SER A 121 36.96 14.81 33.89
C SER A 121 35.90 13.89 33.26
N LEU A 122 36.09 13.50 31.99
CA LEU A 122 35.14 12.67 31.25
C LEU A 122 34.74 11.36 31.94
N THR A 123 33.43 11.16 32.10
CA THR A 123 32.82 9.96 32.68
C THR A 123 31.98 9.19 31.64
N GLU A 124 31.73 9.76 30.45
CA GLU A 124 30.95 9.10 29.42
C GLU A 124 31.41 9.58 28.04
N LEU A 125 31.99 8.68 27.24
CA LEU A 125 32.46 9.03 25.91
C LEU A 125 31.87 8.08 24.88
N SER A 126 31.22 8.62 23.85
CA SER A 126 30.63 7.81 22.79
C SER A 126 31.25 8.16 21.44
N LEU A 127 31.83 7.17 20.77
CA LEU A 127 32.46 7.37 19.46
C LEU A 127 31.92 6.35 18.45
N ILE A 128 30.59 6.12 18.49
CA ILE A 128 29.91 5.18 17.62
C ILE A 128 29.84 5.69 16.17
N GLN A 129 29.90 4.78 15.18
CA GLN A 129 29.80 5.08 13.75
C GLN A 129 30.89 6.02 13.23
N ASN A 130 32.14 5.74 13.57
CA ASN A 130 33.27 6.54 13.10
C ASN A 130 34.27 5.66 12.30
N ASN A 131 35.39 6.23 11.84
CA ASN A 131 36.39 5.47 11.11
C ASN A 131 37.59 5.19 12.01
N ILE A 132 37.34 4.85 13.29
CA ILE A 132 38.40 4.57 14.24
C ILE A 132 38.89 3.14 14.13
N TYR A 133 40.15 2.96 13.74
CA TYR A 133 40.72 1.62 13.61
C TYR A 133 41.72 1.28 14.72
N ASN A 134 42.29 2.30 15.38
CA ASN A 134 43.27 2.08 16.44
C ASN A 134 42.78 2.61 17.79
N ILE A 135 42.65 1.71 18.77
CA ILE A 135 42.27 2.08 20.14
C ILE A 135 43.58 2.13 20.91
N THR A 136 44.29 3.26 20.83
CA THR A 136 45.59 3.41 21.46
C THR A 136 45.56 4.04 22.85
N LYS A 137 46.59 3.77 23.66
CA LYS A 137 46.76 4.32 25.01
C LYS A 137 46.95 5.84 25.02
N GLU A 138 47.34 6.43 23.89
CA GLU A 138 47.57 7.87 23.76
C GLU A 138 46.28 8.69 23.93
N GLY A 139 45.17 8.15 23.45
CA GLY A 139 43.90 8.87 23.53
C GLY A 139 42.90 8.33 24.53
N ILE A 140 43.19 7.18 25.16
CA ILE A 140 42.24 6.58 26.10
C ILE A 140 42.78 6.48 27.54
N SER A 141 43.97 5.90 27.72
CA SER A 141 44.59 5.64 29.02
C SER A 141 44.65 6.82 30.00
N ARG A 142 44.57 8.06 29.52
CA ARG A 142 44.59 9.23 30.41
C ARG A 142 43.22 9.46 31.07
N LEU A 143 42.12 9.05 30.40
CA LEU A 143 40.75 9.20 30.92
C LEU A 143 40.50 8.15 31.99
N ILE A 144 40.96 8.40 33.22
CA ILE A 144 40.82 7.45 34.32
C ILE A 144 39.47 7.48 35.03
N ASN A 145 38.60 8.46 34.74
CA ASN A 145 37.29 8.55 35.40
C ASN A 145 36.13 8.06 34.54
N LEU A 146 36.41 7.39 33.40
CA LEU A 146 35.37 6.92 32.49
C LEU A 146 34.50 5.83 33.06
N LYS A 147 33.18 6.07 33.15
CA LYS A 147 32.22 5.08 33.62
C LYS A 147 31.68 4.31 32.42
N ASN A 148 31.37 5.02 31.32
CA ASN A 148 30.83 4.38 30.12
C ASN A 148 31.64 4.77 28.89
N LEU A 149 31.98 3.78 28.06
CA LEU A 149 32.75 4.00 26.84
C LEU A 149 32.10 3.23 25.70
N TYR A 150 31.69 3.94 24.64
CA TYR A 150 31.03 3.32 23.52
C TYR A 150 31.88 3.43 22.25
N LEU A 151 32.40 2.32 21.75
CA LEU A 151 33.21 2.32 20.53
C LEU A 151 32.61 1.39 19.46
N ALA A 152 31.28 1.38 19.36
CA ALA A 152 30.60 0.54 18.38
C ALA A 152 30.66 1.08 16.94
N TRP A 153 30.47 0.20 15.94
CA TRP A 153 30.46 0.54 14.51
C TRP A 153 31.71 1.31 14.02
N ASN A 154 32.90 0.81 14.34
CA ASN A 154 34.15 1.47 13.94
C ASN A 154 35.02 0.55 13.09
N GLU A 162 40.21 -4.05 8.31
CA GLU A 162 40.57 -5.47 8.27
C GLU A 162 40.47 -6.12 9.65
N LYS A 163 40.88 -5.38 10.69
CA LYS A 163 40.84 -5.81 12.08
C LYS A 163 41.05 -4.60 12.98
N THR A 164 40.29 -4.49 14.07
CA THR A 164 40.43 -3.34 14.97
C THR A 164 41.66 -3.51 15.85
N ASN A 165 42.65 -2.62 15.70
CA ASN A 165 43.87 -2.71 16.48
C ASN A 165 43.67 -2.16 17.89
N ILE A 166 43.59 -3.04 18.88
CA ILE A 166 43.41 -2.64 20.27
C ILE A 166 44.75 -2.80 21.01
N GLU A 167 45.23 -1.72 21.64
CA GLU A 167 46.51 -1.72 22.38
C GLU A 167 46.48 -2.71 23.53
N ASP A 168 47.60 -3.41 23.77
CA ASP A 168 47.66 -4.40 24.84
C ASP A 168 47.60 -3.76 26.22
N GLY A 169 46.41 -3.71 26.79
CA GLY A 169 46.20 -3.13 28.11
C GLY A 169 45.80 -1.66 28.07
N VAL A 170 45.07 -1.26 27.01
CA VAL A 170 44.60 0.11 26.89
C VAL A 170 43.50 0.41 27.91
N PHE A 171 42.61 -0.56 28.15
CA PHE A 171 41.51 -0.39 29.11
C PHE A 171 41.92 -0.68 30.56
N GLU A 172 43.13 -1.22 30.79
CA GLU A 172 43.65 -1.59 32.10
C GLU A 172 43.73 -0.43 33.10
N THR A 173 44.07 0.77 32.62
CA THR A 173 44.18 1.95 33.49
C THR A 173 42.83 2.58 33.86
N LEU A 174 41.75 2.23 33.15
CA LEU A 174 40.42 2.76 33.43
C LEU A 174 39.79 1.98 34.58
N THR A 175 40.23 2.27 35.83
CA THR A 175 39.75 1.59 37.03
C THR A 175 38.27 1.81 37.36
N ASN A 176 37.66 2.85 36.77
CA ASN A 176 36.25 3.13 37.01
C ASN A 176 35.34 2.73 35.83
N LEU A 177 35.85 1.93 34.88
CA LEU A 177 35.07 1.54 33.71
C LEU A 177 33.99 0.52 34.03
N GLU A 178 32.74 0.92 33.84
CA GLU A 178 31.58 0.07 34.10
C GLU A 178 30.96 -0.46 32.80
N LEU A 179 31.08 0.28 31.69
CA LEU A 179 30.48 -0.15 30.42
C LEU A 179 31.46 -0.06 29.27
N LEU A 180 31.75 -1.19 28.63
CA LEU A 180 32.62 -1.20 27.46
C LEU A 180 31.88 -1.85 26.31
N SER A 181 31.55 -1.05 25.29
CA SER A 181 30.81 -1.54 24.13
C SER A 181 31.70 -1.52 22.91
N LEU A 182 32.18 -2.67 22.46
CA LEU A 182 33.02 -2.76 21.26
C LEU A 182 32.31 -3.45 20.08
N SER A 183 30.97 -3.49 20.10
CA SER A 183 30.13 -4.13 19.09
C SER A 183 30.30 -3.60 17.67
N PHE A 184 30.00 -4.42 16.66
CA PHE A 184 30.06 -4.08 15.25
C PHE A 184 31.43 -3.59 14.82
N ASN A 185 32.46 -4.33 15.24
CA ASN A 185 33.86 -4.10 14.96
C ASN A 185 34.49 -5.46 14.71
N SER A 186 35.35 -5.61 13.68
CA SER A 186 35.98 -6.90 13.41
C SER A 186 37.13 -7.19 14.38
N LEU A 187 36.80 -7.54 15.63
CA LEU A 187 37.78 -7.79 16.68
C LEU A 187 38.48 -9.14 16.54
N SER A 188 37.71 -10.20 16.21
CA SER A 188 38.15 -11.59 16.05
C SER A 188 38.47 -12.28 17.37
N HIS A 189 38.91 -11.52 18.39
CA HIS A 189 39.25 -12.04 19.71
C HIS A 189 38.81 -11.10 20.81
N VAL A 190 38.53 -11.63 21.99
CA VAL A 190 38.14 -10.81 23.14
C VAL A 190 39.38 -10.05 23.61
N PRO A 191 39.31 -8.72 23.71
CA PRO A 191 40.50 -7.95 24.12
C PRO A 191 41.01 -8.32 25.51
N PRO A 192 42.32 -8.56 25.65
CA PRO A 192 42.87 -8.90 26.96
C PRO A 192 43.07 -7.68 27.86
N LYS A 193 43.25 -7.94 29.16
CA LYS A 193 43.47 -6.92 30.19
C LYS A 193 42.34 -5.89 30.28
N LEU A 194 41.14 -6.35 30.66
CA LEU A 194 39.99 -5.48 30.87
C LEU A 194 39.88 -5.20 32.39
N PRO A 195 39.39 -4.01 32.79
CA PRO A 195 39.30 -3.70 34.22
C PRO A 195 38.32 -4.60 34.97
N SER A 196 38.65 -4.95 36.22
CA SER A 196 37.77 -5.79 37.04
C SER A 196 36.44 -5.10 37.42
N SER A 197 36.40 -3.75 37.35
CA SER A 197 35.19 -2.98 37.66
C SER A 197 34.10 -3.08 36.59
N LEU A 198 34.41 -3.64 35.41
CA LEU A 198 33.47 -3.79 34.30
C LEU A 198 32.18 -4.47 34.71
N ARG A 199 31.04 -3.89 34.34
CA ARG A 199 29.74 -4.47 34.66
C ARG A 199 28.93 -4.79 33.40
N LYS A 200 29.15 -4.06 32.30
CA LYS A 200 28.43 -4.31 31.05
C LYS A 200 29.39 -4.39 29.87
N LEU A 201 29.68 -5.62 29.42
CA LEU A 201 30.58 -5.83 28.28
C LEU A 201 29.78 -6.19 27.03
N PHE A 202 29.88 -5.36 25.98
CA PHE A 202 29.15 -5.57 24.72
C PHE A 202 30.08 -5.97 23.57
N LEU A 203 29.96 -7.22 23.09
CA LEU A 203 30.77 -7.70 21.99
C LEU A 203 29.90 -8.31 20.87
N SER A 204 28.84 -7.61 20.47
CA SER A 204 27.94 -8.11 19.43
C SER A 204 28.52 -7.93 18.05
N ASN A 205 28.34 -8.92 17.15
CA ASN A 205 28.85 -8.90 15.77
C ASN A 205 30.32 -8.50 15.68
N THR A 206 31.14 -9.12 16.52
CA THR A 206 32.56 -8.84 16.57
C THR A 206 33.46 -9.92 15.97
N GLN A 207 32.88 -10.87 15.21
CA GLN A 207 33.59 -11.97 14.58
C GLN A 207 34.43 -12.80 15.55
N ILE A 208 33.97 -12.94 16.79
CA ILE A 208 34.68 -13.74 17.79
C ILE A 208 34.12 -15.16 17.70
N LYS A 209 34.88 -16.05 17.05
CA LYS A 209 34.42 -17.42 16.86
C LYS A 209 34.78 -18.36 18.01
N TYR A 210 35.72 -17.97 18.88
CA TYR A 210 36.12 -18.82 20.01
C TYR A 210 36.17 -18.05 21.32
N ILE A 211 35.54 -18.61 22.36
CA ILE A 211 35.52 -18.02 23.69
C ILE A 211 36.26 -18.98 24.63
N SER A 212 37.27 -18.49 25.35
CA SER A 212 38.05 -19.33 26.25
C SER A 212 37.78 -19.05 27.75
N GLU A 213 38.32 -19.91 28.63
CA GLU A 213 38.19 -19.80 30.08
C GLU A 213 38.84 -18.50 30.59
N GLU A 214 40.00 -18.16 30.02
CA GLU A 214 40.76 -16.96 30.42
C GLU A 214 40.19 -15.64 29.91
N ASP A 215 39.21 -15.67 29.00
CA ASP A 215 38.67 -14.45 28.41
C ASP A 215 37.91 -13.54 29.39
N PHE A 216 37.18 -14.12 30.35
CA PHE A 216 36.39 -13.32 31.29
C PHE A 216 36.72 -13.57 32.76
N LYS A 217 37.90 -14.13 33.06
CA LYS A 217 38.28 -14.41 34.44
C LYS A 217 38.56 -13.14 35.26
N GLY A 218 39.02 -12.09 34.60
CA GLY A 218 39.35 -10.84 35.28
C GLY A 218 38.14 -10.03 35.70
N LEU A 219 37.05 -10.08 34.91
CA LEU A 219 35.83 -9.31 35.20
C LEU A 219 34.84 -10.04 36.11
N ILE A 220 35.14 -10.09 37.42
CA ILE A 220 34.27 -10.77 38.40
C ILE A 220 32.97 -10.03 38.70
N ASN A 221 32.87 -8.73 38.36
CA ASN A 221 31.67 -7.96 38.62
C ASN A 221 30.80 -7.75 37.37
N LEU A 222 30.92 -8.62 36.36
CA LEU A 222 30.14 -8.49 35.14
C LEU A 222 28.68 -8.87 35.34
N THR A 223 27.78 -7.91 35.14
CA THR A 223 26.34 -8.14 35.22
C THR A 223 25.71 -8.35 33.83
N LEU A 224 26.42 -7.99 32.74
CA LEU A 224 25.91 -8.18 31.38
C LEU A 224 27.01 -8.65 30.42
N LEU A 225 26.72 -9.66 29.60
CA LEU A 225 27.65 -10.13 28.58
C LEU A 225 26.91 -10.33 27.26
N ASP A 226 27.28 -9.55 26.25
CA ASP A 226 26.64 -9.63 24.94
C ASP A 226 27.57 -10.28 23.92
N LEU A 227 27.31 -11.55 23.58
CA LEU A 227 28.12 -12.25 22.59
C LEU A 227 27.32 -12.57 21.31
N SER A 228 26.22 -11.87 21.07
CA SER A 228 25.34 -12.07 19.92
C SER A 228 26.01 -11.72 18.58
N GLY A 229 25.48 -12.25 17.49
CA GLY A 229 26.01 -11.96 16.16
C GLY A 229 27.32 -12.61 15.80
N ASN A 230 27.93 -13.35 16.74
CA ASN A 230 29.18 -14.05 16.47
C ASN A 230 28.82 -15.44 15.97
N CYS A 231 29.06 -15.70 14.67
CA CYS A 231 28.64 -16.88 13.90
C CYS A 231 27.14 -16.74 13.70
N PRO A 232 26.69 -15.76 12.91
CA PRO A 232 25.25 -15.48 12.83
C PRO A 232 24.41 -16.39 11.96
N ARG A 233 23.13 -16.50 12.34
CA ARG A 233 22.15 -17.23 11.56
C ARG A 233 21.56 -16.15 10.68
N CYS A 234 21.86 -16.20 9.39
CA CYS A 234 21.43 -15.15 8.47
C CYS A 234 19.96 -15.24 8.10
N PHE A 235 19.12 -14.70 8.96
CA PHE A 235 17.69 -14.66 8.75
C PHE A 235 17.18 -13.26 9.04
N ASN A 236 16.76 -12.53 7.99
CA ASN A 236 16.22 -11.18 8.08
C ASN A 236 17.12 -10.24 8.86
N ALA A 237 18.45 -10.38 8.70
CA ALA A 237 19.41 -9.56 9.41
C ALA A 237 19.28 -8.09 9.02
N PRO A 238 19.26 -7.18 10.01
CA PRO A 238 19.13 -5.75 9.68
C PRO A 238 20.43 -5.06 9.26
N PHE A 239 21.53 -5.82 9.19
CA PHE A 239 22.88 -5.39 8.83
C PHE A 239 23.60 -6.54 8.06
N PRO A 240 24.78 -6.32 7.44
CA PRO A 240 25.44 -7.42 6.70
C PRO A 240 25.63 -8.68 7.54
N CYS A 241 25.30 -9.83 6.96
CA CYS A 241 25.39 -11.09 7.68
C CYS A 241 26.26 -12.11 6.95
N VAL A 242 27.30 -12.61 7.61
CA VAL A 242 28.14 -13.65 7.03
C VAL A 242 28.23 -14.84 7.98
N PRO A 243 27.74 -16.02 7.56
CA PRO A 243 27.81 -17.19 8.44
C PRO A 243 29.23 -17.60 8.80
N CYS A 244 29.38 -18.44 9.84
CA CYS A 244 30.70 -18.82 10.33
C CYS A 244 31.40 -19.90 9.51
N ASP A 245 31.16 -19.97 8.20
CA ASP A 245 31.83 -20.90 7.30
C ASP A 245 31.80 -22.36 7.76
N GLY A 246 30.95 -23.16 7.12
CA GLY A 246 30.82 -24.56 7.46
C GLY A 246 29.77 -24.87 8.50
N GLY A 247 28.79 -23.96 8.65
CA GLY A 247 27.70 -24.11 9.60
C GLY A 247 28.13 -24.15 11.06
N ALA A 248 29.32 -23.61 11.35
CA ALA A 248 29.85 -23.61 12.70
C ALA A 248 29.16 -22.57 13.60
N SER A 249 29.16 -22.81 14.90
CA SER A 249 28.57 -21.91 15.90
C SER A 249 29.69 -21.22 16.71
N ILE A 250 29.32 -20.37 17.69
CA ILE A 250 30.31 -19.76 18.57
C ILE A 250 30.88 -20.88 19.47
N ASN A 251 32.20 -20.96 19.58
CA ASN A 251 32.81 -22.02 20.38
C ASN A 251 33.08 -21.55 21.80
N ILE A 252 32.06 -21.63 22.67
CA ILE A 252 32.22 -21.22 24.06
C ILE A 252 32.82 -22.37 24.86
N ASP A 253 33.93 -22.12 25.56
CA ASP A 253 34.59 -23.15 26.38
C ASP A 253 33.70 -23.55 27.57
N ARG A 254 33.89 -24.78 28.08
CA ARG A 254 33.12 -25.29 29.21
C ARG A 254 33.21 -24.37 30.44
N PHE A 255 34.43 -23.93 30.78
CA PHE A 255 34.64 -23.08 31.95
C PHE A 255 34.86 -21.61 31.59
N ALA A 256 34.24 -21.13 30.49
CA ALA A 256 34.40 -19.74 30.08
C ALA A 256 33.64 -18.79 31.00
N PHE A 257 32.49 -19.23 31.54
CA PHE A 257 31.69 -18.39 32.42
C PHE A 257 31.67 -18.95 33.85
N GLN A 258 32.76 -19.60 34.28
CA GLN A 258 32.81 -20.19 35.63
C GLN A 258 33.06 -19.18 36.75
N ASN A 259 33.50 -17.96 36.43
CA ASN A 259 33.74 -16.95 37.45
C ASN A 259 32.91 -15.68 37.27
N LEU A 260 31.76 -15.78 36.58
CA LEU A 260 30.86 -14.66 36.34
C LEU A 260 29.63 -14.87 37.21
N THR A 261 29.83 -14.95 38.52
CA THR A 261 28.80 -15.19 39.52
C THR A 261 27.70 -14.14 39.55
N GLN A 262 28.03 -12.89 39.19
CA GLN A 262 27.07 -11.80 39.22
C GLN A 262 26.41 -11.52 37.86
N LEU A 263 26.49 -12.46 36.91
CA LEU A 263 25.92 -12.23 35.58
C LEU A 263 24.39 -12.30 35.60
N ARG A 264 23.72 -11.24 35.13
CA ARG A 264 22.27 -11.12 35.09
C ARG A 264 21.75 -11.15 33.65
N TYR A 265 22.49 -10.56 32.71
CA TYR A 265 22.05 -10.51 31.32
C TYR A 265 23.02 -11.23 30.40
N LEU A 266 22.54 -12.25 29.68
CA LEU A 266 23.40 -13.01 28.76
C LEU A 266 22.74 -13.06 27.38
N ASN A 267 23.30 -12.35 26.40
CA ASN A 267 22.75 -12.33 25.05
C ASN A 267 23.58 -13.20 24.10
N LEU A 268 23.03 -14.35 23.72
CA LEU A 268 23.68 -15.27 22.79
C LEU A 268 22.84 -15.46 21.53
N SER A 269 22.20 -14.39 21.06
CA SER A 269 21.36 -14.41 19.88
C SER A 269 22.18 -14.49 18.60
N SER A 270 21.65 -15.10 17.54
CA SER A 270 22.34 -15.23 16.25
C SER A 270 23.78 -15.72 16.39
N THR A 271 23.95 -16.82 17.09
CA THR A 271 25.26 -17.44 17.29
C THR A 271 25.35 -18.86 16.69
N SER A 272 24.31 -19.28 15.93
CA SER A 272 24.18 -20.58 15.27
C SER A 272 24.35 -21.77 16.22
N LEU A 273 24.11 -21.55 17.52
CA LEU A 273 24.25 -22.57 18.54
C LEU A 273 23.31 -23.74 18.34
N ARG A 274 23.83 -24.96 18.48
CA ARG A 274 23.02 -26.16 18.35
C ARG A 274 22.90 -26.92 19.68
N LYS A 275 23.87 -26.75 20.59
CA LYS A 275 23.85 -27.36 21.91
C LYS A 275 24.28 -26.32 22.94
N ILE A 276 23.55 -26.24 24.06
CA ILE A 276 23.86 -25.32 25.14
C ILE A 276 24.46 -26.16 26.26
N ASN A 277 25.66 -25.79 26.74
CA ASN A 277 26.30 -26.54 27.81
C ASN A 277 25.78 -26.03 29.15
N ALA A 278 25.24 -26.94 29.96
CA ALA A 278 24.69 -26.61 31.27
C ALA A 278 25.73 -26.10 32.26
N ALA A 279 27.00 -26.54 32.09
CA ALA A 279 28.12 -26.12 32.94
C ALA A 279 28.42 -24.61 32.87
N TRP A 280 27.92 -23.92 31.85
CA TRP A 280 28.10 -22.48 31.71
C TRP A 280 27.36 -21.74 32.83
N PHE A 281 26.19 -22.24 33.24
CA PHE A 281 25.33 -21.60 34.24
C PHE A 281 25.45 -22.19 35.65
N LYS A 282 26.45 -23.04 35.91
CA LYS A 282 26.61 -23.63 37.24
C LYS A 282 27.06 -22.60 38.29
N ASN A 283 27.75 -21.54 37.86
CA ASN A 283 28.20 -20.49 38.76
C ASN A 283 27.59 -19.17 38.29
N MET A 284 26.29 -19.18 38.00
CA MET A 284 25.55 -18.02 37.54
C MET A 284 24.14 -18.10 38.15
N PRO A 285 24.03 -17.97 39.49
CA PRO A 285 22.72 -18.12 40.13
C PRO A 285 21.78 -16.93 39.96
N HIS A 286 22.29 -15.78 39.52
CA HIS A 286 21.48 -14.59 39.37
C HIS A 286 21.09 -14.27 37.93
N LEU A 287 21.27 -15.22 36.99
CA LEU A 287 20.93 -14.97 35.58
C LEU A 287 19.45 -14.68 35.44
N LYS A 288 19.13 -13.46 35.00
CA LYS A 288 17.77 -12.96 34.88
C LYS A 288 17.24 -12.95 33.44
N VAL A 289 18.05 -12.49 32.49
CA VAL A 289 17.62 -12.43 31.08
C VAL A 289 18.53 -13.27 30.18
N LEU A 290 17.96 -14.28 29.51
CA LEU A 290 18.74 -15.12 28.61
C LEU A 290 18.16 -15.05 27.19
N ASP A 291 18.96 -14.53 26.26
CA ASP A 291 18.53 -14.39 24.89
C ASP A 291 19.16 -15.45 23.99
N LEU A 292 18.35 -16.38 23.47
CA LEU A 292 18.82 -17.45 22.59
C LEU A 292 18.07 -17.45 21.25
N GLU A 293 17.65 -16.29 20.77
CA GLU A 293 16.93 -16.18 19.51
C GLU A 293 17.85 -16.30 18.28
N PHE A 294 17.30 -16.70 17.14
CA PHE A 294 18.03 -16.88 15.88
C PHE A 294 19.12 -17.94 16.00
N ASN A 295 18.76 -19.10 16.55
CA ASN A 295 19.67 -20.23 16.74
C ASN A 295 19.04 -21.53 16.19
N TYR A 296 19.69 -22.69 16.38
CA TYR A 296 19.14 -23.96 15.92
C TYR A 296 18.95 -24.82 17.17
N LEU A 297 18.07 -24.39 18.08
CA LEU A 297 17.87 -25.08 19.34
C LEU A 297 16.52 -25.77 19.47
N VAL A 298 15.98 -26.35 18.38
CA VAL A 298 14.72 -27.11 18.45
C VAL A 298 14.94 -28.37 19.33
N GLY A 299 16.08 -29.03 19.15
CA GLY A 299 16.45 -30.20 19.93
C GLY A 299 16.79 -29.84 21.36
N GLU A 300 17.45 -28.70 21.56
CA GLU A 300 17.80 -28.21 22.89
C GLU A 300 16.58 -27.74 23.68
N ILE A 301 15.50 -27.34 22.99
CA ILE A 301 14.26 -26.96 23.66
C ILE A 301 13.53 -28.23 24.16
N ALA A 302 13.64 -29.35 23.42
CA ALA A 302 13.02 -30.63 23.76
C ALA A 302 13.73 -31.37 24.90
N SER A 303 15.07 -31.31 24.97
CA SER A 303 15.81 -32.01 26.02
C SER A 303 16.07 -31.05 27.22
N GLY A 304 16.56 -29.85 26.90
CA GLY A 304 16.81 -28.77 27.84
C GLY A 304 17.51 -29.04 29.15
N ALA A 305 18.72 -29.61 29.10
CA ALA A 305 19.48 -29.89 30.32
C ALA A 305 19.93 -28.60 31.04
N PHE A 306 20.13 -27.51 30.26
CA PHE A 306 20.53 -26.21 30.78
C PHE A 306 19.41 -25.49 31.55
N LEU A 307 18.13 -25.90 31.36
CA LEU A 307 16.98 -25.28 32.01
C LEU A 307 16.96 -25.47 33.53
N THR A 308 17.58 -26.54 34.03
CA THR A 308 17.66 -26.77 35.46
C THR A 308 18.63 -25.80 36.15
N MET A 309 19.63 -25.29 35.41
CA MET A 309 20.63 -24.36 35.95
C MET A 309 20.14 -22.91 36.04
N LEU A 310 18.85 -22.65 35.72
CA LEU A 310 18.35 -21.27 35.73
C LEU A 310 17.12 -21.12 36.67
N PRO A 311 17.32 -21.20 38.01
CA PRO A 311 16.16 -21.08 38.91
C PRO A 311 15.68 -19.65 39.15
N ARG A 312 16.45 -18.64 38.71
CA ARG A 312 16.03 -17.25 38.88
C ARG A 312 15.85 -16.49 37.56
N LEU A 313 15.82 -17.20 36.42
CA LEU A 313 15.65 -16.60 35.10
C LEU A 313 14.24 -16.06 34.96
N GLU A 314 14.09 -14.79 34.57
CA GLU A 314 12.78 -14.18 34.42
C GLU A 314 12.37 -14.04 32.96
N ILE A 315 13.32 -13.77 32.05
CA ILE A 315 13.00 -13.62 30.63
C ILE A 315 13.77 -14.60 29.77
N LEU A 316 13.05 -15.48 29.06
CA LEU A 316 13.70 -16.44 28.18
C LEU A 316 13.16 -16.30 26.76
N ASP A 317 14.02 -15.86 25.84
CA ASP A 317 13.63 -15.71 24.45
C ASP A 317 14.31 -16.78 23.60
N LEU A 318 13.52 -17.67 23.01
CA LEU A 318 14.01 -18.71 22.12
C LEU A 318 13.36 -18.55 20.73
N SER A 319 13.14 -17.30 20.29
CA SER A 319 12.49 -17.00 19.02
C SER A 319 13.33 -17.29 17.80
N PHE A 320 12.69 -17.55 16.67
CA PHE A 320 13.31 -17.83 15.37
C PHE A 320 14.38 -18.91 15.47
N ASN A 321 14.02 -20.00 16.16
CA ASN A 321 14.88 -21.17 16.30
C ASN A 321 14.38 -22.34 15.43
N TYR A 322 13.52 -22.07 14.44
CA TYR A 322 12.92 -23.05 13.54
C TYR A 322 13.94 -23.76 12.68
N ILE A 323 13.60 -24.97 12.23
CA ILE A 323 14.43 -25.70 11.29
C ILE A 323 13.83 -25.38 9.93
N LYS A 324 14.62 -24.79 9.03
CA LYS A 324 14.13 -24.41 7.70
C LYS A 324 13.57 -25.62 6.94
N GLY A 325 12.30 -25.56 6.59
CA GLY A 325 11.61 -26.64 5.91
C GLY A 325 10.90 -27.62 6.83
N SER A 326 11.03 -27.42 8.15
CA SER A 326 10.41 -28.29 9.15
C SER A 326 9.13 -27.68 9.72
N TYR A 327 8.00 -28.37 9.53
CA TYR A 327 6.70 -27.94 10.03
C TYR A 327 6.16 -29.05 10.94
N PRO A 328 6.65 -29.15 12.18
CA PRO A 328 6.16 -30.23 13.07
C PRO A 328 4.70 -30.11 13.44
N GLN A 329 4.07 -31.22 13.79
CA GLN A 329 2.68 -31.23 14.20
C GLN A 329 2.51 -30.50 15.52
N HIS A 330 3.45 -30.70 16.46
CA HIS A 330 3.37 -30.08 17.79
C HIS A 330 4.70 -29.44 18.23
N ILE A 331 4.69 -28.67 19.33
CA ILE A 331 5.91 -28.09 19.87
C ILE A 331 6.48 -29.00 20.97
N ASN A 332 7.75 -29.40 20.81
CA ASN A 332 8.40 -30.28 21.79
C ASN A 332 9.06 -29.46 22.89
N ILE A 333 8.30 -29.17 23.95
CA ILE A 333 8.77 -28.40 25.10
C ILE A 333 9.26 -29.39 26.16
N SER A 334 10.49 -29.19 26.65
CA SER A 334 11.07 -30.09 27.66
C SER A 334 10.31 -30.04 28.98
N ARG A 335 10.36 -31.15 29.73
CA ARG A 335 9.78 -31.22 31.06
C ARG A 335 10.56 -30.27 32.00
N ASN A 336 11.89 -30.15 31.79
CA ASN A 336 12.78 -29.28 32.56
C ASN A 336 12.38 -27.79 32.54
N PHE A 337 11.44 -27.41 31.66
CA PHE A 337 10.91 -26.04 31.63
C PHE A 337 10.18 -25.71 32.95
N SER A 338 9.69 -26.73 33.68
CA SER A 338 9.03 -26.58 34.97
C SER A 338 9.98 -26.10 36.08
N LYS A 339 11.30 -26.28 35.89
CA LYS A 339 12.29 -25.82 36.86
C LYS A 339 12.60 -24.32 36.76
N LEU A 340 12.02 -23.62 35.77
CA LEU A 340 12.21 -22.17 35.59
C LEU A 340 11.20 -21.41 36.47
N LEU A 341 11.24 -21.67 37.77
CA LEU A 341 10.34 -21.12 38.79
C LEU A 341 10.18 -19.60 38.73
N SER A 342 11.25 -18.85 38.46
CA SER A 342 11.17 -17.39 38.40
C SER A 342 10.75 -16.81 37.05
N LEU A 343 10.44 -17.66 36.06
CA LEU A 343 10.07 -17.19 34.72
C LEU A 343 8.83 -16.30 34.73
N ARG A 344 8.93 -15.15 34.05
CA ARG A 344 7.84 -14.17 33.91
C ARG A 344 7.40 -14.00 32.46
N ALA A 345 8.31 -14.24 31.50
CA ALA A 345 8.00 -14.09 30.08
C ALA A 345 8.76 -15.09 29.23
N LEU A 346 8.05 -15.81 28.36
CA LEU A 346 8.63 -16.78 27.44
C LEU A 346 8.31 -16.39 26.00
N HIS A 347 9.35 -16.04 25.22
CA HIS A 347 9.16 -15.65 23.83
C HIS A 347 9.51 -16.80 22.90
N LEU A 348 8.48 -17.44 22.33
CA LEU A 348 8.66 -18.58 21.45
C LEU A 348 8.14 -18.33 20.02
N ARG A 349 8.55 -17.22 19.42
CA ARG A 349 8.19 -16.92 18.04
C ARG A 349 9.05 -17.75 17.07
N GLY A 350 8.69 -17.79 15.80
CA GLY A 350 9.47 -18.48 14.79
C GLY A 350 9.94 -19.89 15.08
N TYR A 351 9.13 -20.67 15.82
CA TYR A 351 9.42 -22.09 16.04
C TYR A 351 8.79 -22.86 14.86
N VAL A 352 7.58 -22.45 14.44
CA VAL A 352 6.80 -22.99 13.33
C VAL A 352 6.29 -24.39 13.64
N PHE A 353 5.02 -24.48 14.08
CA PHE A 353 4.36 -25.74 14.38
C PHE A 353 2.87 -25.67 14.04
N GLN A 354 2.27 -26.80 13.66
CA GLN A 354 0.88 -26.82 13.22
C GLN A 354 -0.19 -26.81 14.29
N GLU A 355 0.11 -27.33 15.49
CA GLU A 355 -0.92 -27.43 16.52
C GLU A 355 -0.40 -27.30 17.95
N LEU A 356 -1.09 -26.51 18.76
CA LEU A 356 -0.74 -26.37 20.17
C LEU A 356 -1.80 -27.09 21.00
N ARG A 357 -1.44 -28.23 21.61
CA ARG A 357 -2.36 -29.00 22.44
C ARG A 357 -2.16 -28.71 23.92
N GLU A 358 -3.16 -29.04 24.76
CA GLU A 358 -3.09 -28.80 26.20
C GLU A 358 -1.86 -29.48 26.83
N ASP A 359 -1.58 -30.72 26.42
CA ASP A 359 -0.46 -31.50 26.93
C ASP A 359 0.92 -30.92 26.54
N ASP A 360 1.00 -30.22 25.40
CA ASP A 360 2.26 -29.63 24.92
C ASP A 360 2.81 -28.55 25.85
N PHE A 361 1.93 -27.84 26.56
CA PHE A 361 2.35 -26.79 27.48
C PHE A 361 2.20 -27.18 28.95
N GLN A 362 2.27 -28.48 29.25
CA GLN A 362 2.18 -28.98 30.62
C GLN A 362 3.34 -28.50 31.53
N PRO A 363 4.62 -28.47 31.07
CA PRO A 363 5.69 -28.02 31.97
C PRO A 363 5.72 -26.52 32.27
N LEU A 364 4.74 -25.75 31.81
CA LEU A 364 4.71 -24.31 32.05
C LEU A 364 3.57 -23.84 32.96
N MET A 365 2.56 -24.68 33.17
CA MET A 365 1.39 -24.30 33.96
C MET A 365 1.64 -24.12 35.46
N GLN A 366 2.61 -24.85 36.02
CA GLN A 366 2.91 -24.74 37.46
C GLN A 366 3.79 -23.54 37.82
N LEU A 367 4.39 -22.85 36.83
CA LEU A 367 5.24 -21.67 37.06
C LEU A 367 4.37 -20.54 37.63
N PRO A 368 4.76 -19.95 38.77
CA PRO A 368 3.88 -18.95 39.40
C PRO A 368 3.91 -17.55 38.79
N ASN A 369 5.09 -17.04 38.42
CA ASN A 369 5.20 -15.68 37.90
C ASN A 369 5.10 -15.56 36.38
N LEU A 370 4.86 -16.67 35.65
CA LEU A 370 4.77 -16.60 34.18
C LEU A 370 3.50 -15.87 33.73
N SER A 371 3.66 -14.63 33.26
CA SER A 371 2.56 -13.80 32.83
C SER A 371 2.57 -13.43 31.33
N THR A 372 3.55 -13.93 30.57
CA THR A 372 3.63 -13.62 29.14
C THR A 372 4.05 -14.81 28.30
N ILE A 373 3.22 -15.16 27.31
CA ILE A 373 3.53 -16.24 26.37
C ILE A 373 3.51 -15.67 24.97
N ASN A 374 4.67 -15.59 24.34
CA ASN A 374 4.79 -15.05 23.00
C ASN A 374 4.83 -16.20 22.00
N LEU A 375 3.87 -16.27 21.09
CA LEU A 375 3.80 -17.34 20.10
C LEU A 375 3.53 -16.81 18.68
N GLY A 376 3.98 -15.59 18.38
CA GLY A 376 3.78 -15.01 17.06
C GLY A 376 4.61 -15.67 15.98
N ILE A 377 4.22 -15.50 14.70
CA ILE A 377 4.89 -16.06 13.52
C ILE A 377 5.19 -17.56 13.68
N ASN A 378 4.19 -18.34 14.07
CA ASN A 378 4.33 -19.78 14.25
C ASN A 378 3.53 -20.60 13.24
N PHE A 379 2.61 -19.95 12.49
CA PHE A 379 1.76 -20.57 11.47
C PHE A 379 0.95 -21.71 12.06
N ILE A 380 0.44 -21.53 13.28
CA ILE A 380 -0.34 -22.58 13.95
C ILE A 380 -1.71 -22.71 13.30
N LYS A 381 -2.02 -23.87 12.74
CA LYS A 381 -3.31 -24.09 12.10
C LYS A 381 -4.42 -24.04 13.14
N GLN A 382 -4.19 -24.59 14.35
CA GLN A 382 -5.18 -24.53 15.42
C GLN A 382 -4.61 -24.74 16.82
N ILE A 383 -5.08 -23.92 17.76
CA ILE A 383 -4.68 -23.95 19.16
C ILE A 383 -5.85 -24.39 20.02
N ASP A 384 -5.59 -25.32 20.95
CA ASP A 384 -6.61 -25.77 21.89
C ASP A 384 -6.64 -24.70 22.98
N PHE A 385 -7.56 -23.74 22.90
CA PHE A 385 -7.65 -22.63 23.84
C PHE A 385 -7.98 -23.00 25.30
N LYS A 386 -8.21 -24.29 25.58
CA LYS A 386 -8.51 -24.73 26.94
C LYS A 386 -7.28 -24.73 27.87
N LEU A 387 -6.07 -24.72 27.30
CA LEU A 387 -4.85 -24.76 28.10
C LEU A 387 -4.55 -23.44 28.82
N PHE A 388 -5.04 -22.32 28.28
CA PHE A 388 -4.79 -21.02 28.89
C PHE A 388 -5.51 -20.81 30.23
N GLN A 389 -6.51 -21.65 30.54
CA GLN A 389 -7.20 -21.59 31.83
C GLN A 389 -6.32 -22.16 32.95
N ASN A 390 -5.44 -23.10 32.63
CA ASN A 390 -4.54 -23.75 33.57
C ASN A 390 -3.43 -22.83 34.06
N PHE A 391 -2.99 -21.89 33.22
CA PHE A 391 -1.93 -20.95 33.60
C PHE A 391 -2.46 -20.02 34.67
N SER A 392 -1.98 -20.19 35.90
CA SER A 392 -2.42 -19.43 37.05
C SER A 392 -2.33 -17.90 36.90
N ASN A 393 -1.17 -17.36 36.48
CA ASN A 393 -1.02 -15.90 36.42
C ASN A 393 -0.70 -15.32 35.03
N LEU A 394 -1.35 -15.83 33.98
CA LEU A 394 -1.14 -15.27 32.64
C LEU A 394 -1.78 -13.90 32.52
N GLU A 395 -1.15 -13.01 31.75
CA GLU A 395 -1.64 -11.66 31.51
C GLU A 395 -1.56 -11.29 30.04
N ILE A 396 -0.58 -11.87 29.30
CA ILE A 396 -0.39 -11.59 27.87
C ILE A 396 -0.29 -12.90 27.08
N ILE A 397 -1.21 -13.11 26.14
CA ILE A 397 -1.21 -14.29 25.28
C ILE A 397 -1.10 -13.76 23.86
N TYR A 398 0.13 -13.69 23.34
CA TYR A 398 0.39 -13.15 22.01
C TYR A 398 0.39 -14.24 20.96
N LEU A 399 -0.71 -14.38 20.21
CA LEU A 399 -0.79 -15.39 19.16
C LEU A 399 -0.86 -14.80 17.75
N SER A 400 -0.51 -13.52 17.58
CA SER A 400 -0.55 -12.85 16.28
C SER A 400 0.26 -13.55 15.19
N GLU A 401 -0.15 -13.36 13.92
CA GLU A 401 0.49 -13.93 12.75
C GLU A 401 0.58 -15.46 12.77
N ASN A 402 -0.55 -16.11 12.96
CA ASN A 402 -0.70 -17.56 12.93
C ASN A 402 -1.80 -17.94 11.90
N ARG A 403 -2.17 -19.23 11.77
CA ARG A 403 -3.19 -19.62 10.79
C ARG A 403 -4.48 -20.15 11.45
N ILE A 404 -4.90 -19.53 12.57
CA ILE A 404 -6.12 -19.92 13.29
C ILE A 404 -7.36 -19.61 12.43
N SER A 405 -8.27 -20.58 12.31
CA SER A 405 -9.46 -20.48 11.48
C SER A 405 -10.78 -20.36 12.30
N PRO A 406 -11.92 -19.94 11.70
CA PRO A 406 -13.18 -19.87 12.45
C PRO A 406 -13.59 -21.17 13.16
N LEU A 407 -14.19 -21.02 14.37
CA LEU A 407 -14.65 -22.07 15.29
C LEU A 407 -13.48 -22.92 15.84
N ASP A 436 19.30 2.66 13.69
CA ASP A 436 19.55 3.02 15.08
C ASP A 436 20.52 2.05 15.74
N PRO A 437 21.75 2.51 16.02
CA PRO A 437 22.74 1.62 16.66
C PRO A 437 22.53 1.40 18.16
N HIS A 438 21.63 2.16 18.79
CA HIS A 438 21.37 2.03 20.22
C HIS A 438 20.08 1.24 20.46
N SER A 439 19.85 0.20 19.64
CA SER A 439 18.65 -0.63 19.74
C SER A 439 18.98 -2.09 19.96
N ASN A 440 18.03 -2.86 20.50
CA ASN A 440 18.20 -4.29 20.68
C ASN A 440 17.83 -4.88 19.32
N PHE A 441 18.84 -5.18 18.50
CA PHE A 441 18.66 -5.68 17.14
C PHE A 441 18.10 -7.09 17.04
N TYR A 442 18.02 -7.83 18.15
CA TYR A 442 17.53 -9.22 18.11
C TYR A 442 16.28 -9.48 18.92
N HIS A 443 15.94 -8.61 19.87
CA HIS A 443 14.79 -8.82 20.72
C HIS A 443 13.69 -7.80 20.48
N PHE A 444 12.44 -8.26 20.48
CA PHE A 444 11.27 -7.41 20.31
C PHE A 444 11.01 -6.71 21.64
N THR A 445 11.44 -5.44 21.76
CA THR A 445 11.32 -4.67 23.00
C THR A 445 10.01 -3.90 23.12
N ARG A 446 9.37 -3.56 22.00
CA ARG A 446 8.09 -2.85 22.01
C ARG A 446 7.01 -3.76 22.63
N PRO A 447 6.07 -3.22 23.41
CA PRO A 447 5.05 -4.07 24.03
C PRO A 447 4.25 -4.86 23.00
N LEU A 448 4.06 -6.18 23.25
CA LEU A 448 3.34 -7.08 22.35
C LEU A 448 1.92 -6.57 22.08
N ILE A 449 1.21 -6.23 23.16
CA ILE A 449 -0.13 -5.68 23.10
C ILE A 449 -0.06 -4.26 23.62
N LYS A 450 -0.79 -3.32 22.98
CA LYS A 450 -0.79 -1.91 23.37
C LYS A 450 -1.05 -1.72 24.85
N PRO A 451 -0.18 -0.97 25.54
CA PRO A 451 -0.34 -0.79 27.01
C PRO A 451 -1.74 -0.42 27.47
N GLN A 452 -2.44 0.45 26.72
CA GLN A 452 -3.81 0.89 27.01
C GLN A 452 -4.75 -0.31 27.09
N CYS A 453 -4.56 -1.30 26.20
CA CYS A 453 -5.35 -2.51 26.14
C CYS A 453 -5.01 -3.46 27.29
N ALA A 454 -3.72 -3.85 27.40
CA ALA A 454 -3.24 -4.78 28.41
C ALA A 454 -3.49 -4.32 29.85
N ALA A 455 -3.62 -2.98 30.06
CA ALA A 455 -3.88 -2.40 31.38
C ALA A 455 -5.22 -2.87 31.98
N TYR A 456 -6.19 -3.25 31.12
CA TYR A 456 -7.49 -3.72 31.58
C TYR A 456 -7.49 -5.13 32.17
N GLY A 457 -6.44 -5.90 31.92
CA GLY A 457 -6.32 -7.25 32.46
C GLY A 457 -5.75 -8.26 31.48
N LYS A 458 -6.41 -9.42 31.38
CA LYS A 458 -6.03 -10.51 30.48
C LYS A 458 -6.03 -10.01 29.04
N ALA A 459 -4.94 -10.22 28.32
CA ALA A 459 -4.84 -9.76 26.95
C ALA A 459 -4.57 -10.92 26.00
N LEU A 460 -5.37 -11.02 24.93
CA LEU A 460 -5.21 -12.09 23.94
C LEU A 460 -5.12 -11.43 22.58
N ASP A 461 -4.02 -11.68 21.86
CA ASP A 461 -3.83 -11.09 20.54
C ASP A 461 -3.96 -12.17 19.47
N LEU A 462 -5.10 -12.16 18.77
CA LEU A 462 -5.35 -13.08 17.66
C LEU A 462 -5.32 -12.32 16.32
N SER A 463 -4.54 -11.23 16.22
CA SER A 463 -4.46 -10.45 15.00
C SER A 463 -3.64 -11.14 13.91
N LEU A 464 -3.93 -10.82 12.65
CA LEU A 464 -3.22 -11.35 11.50
C LEU A 464 -3.29 -12.86 11.38
N ASN A 465 -4.42 -13.43 11.82
CA ASN A 465 -4.68 -14.87 11.72
C ASN A 465 -5.68 -15.11 10.55
N SER A 466 -6.15 -16.35 10.34
CA SER A 466 -7.08 -16.64 9.23
C SER A 466 -8.54 -16.66 9.66
N ILE A 467 -8.90 -15.84 10.66
CA ILE A 467 -10.25 -15.78 11.20
C ILE A 467 -11.15 -14.92 10.30
N PHE A 468 -11.59 -15.46 9.15
CA PHE A 468 -12.42 -14.70 8.22
C PHE A 468 -13.87 -14.47 8.72
N PHE A 469 -14.28 -15.10 9.82
CA PHE A 469 -15.55 -14.88 10.49
C PHE A 469 -15.50 -15.40 11.93
N ILE A 470 -16.32 -14.85 12.82
CA ILE A 470 -16.32 -15.29 14.22
C ILE A 470 -17.18 -16.54 14.39
N GLY A 471 -16.52 -17.69 14.53
CA GLY A 471 -17.21 -18.95 14.72
C GLY A 471 -17.93 -19.05 16.05
N PRO A 472 -18.84 -20.01 16.18
CA PRO A 472 -19.57 -20.15 17.45
C PRO A 472 -18.65 -20.59 18.59
N ASN A 473 -17.66 -21.44 18.31
CA ASN A 473 -16.72 -21.89 19.32
C ASN A 473 -15.39 -21.14 19.20
N GLN A 474 -15.44 -19.86 18.81
CA GLN A 474 -14.26 -19.05 18.61
C GLN A 474 -13.56 -18.72 19.91
N PHE A 475 -14.34 -18.43 20.96
CA PHE A 475 -13.78 -18.03 22.24
C PHE A 475 -14.17 -18.94 23.40
N GLU A 476 -14.73 -20.13 23.12
CA GLU A 476 -15.12 -21.04 24.20
C GLU A 476 -13.89 -21.59 24.92
N ASN A 477 -14.01 -21.77 26.23
CA ASN A 477 -12.97 -22.30 27.13
C ASN A 477 -11.77 -21.37 27.29
N LEU A 478 -11.98 -20.06 27.10
CA LEU A 478 -10.94 -19.05 27.25
C LEU A 478 -10.99 -18.45 28.65
N PRO A 479 -9.87 -17.94 29.19
CA PRO A 479 -9.94 -17.26 30.49
C PRO A 479 -10.79 -15.98 30.45
N ASP A 480 -10.90 -15.24 31.56
CA ASP A 480 -11.68 -14.00 31.58
C ASP A 480 -10.89 -12.89 30.88
N ILE A 481 -10.93 -12.90 29.53
CA ILE A 481 -10.23 -11.97 28.64
C ILE A 481 -10.84 -10.58 28.73
N ALA A 482 -10.01 -9.58 29.00
CA ALA A 482 -10.44 -8.18 29.09
C ALA A 482 -9.84 -7.28 28.00
N CYS A 483 -8.95 -7.82 27.16
CA CYS A 483 -8.31 -7.09 26.08
C CYS A 483 -8.20 -8.08 24.93
N LEU A 484 -8.84 -7.77 23.80
CA LEU A 484 -8.82 -8.68 22.66
C LEU A 484 -8.43 -7.98 21.39
N ASN A 485 -7.51 -8.59 20.64
CA ASN A 485 -7.08 -8.03 19.37
C ASN A 485 -7.46 -8.98 18.26
N LEU A 486 -8.27 -8.51 17.33
CA LEU A 486 -8.70 -9.29 16.16
C LEU A 486 -8.40 -8.52 14.88
N SER A 487 -7.31 -7.73 14.86
CA SER A 487 -6.93 -6.89 13.73
C SER A 487 -6.46 -7.69 12.52
N ALA A 488 -6.65 -7.11 11.32
CA ALA A 488 -6.22 -7.69 10.04
C ALA A 488 -6.55 -9.17 9.86
N ASN A 489 -7.77 -9.56 10.26
CA ASN A 489 -8.22 -10.94 10.10
C ASN A 489 -9.12 -11.14 8.90
N SER A 490 -9.47 -10.06 8.16
CA SER A 490 -10.44 -10.04 7.05
C SER A 490 -11.76 -10.65 7.50
N ASN A 491 -12.14 -10.37 8.75
CA ASN A 491 -13.30 -10.91 9.41
C ASN A 491 -14.56 -10.24 8.92
N ALA A 492 -15.39 -10.97 8.17
CA ALA A 492 -16.62 -10.44 7.62
C ALA A 492 -17.83 -10.90 8.44
N GLN A 493 -17.69 -10.93 9.76
CA GLN A 493 -18.77 -11.36 10.64
C GLN A 493 -19.87 -10.33 10.65
N VAL A 494 -21.12 -10.81 10.59
CA VAL A 494 -22.28 -9.94 10.71
C VAL A 494 -22.58 -10.02 12.20
N LEU A 495 -22.17 -9.00 12.95
CA LEU A 495 -22.33 -8.97 14.41
C LEU A 495 -23.80 -8.83 14.80
N SER A 496 -24.26 -9.68 15.74
CA SER A 496 -25.66 -9.72 16.15
C SER A 496 -25.87 -9.61 17.67
N GLY A 497 -24.85 -9.91 18.46
CA GLY A 497 -24.96 -9.81 19.90
C GLY A 497 -24.74 -11.11 20.66
N THR A 498 -24.16 -12.12 19.99
CA THR A 498 -23.88 -13.41 20.63
C THR A 498 -22.47 -13.95 20.34
N GLU A 499 -21.69 -13.27 19.50
CA GLU A 499 -20.34 -13.72 19.09
C GLU A 499 -19.33 -13.74 20.23
N PHE A 500 -19.38 -12.74 21.11
CA PHE A 500 -18.46 -12.59 22.23
C PHE A 500 -19.12 -12.94 23.57
N SER A 501 -20.04 -13.92 23.58
CA SER A 501 -20.73 -14.31 24.80
C SER A 501 -19.84 -15.10 25.75
N ALA A 502 -18.83 -15.81 25.23
CA ALA A 502 -17.90 -16.59 26.06
C ALA A 502 -16.89 -15.73 26.82
N ILE A 503 -16.64 -14.50 26.37
CA ILE A 503 -15.73 -13.58 27.02
C ILE A 503 -16.43 -12.23 27.11
N PRO A 504 -17.45 -12.10 27.97
CA PRO A 504 -18.23 -10.85 27.99
C PRO A 504 -17.61 -9.68 28.75
N HIS A 505 -16.43 -9.87 29.36
CA HIS A 505 -15.79 -8.79 30.10
C HIS A 505 -14.67 -8.12 29.35
N VAL A 506 -14.78 -8.06 28.01
CA VAL A 506 -13.77 -7.39 27.20
C VAL A 506 -13.94 -5.88 27.37
N LYS A 507 -12.90 -5.20 27.86
CA LYS A 507 -12.96 -3.77 28.08
C LYS A 507 -12.31 -2.97 26.94
N TYR A 508 -11.31 -3.55 26.27
CA TYR A 508 -10.66 -2.91 25.13
C TYR A 508 -10.73 -3.90 23.96
N LEU A 509 -11.44 -3.54 22.89
CA LEU A 509 -11.60 -4.43 21.75
C LEU A 509 -11.04 -3.85 20.45
N ASP A 510 -10.11 -4.56 19.84
CA ASP A 510 -9.49 -4.11 18.60
C ASP A 510 -10.04 -4.91 17.43
N LEU A 511 -10.88 -4.27 16.61
CA LEU A 511 -11.45 -4.91 15.43
C LEU A 511 -11.02 -4.20 14.14
N THR A 512 -9.82 -3.59 14.14
CA THR A 512 -9.31 -2.84 13.00
C THR A 512 -8.94 -3.71 11.81
N ASN A 513 -8.94 -3.12 10.61
CA ASN A 513 -8.57 -3.76 9.35
C ASN A 513 -9.38 -5.03 9.08
N ASN A 514 -10.70 -4.92 9.15
CA ASN A 514 -11.60 -6.03 8.91
C ASN A 514 -12.77 -5.61 8.00
N ARG A 515 -13.68 -6.55 7.68
CA ARG A 515 -14.83 -6.26 6.85
C ARG A 515 -16.10 -6.57 7.65
N LEU A 516 -16.14 -6.11 8.92
CA LEU A 516 -17.24 -6.37 9.84
C LEU A 516 -18.55 -5.65 9.50
N ASP A 517 -19.67 -6.22 9.94
CA ASP A 517 -21.00 -5.69 9.69
C ASP A 517 -21.62 -5.44 11.04
N PHE A 518 -21.69 -4.17 11.43
CA PHE A 518 -22.28 -3.79 12.71
C PHE A 518 -23.57 -2.99 12.55
N ASP A 519 -24.34 -3.26 11.48
CA ASP A 519 -25.60 -2.56 11.23
C ASP A 519 -26.72 -3.01 12.15
N ASN A 520 -26.65 -4.25 12.69
CA ASN A 520 -27.67 -4.75 13.61
C ASN A 520 -27.61 -3.92 14.88
N ALA A 521 -28.77 -3.47 15.37
CA ALA A 521 -28.84 -2.63 16.56
C ALA A 521 -28.25 -3.27 17.82
N SER A 522 -28.13 -4.61 17.85
CA SER A 522 -27.57 -5.29 19.01
C SER A 522 -26.14 -5.80 18.78
N ALA A 523 -25.42 -5.25 17.80
CA ALA A 523 -24.05 -5.68 17.52
C ALA A 523 -23.11 -5.30 18.67
N LEU A 524 -22.27 -6.25 19.12
CA LEU A 524 -21.28 -6.09 20.19
C LEU A 524 -21.85 -5.80 21.59
N THR A 525 -23.19 -5.66 21.71
CA THR A 525 -23.83 -5.34 22.99
C THR A 525 -23.68 -6.41 24.08
N GLU A 526 -23.19 -7.60 23.73
CA GLU A 526 -22.94 -8.66 24.72
C GLU A 526 -21.75 -8.31 25.64
N LEU A 527 -20.89 -7.36 25.23
CA LEU A 527 -19.75 -6.89 26.01
C LEU A 527 -20.22 -5.69 26.81
N SER A 528 -20.96 -5.94 27.90
CA SER A 528 -21.53 -4.90 28.76
C SER A 528 -20.52 -3.90 29.30
N ASP A 529 -19.32 -4.37 29.68
CA ASP A 529 -18.28 -3.54 30.26
C ASP A 529 -17.30 -2.95 29.24
N LEU A 530 -17.66 -2.95 27.94
CA LEU A 530 -16.79 -2.42 26.89
C LEU A 530 -16.51 -0.94 27.09
N GLU A 531 -15.23 -0.52 27.03
CA GLU A 531 -14.84 0.88 27.21
C GLU A 531 -14.16 1.45 25.98
N VAL A 532 -13.38 0.65 25.26
CA VAL A 532 -12.68 1.13 24.07
C VAL A 532 -12.99 0.23 22.88
N LEU A 533 -13.50 0.81 21.78
CA LEU A 533 -13.80 0.05 20.58
C LEU A 533 -13.04 0.65 19.41
N ASP A 534 -12.25 -0.18 18.72
CA ASP A 534 -11.44 0.25 17.60
C ASP A 534 -11.92 -0.39 16.30
N LEU A 535 -12.58 0.38 15.43
CA LEU A 535 -13.07 -0.15 14.15
C LEU A 535 -12.39 0.53 12.95
N SER A 536 -11.17 1.05 13.12
CA SER A 536 -10.41 1.73 12.08
C SER A 536 -10.20 0.86 10.84
N TYR A 537 -10.28 1.47 9.66
CA TYR A 537 -10.08 0.81 8.37
C TYR A 537 -11.02 -0.36 8.14
N ASN A 538 -12.31 -0.18 8.43
CA ASN A 538 -13.30 -1.25 8.24
C ASN A 538 -14.04 -1.06 6.93
N SER A 539 -13.75 -1.89 5.92
CA SER A 539 -14.42 -1.81 4.63
C SER A 539 -15.62 -2.74 4.64
N HIS A 540 -16.85 -2.18 4.73
CA HIS A 540 -18.10 -2.95 4.75
C HIS A 540 -18.18 -3.95 3.59
N TYR A 541 -18.78 -5.10 3.83
CA TYR A 541 -18.88 -6.17 2.85
C TYR A 541 -20.32 -6.52 2.46
N PHE A 542 -21.33 -6.03 3.21
CA PHE A 542 -22.73 -6.35 2.92
C PHE A 542 -23.57 -5.08 2.99
N ARG A 543 -23.04 -3.98 2.40
CA ARG A 543 -23.68 -2.67 2.39
C ARG A 543 -25.09 -2.67 1.80
N ILE A 544 -26.10 -2.45 2.65
CA ILE A 544 -27.51 -2.41 2.22
C ILE A 544 -27.92 -0.95 2.06
N ALA A 545 -28.41 -0.60 0.85
CA ALA A 545 -28.81 0.76 0.45
C ALA A 545 -29.54 1.58 1.52
N GLY A 546 -30.62 1.07 2.10
CA GLY A 546 -31.37 1.80 3.12
C GLY A 546 -31.04 1.40 4.55
N VAL A 547 -29.85 0.80 4.79
CA VAL A 547 -29.49 0.36 6.12
C VAL A 547 -28.05 0.79 6.51
N THR A 548 -27.02 0.35 5.76
CA THR A 548 -25.62 0.69 6.05
C THR A 548 -25.37 2.18 5.81
N HIS A 549 -24.76 2.91 6.76
CA HIS A 549 -24.32 2.41 8.07
C HIS A 549 -25.40 2.67 9.13
N HIS A 550 -25.55 1.76 10.09
CA HIS A 550 -26.53 1.91 11.17
C HIS A 550 -25.76 1.83 12.48
N LEU A 551 -25.44 2.99 13.06
CA LEU A 551 -24.65 3.05 14.29
C LEU A 551 -25.48 3.10 15.57
N GLU A 552 -26.67 2.49 15.58
CA GLU A 552 -27.53 2.51 16.76
C GLU A 552 -27.12 1.51 17.86
N PHE A 553 -26.10 0.67 17.61
CA PHE A 553 -25.60 -0.29 18.59
C PHE A 553 -24.87 0.39 19.77
N ILE A 554 -24.30 1.58 19.52
CA ILE A 554 -23.55 2.40 20.47
C ILE A 554 -24.39 2.84 21.68
N GLN A 555 -25.69 3.09 21.46
CA GLN A 555 -26.61 3.52 22.52
C GLN A 555 -26.82 2.46 23.61
N ASN A 556 -26.58 1.18 23.30
CA ASN A 556 -26.77 0.11 24.30
C ASN A 556 -25.50 -0.18 25.11
N PHE A 557 -24.61 0.82 25.26
CA PHE A 557 -23.39 0.67 26.06
C PHE A 557 -23.39 1.68 27.19
N THR A 558 -23.42 1.21 28.44
CA THR A 558 -23.44 2.11 29.59
C THR A 558 -22.07 2.63 30.01
N ASN A 559 -20.97 2.07 29.46
CA ASN A 559 -19.64 2.49 29.85
C ASN A 559 -18.64 2.61 28.70
N LEU A 560 -19.13 2.74 27.46
CA LEU A 560 -18.23 2.88 26.32
C LEU A 560 -17.69 4.30 26.31
N LYS A 561 -16.37 4.46 26.50
CA LYS A 561 -15.72 5.76 26.56
C LYS A 561 -15.08 6.18 25.23
N VAL A 562 -14.32 5.28 24.61
CA VAL A 562 -13.60 5.61 23.37
C VAL A 562 -14.12 4.78 22.18
N LEU A 563 -14.42 5.45 21.06
CA LEU A 563 -14.86 4.77 19.84
C LEU A 563 -14.10 5.36 18.67
N ASN A 564 -13.46 4.49 17.89
CA ASN A 564 -12.70 4.93 16.73
C ASN A 564 -13.37 4.38 15.47
N LEU A 565 -14.11 5.22 14.77
CA LEU A 565 -14.76 4.81 13.51
C LEU A 565 -13.99 5.37 12.31
N SER A 566 -12.65 5.50 12.42
CA SER A 566 -11.87 6.06 11.35
C SER A 566 -11.77 5.20 10.12
N HIS A 567 -11.65 5.84 8.96
CA HIS A 567 -11.52 5.22 7.64
C HIS A 567 -12.52 4.11 7.37
N ASN A 568 -13.75 4.26 7.85
CA ASN A 568 -14.81 3.28 7.59
C ASN A 568 -15.61 3.61 6.33
N ASN A 569 -15.28 4.70 5.61
CA ASN A 569 -15.98 5.16 4.41
C ASN A 569 -17.45 5.40 4.73
N ILE A 570 -17.72 6.08 5.85
CA ILE A 570 -19.08 6.36 6.24
C ILE A 570 -19.60 7.57 5.51
N TYR A 571 -20.35 7.34 4.44
CA TYR A 571 -20.96 8.44 3.66
C TYR A 571 -22.49 8.45 3.75
N THR A 572 -23.10 7.48 4.47
CA THR A 572 -24.55 7.36 4.63
C THR A 572 -24.91 6.72 5.96
N LEU A 573 -25.88 7.29 6.65
CA LEU A 573 -26.39 6.76 7.91
C LEU A 573 -27.91 6.57 7.80
N THR A 574 -28.50 5.69 8.63
CA THR A 574 -29.94 5.41 8.54
C THR A 574 -30.67 5.46 9.89
N LEU A 579 -26.36 9.63 16.20
CA LEU A 579 -25.74 8.78 17.21
C LEU A 579 -26.12 9.28 18.60
N GLU A 580 -26.37 8.36 19.55
CA GLU A 580 -26.73 8.76 20.91
C GLU A 580 -25.95 7.93 21.95
N SER A 581 -25.29 8.60 22.92
CA SER A 581 -24.54 7.89 23.96
C SER A 581 -24.41 8.74 25.22
N LYS A 582 -24.64 8.12 26.39
CA LYS A 582 -24.53 8.83 27.65
C LYS A 582 -23.13 8.73 28.30
N SER A 583 -22.28 7.80 27.83
CA SER A 583 -20.96 7.62 28.43
C SER A 583 -19.79 7.92 27.50
N LEU A 584 -20.02 8.05 26.18
CA LEU A 584 -18.93 8.31 25.24
C LEU A 584 -18.22 9.60 25.54
N VAL A 585 -16.89 9.58 25.52
CA VAL A 585 -16.05 10.73 25.82
C VAL A 585 -15.21 11.13 24.61
N GLU A 586 -14.77 10.16 23.80
CA GLU A 586 -13.96 10.45 22.62
C GLU A 586 -14.43 9.67 21.38
N LEU A 587 -14.63 10.38 20.28
CA LEU A 587 -15.03 9.75 19.02
C LEU A 587 -14.08 10.18 17.92
N VAL A 588 -13.48 9.20 17.23
CA VAL A 588 -12.57 9.49 16.13
C VAL A 588 -13.31 9.19 14.83
N PHE A 589 -13.77 10.22 14.13
CA PHE A 589 -14.51 10.07 12.88
C PHE A 589 -13.67 10.41 11.64
N SER A 590 -12.34 10.44 11.77
CA SER A 590 -11.45 10.77 10.65
C SER A 590 -11.50 9.77 9.50
N GLY A 591 -11.12 10.21 8.31
CA GLY A 591 -11.10 9.33 7.14
C GLY A 591 -12.45 8.88 6.62
N ASN A 592 -13.51 9.63 6.96
CA ASN A 592 -14.84 9.32 6.49
C ASN A 592 -15.33 10.39 5.47
N ARG A 593 -16.61 10.35 5.08
CA ARG A 593 -17.12 11.32 4.13
C ARG A 593 -18.20 12.20 4.74
N LEU A 594 -17.79 13.07 5.69
CA LEU A 594 -18.72 14.02 6.30
C LEU A 594 -19.18 15.09 5.32
N ASP A 595 -18.40 15.35 4.25
CA ASP A 595 -18.79 16.31 3.24
C ASP A 595 -20.07 15.84 2.53
N ILE A 596 -20.20 14.52 2.30
CA ILE A 596 -21.37 13.93 1.68
C ILE A 596 -22.56 14.01 2.62
N LEU A 597 -22.33 13.71 3.90
CA LEU A 597 -23.36 13.76 4.95
C LEU A 597 -23.89 15.17 5.19
N TRP A 598 -23.02 16.18 5.03
CA TRP A 598 -23.41 17.57 5.25
C TRP A 598 -23.70 18.31 3.94
N ASN A 599 -24.87 18.04 3.35
CA ASN A 599 -25.27 18.64 2.07
C ASN A 599 -26.52 19.53 2.19
N ASP A 600 -26.74 20.43 1.21
CA ASP A 600 -27.90 21.33 1.21
C ASP A 600 -29.20 20.69 0.73
N ASP A 601 -29.15 19.49 0.10
CA ASP A 601 -30.37 18.83 -0.36
C ASP A 601 -31.12 18.21 0.83
N ASP A 602 -30.55 17.17 1.46
CA ASP A 602 -31.15 16.57 2.63
C ASP A 602 -30.42 17.08 3.87
N ASN A 603 -31.17 17.48 4.90
CA ASN A 603 -30.55 17.95 6.14
C ASN A 603 -30.75 16.95 7.28
N ARG A 604 -30.74 15.65 6.96
CA ARG A 604 -30.94 14.57 7.92
C ARG A 604 -29.74 14.33 8.85
N TYR A 605 -28.56 14.78 8.44
CA TYR A 605 -27.36 14.56 9.24
C TYR A 605 -26.84 15.85 9.89
N ILE A 606 -27.73 16.83 10.14
CA ILE A 606 -27.36 18.08 10.80
C ILE A 606 -27.03 17.78 12.26
N SER A 607 -27.87 16.99 12.92
CA SER A 607 -27.66 16.61 14.33
C SER A 607 -27.12 15.19 14.41
N ILE A 608 -26.00 14.93 13.73
CA ILE A 608 -25.38 13.60 13.70
C ILE A 608 -24.74 13.22 15.04
N PHE A 609 -23.92 14.12 15.62
CA PHE A 609 -23.26 13.84 16.90
C PHE A 609 -23.90 14.57 18.09
N LYS A 610 -25.10 15.14 17.93
CA LYS A 610 -25.78 15.86 19.00
C LYS A 610 -26.18 14.97 20.18
N GLY A 611 -26.40 13.69 19.92
CA GLY A 611 -26.79 12.73 20.95
C GLY A 611 -25.68 12.31 21.90
N LEU A 612 -24.42 12.61 21.55
CA LEU A 612 -23.28 12.26 22.41
C LEU A 612 -23.06 13.42 23.37
N LYS A 613 -23.98 13.57 24.34
CA LYS A 613 -23.96 14.67 25.31
C LYS A 613 -22.73 14.73 26.19
N ASN A 614 -22.12 13.58 26.48
CA ASN A 614 -20.95 13.52 27.35
C ASN A 614 -19.60 13.60 26.59
N LEU A 615 -19.63 13.74 25.26
CA LEU A 615 -18.43 13.80 24.42
C LEU A 615 -17.55 15.02 24.70
N THR A 616 -16.25 14.79 24.94
CA THR A 616 -15.29 15.85 25.19
C THR A 616 -14.25 15.96 24.06
N ARG A 617 -13.97 14.86 23.34
CA ARG A 617 -12.99 14.89 22.25
C ARG A 617 -13.57 14.39 20.93
N LEU A 618 -13.46 15.17 19.86
CA LEU A 618 -13.99 14.78 18.55
C LEU A 618 -12.99 15.02 17.42
N ASP A 619 -12.68 13.97 16.65
CA ASP A 619 -11.75 14.11 15.53
C ASP A 619 -12.49 14.02 14.20
N LEU A 620 -12.64 15.16 13.51
CA LEU A 620 -13.30 15.23 12.22
C LEU A 620 -12.33 15.51 11.07
N SER A 621 -11.08 15.10 11.21
CA SER A 621 -10.08 15.31 10.18
C SER A 621 -10.27 14.40 8.95
N LEU A 622 -9.62 14.71 7.83
CA LEU A 622 -9.68 13.90 6.62
C LEU A 622 -11.09 13.53 6.17
N ASN A 623 -12.02 14.48 6.26
CA ASN A 623 -13.41 14.24 5.83
C ASN A 623 -13.78 15.01 4.56
N ARG A 624 -12.77 15.60 3.86
CA ARG A 624 -12.95 16.40 2.64
C ARG A 624 -13.94 17.55 2.86
N LEU A 625 -13.99 18.10 4.07
CA LEU A 625 -14.91 19.16 4.40
C LEU A 625 -14.55 20.48 3.76
N LYS A 626 -15.30 20.88 2.72
CA LYS A 626 -15.05 22.17 2.08
C LYS A 626 -15.76 23.26 2.91
N HIS A 627 -17.00 22.98 3.34
CA HIS A 627 -17.77 23.89 4.18
C HIS A 627 -18.55 23.11 5.23
N ILE A 628 -18.65 23.65 6.46
CA ILE A 628 -19.44 23.02 7.51
C ILE A 628 -20.67 23.89 7.66
N PRO A 629 -21.88 23.34 7.49
CA PRO A 629 -23.09 24.16 7.64
C PRO A 629 -23.19 24.70 9.05
N ASN A 630 -23.56 25.98 9.20
CA ASN A 630 -23.66 26.64 10.50
C ASN A 630 -24.58 25.90 11.45
N GLU A 631 -25.71 25.36 10.93
CA GLU A 631 -26.65 24.61 11.73
C GLU A 631 -26.01 23.31 12.22
N ALA A 632 -25.24 22.63 11.36
CA ALA A 632 -24.56 21.38 11.70
C ALA A 632 -23.44 21.60 12.71
N PHE A 633 -22.71 22.72 12.61
CA PHE A 633 -21.64 23.02 13.57
C PHE A 633 -22.23 23.34 14.93
N LEU A 634 -23.37 24.07 14.97
CA LEU A 634 -24.03 24.40 16.22
C LEU A 634 -24.63 23.16 16.91
N ASN A 635 -24.97 22.12 16.14
CA ASN A 635 -25.52 20.89 16.69
C ASN A 635 -24.43 19.89 17.10
N LEU A 636 -23.26 20.40 17.52
CA LEU A 636 -22.16 19.57 18.01
C LEU A 636 -22.23 19.54 19.55
N PRO A 637 -21.68 18.50 20.21
CA PRO A 637 -21.75 18.44 21.68
C PRO A 637 -21.17 19.67 22.36
N ALA A 638 -21.98 20.34 23.21
CA ALA A 638 -21.52 21.52 23.93
C ALA A 638 -20.43 21.20 24.97
N SER A 639 -20.30 19.93 25.37
CA SER A 639 -19.29 19.49 26.33
C SER A 639 -17.88 19.31 25.73
N LEU A 640 -17.72 19.58 24.42
CA LEU A 640 -16.43 19.43 23.74
C LEU A 640 -15.34 20.33 24.30
N THR A 641 -14.23 19.71 24.69
CA THR A 641 -13.06 20.43 25.19
C THR A 641 -11.86 20.32 24.21
N GLU A 642 -12.00 19.57 23.10
CA GLU A 642 -10.94 19.33 22.14
C GLU A 642 -11.55 18.94 20.79
N LEU A 643 -11.54 19.85 19.81
CA LEU A 643 -12.11 19.58 18.49
C LEU A 643 -11.03 19.58 17.42
N HIS A 644 -10.99 18.56 16.56
CA HIS A 644 -9.98 18.46 15.52
C HIS A 644 -10.57 18.45 14.12
N ILE A 645 -10.66 19.59 13.44
CA ILE A 645 -11.17 19.64 12.06
C ILE A 645 -10.00 19.85 11.07
N ASN A 646 -8.79 19.37 11.41
CA ASN A 646 -7.60 19.51 10.58
C ASN A 646 -7.62 18.64 9.30
N ASP A 647 -6.67 18.87 8.39
CA ASP A 647 -6.52 18.12 7.14
C ASP A 647 -7.84 17.97 6.36
N ASN A 648 -8.48 19.08 6.08
CA ASN A 648 -9.71 19.14 5.29
C ASN A 648 -9.50 20.19 4.17
N MET A 649 -10.57 20.79 3.63
CA MET A 649 -10.46 21.83 2.62
C MET A 649 -11.34 23.03 2.99
N LEU A 650 -11.45 23.33 4.29
CA LEU A 650 -12.26 24.42 4.81
C LEU A 650 -11.79 25.77 4.32
N LYS A 651 -12.61 26.44 3.51
CA LYS A 651 -12.27 27.77 3.02
C LYS A 651 -12.61 28.80 4.09
N PHE A 652 -13.78 28.65 4.73
CA PHE A 652 -14.21 29.57 5.78
C PHE A 652 -14.55 28.86 7.10
N PHE A 653 -14.46 29.59 8.22
CA PHE A 653 -14.78 29.10 9.55
C PHE A 653 -15.53 30.18 10.29
N ASN A 654 -16.75 29.89 10.75
CA ASN A 654 -17.55 30.87 11.48
C ASN A 654 -17.11 30.89 12.94
N TRP A 655 -16.22 31.82 13.29
CA TRP A 655 -15.69 31.97 14.65
C TRP A 655 -16.76 32.35 15.68
N THR A 656 -17.87 32.95 15.22
CA THR A 656 -18.98 33.38 16.07
C THR A 656 -19.64 32.19 16.78
N LEU A 657 -19.72 31.04 16.10
CA LEU A 657 -20.34 29.84 16.63
C LEU A 657 -19.64 29.24 17.86
N LEU A 658 -18.38 29.64 18.11
CA LEU A 658 -17.62 29.16 19.27
C LEU A 658 -18.24 29.54 20.63
N GLN A 659 -19.22 30.46 20.63
CA GLN A 659 -19.94 30.94 21.81
C GLN A 659 -20.72 29.81 22.49
N GLN A 660 -21.25 28.87 21.70
CA GLN A 660 -22.04 27.78 22.26
C GLN A 660 -21.20 26.59 22.78
N PHE A 661 -19.86 26.76 22.87
CA PHE A 661 -18.95 25.75 23.39
C PHE A 661 -18.08 26.45 24.43
N PRO A 662 -18.60 26.64 25.65
CA PRO A 662 -17.84 27.37 26.67
C PRO A 662 -16.68 26.61 27.32
N ARG A 663 -16.57 25.30 27.06
CA ARG A 663 -15.48 24.51 27.63
C ARG A 663 -14.41 24.10 26.59
N LEU A 664 -14.52 24.56 25.33
CA LEU A 664 -13.58 24.22 24.27
C LEU A 664 -12.20 24.82 24.53
N GLU A 665 -11.21 23.95 24.79
CA GLU A 665 -9.86 24.39 25.07
C GLU A 665 -8.93 24.26 23.86
N LEU A 666 -9.11 23.23 23.04
CA LEU A 666 -8.24 23.02 21.88
C LEU A 666 -9.01 22.98 20.56
N LEU A 667 -8.77 23.93 19.67
CA LEU A 667 -9.40 23.95 18.37
C LEU A 667 -8.31 23.72 17.32
N ASP A 668 -8.43 22.64 16.55
CA ASP A 668 -7.44 22.29 15.55
C ASP A 668 -7.96 22.50 14.14
N LEU A 669 -7.42 23.50 13.43
CA LEU A 669 -7.83 23.77 12.06
C LEU A 669 -6.63 23.75 11.10
N ARG A 670 -5.65 22.87 11.36
CA ARG A 670 -4.46 22.72 10.53
C ARG A 670 -4.75 22.11 9.15
N GLY A 671 -3.80 22.20 8.23
CA GLY A 671 -3.93 21.63 6.88
C GLY A 671 -5.21 21.97 6.15
N ASN A 672 -5.66 23.20 6.28
CA ASN A 672 -6.89 23.66 5.62
C ASN A 672 -6.58 24.80 4.62
N LYS A 673 -7.61 25.47 4.09
CA LYS A 673 -7.42 26.57 3.15
C LYS A 673 -8.10 27.84 3.66
N LEU A 674 -8.06 28.08 4.99
CA LEU A 674 -8.65 29.26 5.61
C LEU A 674 -7.91 30.54 5.21
N LEU A 675 -8.61 31.68 5.15
CA LEU A 675 -7.99 32.93 4.73
C LEU A 675 -8.10 34.04 5.77
N PHE A 676 -9.17 34.04 6.58
CA PHE A 676 -9.38 35.13 7.53
C PHE A 676 -9.67 34.70 8.97
N LEU A 677 -9.38 35.60 9.92
CA LEU A 677 -9.64 35.43 11.34
C LEU A 677 -10.65 36.48 11.82
N THR A 678 -11.22 36.33 13.03
CA THR A 678 -12.20 37.28 13.55
C THR A 678 -11.59 38.48 14.25
N ASP A 679 -12.33 39.59 14.30
CA ASP A 679 -11.87 40.81 14.98
C ASP A 679 -12.15 40.80 16.48
N SER A 680 -13.13 39.99 16.94
CA SER A 680 -13.47 39.93 18.35
C SER A 680 -13.56 38.49 18.86
N LEU A 681 -12.41 37.79 18.94
CA LEU A 681 -12.37 36.41 19.42
C LEU A 681 -12.71 36.31 20.92
N SER A 682 -12.44 37.37 21.69
CA SER A 682 -12.77 37.43 23.11
C SER A 682 -14.29 37.33 23.31
N ASP A 683 -15.07 37.92 22.40
CA ASP A 683 -16.53 37.89 22.45
C ASP A 683 -17.12 36.50 22.17
N PHE A 684 -16.32 35.56 21.65
CA PHE A 684 -16.83 34.22 21.32
C PHE A 684 -16.28 33.13 22.24
N THR A 685 -15.02 33.26 22.69
CA THR A 685 -14.44 32.24 23.56
C THR A 685 -13.76 32.81 24.81
N SER A 686 -13.97 32.14 25.94
CA SER A 686 -13.38 32.51 27.23
C SER A 686 -12.75 31.27 27.89
N SER A 687 -12.19 30.35 27.08
CA SER A 687 -11.60 29.10 27.56
C SER A 687 -10.56 28.52 26.61
N LEU A 688 -10.61 28.89 25.32
CA LEU A 688 -9.69 28.38 24.30
C LEU A 688 -8.23 28.61 24.67
N ARG A 689 -7.56 27.56 25.16
CA ARG A 689 -6.17 27.63 25.57
C ARG A 689 -5.18 27.34 24.43
N THR A 690 -5.63 26.60 23.40
CA THR A 690 -4.77 26.25 22.27
C THR A 690 -5.52 26.40 20.95
N LEU A 691 -4.90 27.05 19.96
CA LEU A 691 -5.50 27.25 18.65
C LEU A 691 -4.46 26.95 17.58
N LEU A 692 -4.59 25.80 16.92
CA LEU A 692 -3.64 25.40 15.89
C LEU A 692 -4.17 25.72 14.50
N LEU A 693 -3.55 26.68 13.81
CA LEU A 693 -3.98 27.09 12.47
C LEU A 693 -2.86 26.92 11.43
N SER A 694 -1.91 26.01 11.65
CA SER A 694 -0.80 25.82 10.74
C SER A 694 -1.21 25.28 9.36
N HIS A 695 -0.36 25.49 8.34
CA HIS A 695 -0.61 25.06 6.97
C HIS A 695 -1.94 25.55 6.41
N ASN A 696 -2.15 26.85 6.46
CA ASN A 696 -3.35 27.53 5.98
C ASN A 696 -2.98 28.71 5.06
N ARG A 697 -3.97 29.46 4.55
CA ARG A 697 -3.70 30.58 3.66
C ARG A 697 -3.96 31.94 4.33
N ILE A 698 -3.74 32.02 5.66
CA ILE A 698 -3.96 33.28 6.38
C ILE A 698 -2.84 34.24 6.07
N SER A 699 -3.17 35.40 5.48
CA SER A 699 -2.18 36.38 5.09
C SER A 699 -2.14 37.64 5.96
N HIS A 700 -3.10 37.82 6.87
CA HIS A 700 -3.14 38.99 7.73
C HIS A 700 -3.68 38.70 9.12
N LEU A 701 -2.93 39.09 10.15
CA LEU A 701 -3.38 38.91 11.53
C LEU A 701 -4.22 40.12 11.90
N PRO A 702 -5.48 39.92 12.31
CA PRO A 702 -6.35 41.07 12.62
C PRO A 702 -5.90 41.88 13.82
N SER A 703 -6.33 43.15 13.88
CA SER A 703 -5.96 44.08 14.94
C SER A 703 -6.44 43.62 16.32
N GLY A 704 -5.48 43.42 17.22
CA GLY A 704 -5.75 43.01 18.60
C GLY A 704 -5.93 41.52 18.81
N PHE A 705 -5.69 40.69 17.78
CA PHE A 705 -5.83 39.25 17.86
C PHE A 705 -5.00 38.60 18.98
N LEU A 706 -3.76 39.07 19.19
CA LEU A 706 -2.90 38.53 20.23
C LEU A 706 -3.40 38.85 21.65
N SER A 707 -4.17 39.93 21.81
CA SER A 707 -4.71 40.33 23.11
C SER A 707 -6.20 39.99 23.30
N GLU A 708 -6.90 39.53 22.24
CA GLU A 708 -8.33 39.21 22.35
C GLU A 708 -8.62 38.13 23.41
N VAL A 709 -8.24 36.88 23.15
CA VAL A 709 -8.48 35.80 24.11
C VAL A 709 -7.33 35.71 25.12
N SER A 710 -7.62 36.09 26.37
CA SER A 710 -6.62 36.11 27.45
C SER A 710 -6.24 34.70 27.92
N SER A 711 -7.14 33.72 27.78
CA SER A 711 -6.85 32.35 28.18
C SER A 711 -5.97 31.58 27.19
N LEU A 712 -5.76 32.12 25.97
CA LEU A 712 -4.96 31.46 24.94
C LEU A 712 -3.47 31.44 25.29
N LYS A 713 -2.93 30.24 25.48
CA LYS A 713 -1.51 30.06 25.81
C LYS A 713 -0.69 29.57 24.62
N HIS A 714 -1.32 28.88 23.65
CA HIS A 714 -0.60 28.36 22.50
C HIS A 714 -1.30 28.69 21.18
N LEU A 715 -0.65 29.47 20.31
CA LEU A 715 -1.21 29.84 19.02
C LEU A 715 -0.25 29.41 17.92
N ASP A 716 -0.71 28.52 17.03
CA ASP A 716 0.14 28.02 15.94
C ASP A 716 -0.22 28.68 14.62
N LEU A 717 0.68 29.49 14.07
CA LEU A 717 0.46 30.15 12.79
C LEU A 717 1.57 29.81 11.78
N SER A 718 2.18 28.63 11.90
CA SER A 718 3.28 28.24 11.01
C SER A 718 2.80 27.81 9.63
N SER A 719 3.66 27.91 8.61
CA SER A 719 3.37 27.54 7.23
C SER A 719 2.13 28.23 6.65
N ASN A 720 1.92 29.49 7.01
CA ASN A 720 0.80 30.29 6.50
C ASN A 720 1.32 31.31 5.44
N LEU A 721 0.55 32.36 5.10
CA LEU A 721 0.98 33.34 4.12
C LEU A 721 1.19 34.72 4.76
N LEU A 722 1.68 34.75 6.01
CA LEU A 722 1.92 35.98 6.74
C LEU A 722 3.15 36.71 6.24
N LYS A 723 2.98 37.92 5.70
CA LYS A 723 4.10 38.71 5.22
C LYS A 723 4.66 39.54 6.37
N THR A 724 3.79 40.14 7.19
CA THR A 724 4.24 40.95 8.33
C THR A 724 3.17 41.04 9.43
N ILE A 725 3.58 41.37 10.65
CA ILE A 725 2.66 41.53 11.76
C ILE A 725 2.59 43.01 12.15
N ASN A 726 1.45 43.64 11.91
CA ASN A 726 1.27 45.07 12.20
C ASN A 726 1.18 45.39 13.69
N LYS A 727 1.48 46.66 14.05
CA LYS A 727 1.47 47.13 15.44
C LYS A 727 0.09 47.13 16.08
N SER A 728 -0.98 47.23 15.27
CA SER A 728 -2.34 47.20 15.81
C SER A 728 -2.70 45.80 16.37
N ALA A 729 -2.13 44.74 15.77
CA ALA A 729 -2.34 43.36 16.25
C ALA A 729 -1.56 43.07 17.54
N LEU A 730 -0.43 43.77 17.74
CA LEU A 730 0.43 43.63 18.91
C LEU A 730 0.03 44.58 20.06
N GLU A 731 -1.13 45.26 19.97
CA GLU A 731 -1.59 46.19 20.99
C GLU A 731 -1.81 45.50 22.32
N THR A 732 -0.95 45.82 23.30
CA THR A 732 -1.01 45.19 24.61
C THR A 732 -1.77 46.07 25.64
N LYS A 733 -3.07 46.29 25.40
CA LYS A 733 -3.91 47.03 26.35
C LYS A 733 -4.21 46.13 27.56
N THR A 734 -4.48 44.84 27.29
CA THR A 734 -4.75 43.84 28.31
C THR A 734 -3.59 42.84 28.40
N THR A 735 -3.47 42.13 29.53
CA THR A 735 -2.40 41.16 29.74
C THR A 735 -2.82 39.73 29.40
N THR A 736 -2.11 39.09 28.45
CA THR A 736 -2.42 37.72 28.06
C THR A 736 -1.34 36.74 28.52
N LYS A 737 -1.70 35.46 28.66
CA LYS A 737 -0.73 34.44 29.09
C LYS A 737 -0.23 33.60 27.92
N LEU A 738 -0.01 34.23 26.75
CA LEU A 738 0.49 33.51 25.59
C LEU A 738 1.91 33.03 25.83
N SER A 739 2.08 31.73 26.09
CA SER A 739 3.39 31.16 26.37
C SER A 739 4.14 30.66 25.13
N MET A 740 3.43 30.46 24.01
CA MET A 740 4.08 29.98 22.78
C MET A 740 3.38 30.47 21.52
N LEU A 741 4.17 30.96 20.55
CA LEU A 741 3.65 31.43 19.27
C LEU A 741 4.55 30.89 18.17
N GLU A 742 4.03 29.97 17.34
CA GLU A 742 4.80 29.39 16.24
C GLU A 742 4.61 30.20 14.98
N LEU A 743 5.69 30.54 14.27
CA LEU A 743 5.58 31.36 13.06
C LEU A 743 6.51 30.93 11.92
N HIS A 744 7.20 29.79 12.04
CA HIS A 744 8.12 29.33 11.01
C HIS A 744 7.42 28.96 9.70
N GLY A 745 8.12 29.11 8.58
CA GLY A 745 7.57 28.78 7.27
C GLY A 745 6.75 29.86 6.61
N ASN A 746 6.58 31.01 7.27
CA ASN A 746 5.82 32.12 6.72
C ASN A 746 6.69 32.95 5.77
N PRO A 747 6.12 33.54 4.71
CA PRO A 747 6.93 34.36 3.79
C PRO A 747 7.09 35.77 4.32
N PHE A 748 7.89 35.93 5.38
CA PHE A 748 8.10 37.21 6.02
C PHE A 748 8.82 38.21 5.13
N GLU A 749 8.22 39.38 4.95
CA GLU A 749 8.81 40.47 4.19
C GLU A 749 9.76 41.18 5.14
N CYS A 750 11.05 40.82 5.08
CA CYS A 750 12.08 41.34 5.98
C CYS A 750 12.55 42.76 5.62
N THR A 751 11.61 43.68 5.47
CA THR A 751 11.89 45.10 5.22
C THR A 751 11.75 45.85 6.59
N CYS A 752 11.64 47.20 6.60
CA CYS A 752 11.48 47.93 7.86
C CYS A 752 10.06 47.77 8.49
N ASP A 753 9.12 47.13 7.76
CA ASP A 753 7.78 46.87 8.24
C ASP A 753 7.78 45.79 9.35
N ILE A 754 8.72 44.83 9.28
CA ILE A 754 8.86 43.77 10.28
C ILE A 754 9.47 44.29 11.62
N GLY A 755 9.98 45.52 11.63
CA GLY A 755 10.58 46.14 12.81
C GLY A 755 9.63 46.27 13.98
N ASP A 756 8.35 46.51 13.70
CA ASP A 756 7.33 46.64 14.74
C ASP A 756 7.16 45.33 15.50
N PHE A 757 7.19 44.20 14.78
CA PHE A 757 7.07 42.89 15.42
C PHE A 757 8.37 42.50 16.13
N ARG A 758 9.52 42.86 15.55
CA ARG A 758 10.82 42.55 16.14
C ARG A 758 10.98 43.12 17.55
N ARG A 759 10.48 44.34 17.78
CA ARG A 759 10.54 44.98 19.10
C ARG A 759 9.62 44.26 20.08
N TRP A 760 8.44 43.81 19.61
CA TRP A 760 7.48 43.07 20.42
C TRP A 760 8.06 41.74 20.92
N MET A 761 8.93 41.11 20.13
CA MET A 761 9.58 39.86 20.52
C MET A 761 10.54 40.10 21.68
N ASP A 762 11.26 41.24 21.67
CA ASP A 762 12.19 41.59 22.72
C ASP A 762 11.48 42.09 23.98
N GLU A 763 10.30 42.72 23.82
CA GLU A 763 9.52 43.22 24.95
C GLU A 763 8.79 42.08 25.64
N HIS A 764 8.23 41.16 24.85
CA HIS A 764 7.50 40.01 25.39
C HIS A 764 8.35 38.75 25.29
N LEU A 765 9.33 38.61 26.18
CA LEU A 765 10.23 37.44 26.20
C LEU A 765 9.55 36.15 26.69
N ASN A 766 8.43 36.28 27.41
CA ASN A 766 7.65 35.14 27.91
C ASN A 766 6.94 34.38 26.78
N VAL A 767 6.65 35.06 25.66
CA VAL A 767 6.02 34.44 24.50
C VAL A 767 7.13 33.70 23.76
N LYS A 768 7.32 32.41 24.05
CA LYS A 768 8.38 31.63 23.43
C LYS A 768 8.09 31.33 21.97
N ILE A 769 8.97 31.77 21.07
CA ILE A 769 8.81 31.52 19.65
C ILE A 769 9.78 30.42 19.23
N PRO A 770 9.28 29.21 19.00
CA PRO A 770 10.16 28.10 18.64
C PRO A 770 10.64 28.15 17.18
N ARG A 771 11.68 27.36 16.86
CA ARG A 771 12.26 27.26 15.52
C ARG A 771 12.63 28.63 14.94
N LEU A 772 13.42 29.43 15.68
CA LEU A 772 13.82 30.77 15.23
C LEU A 772 14.59 30.76 13.91
N VAL A 773 15.38 29.71 13.66
CA VAL A 773 16.14 29.56 12.43
C VAL A 773 15.24 29.29 11.21
N ASP A 774 14.03 28.77 11.43
CA ASP A 774 13.10 28.46 10.35
C ASP A 774 12.09 29.59 10.09
N VAL A 775 12.17 30.72 10.81
CA VAL A 775 11.33 31.90 10.58
C VAL A 775 12.15 32.71 9.57
N ILE A 776 12.09 32.29 8.30
CA ILE A 776 12.89 32.84 7.21
C ILE A 776 12.24 34.01 6.47
N CYS A 777 13.05 34.98 6.03
CA CYS A 777 12.58 36.11 5.26
C CYS A 777 12.52 35.70 3.80
N ALA A 778 11.39 35.92 3.13
CA ALA A 778 11.26 35.58 1.72
C ALA A 778 11.78 36.69 0.79
N SER A 779 11.83 37.94 1.28
CA SER A 779 12.26 39.10 0.52
C SER A 779 12.84 40.17 1.47
N PRO A 780 13.85 40.96 1.07
CA PRO A 780 14.55 40.95 -0.22
C PRO A 780 15.74 39.97 -0.29
N GLY A 781 16.36 39.87 -1.46
CA GLY A 781 17.48 38.98 -1.73
C GLY A 781 18.59 38.91 -0.70
N ASP A 782 19.03 40.06 -0.17
CA ASP A 782 20.11 40.09 0.83
C ASP A 782 19.68 39.52 2.18
N GLN A 783 18.38 39.62 2.52
CA GLN A 783 17.86 39.08 3.77
C GLN A 783 17.19 37.69 3.61
N ARG A 784 17.08 37.19 2.37
CA ARG A 784 16.46 35.91 2.04
C ARG A 784 17.24 34.75 2.63
N GLY A 785 16.54 33.90 3.36
CA GLY A 785 17.15 32.75 4.00
C GLY A 785 17.45 33.00 5.46
N LYS A 786 17.85 34.24 5.79
CA LYS A 786 18.17 34.65 7.15
C LYS A 786 16.92 34.72 8.04
N SER A 787 17.12 34.59 9.35
CA SER A 787 16.02 34.67 10.30
C SER A 787 15.59 36.13 10.51
N ILE A 788 14.33 36.35 10.88
CA ILE A 788 13.82 37.70 11.12
C ILE A 788 14.50 38.37 12.33
N VAL A 789 15.01 37.57 13.28
CA VAL A 789 15.68 38.08 14.47
C VAL A 789 17.14 38.54 14.20
N SER A 790 17.70 38.23 13.01
CA SER A 790 19.07 38.62 12.68
C SER A 790 19.12 39.91 11.85
N LEU A 791 18.21 40.86 12.13
CA LEU A 791 18.17 42.12 11.39
C LEU A 791 18.52 43.34 12.27
N GLU A 792 18.78 44.51 11.62
CA GLU A 792 19.10 45.76 12.30
C GLU A 792 17.94 46.26 13.15
N SER B 5 -4.18 21.01 -45.33
CA SER B 5 -5.42 20.26 -45.16
C SER B 5 -5.36 19.31 -43.97
N ARG B 6 -4.64 19.70 -42.90
CA ARG B 6 -4.51 18.89 -41.69
C ARG B 6 -5.78 18.97 -40.85
N SER B 7 -6.37 17.81 -40.52
CA SER B 7 -7.60 17.73 -39.75
C SER B 7 -7.48 18.28 -38.33
N TYR B 8 -8.41 19.17 -37.96
CA TYR B 8 -8.46 19.75 -36.61
C TYR B 8 -9.91 20.08 -36.27
N PRO B 9 -10.37 19.74 -35.06
CA PRO B 9 -9.64 19.07 -33.98
C PRO B 9 -9.70 17.54 -34.00
N CYS B 10 -10.46 16.95 -34.94
CA CYS B 10 -10.62 15.50 -35.03
C CYS B 10 -9.40 14.82 -35.65
N ASP B 11 -9.21 13.54 -35.32
CA ASP B 11 -8.10 12.76 -35.86
C ASP B 11 -8.67 11.82 -36.92
N GLU B 12 -8.67 12.23 -38.18
CA GLU B 12 -9.20 11.42 -39.28
C GLU B 12 -8.30 10.25 -39.62
N LYS B 13 -8.89 9.08 -39.90
CA LYS B 13 -8.12 7.88 -40.21
C LYS B 13 -8.89 6.98 -41.17
N LYS B 14 -8.18 6.32 -42.10
CA LYS B 14 -8.81 5.40 -43.05
C LYS B 14 -9.12 4.06 -42.36
N GLN B 15 -10.29 3.48 -42.67
CA GLN B 15 -10.72 2.23 -42.07
C GLN B 15 -11.67 1.51 -43.04
N ASN B 16 -11.16 0.48 -43.74
CA ASN B 16 -11.91 -0.32 -44.72
C ASN B 16 -12.66 0.54 -45.75
N ASP B 17 -11.91 1.37 -46.49
CA ASP B 17 -12.41 2.28 -47.53
C ASP B 17 -13.43 3.29 -46.99
N SER B 18 -13.18 3.80 -45.78
CA SER B 18 -14.03 4.80 -45.13
C SER B 18 -13.19 5.71 -44.21
N VAL B 19 -13.74 6.84 -43.76
CA VAL B 19 -13.00 7.75 -42.90
C VAL B 19 -13.65 7.95 -41.53
N ILE B 20 -12.96 7.53 -40.47
CA ILE B 20 -13.47 7.69 -39.11
C ILE B 20 -12.84 8.93 -38.46
N ALA B 21 -13.59 9.62 -37.60
CA ALA B 21 -13.09 10.82 -36.94
C ALA B 21 -13.01 10.66 -35.44
N GLU B 22 -11.80 10.50 -34.90
CA GLU B 22 -11.61 10.35 -33.46
C GLU B 22 -11.56 11.74 -32.84
N CYS B 23 -12.73 12.27 -32.48
CA CYS B 23 -12.84 13.61 -31.91
C CYS B 23 -13.24 13.56 -30.44
N SER B 24 -12.75 12.56 -29.70
CA SER B 24 -13.12 12.39 -28.30
C SER B 24 -12.12 13.00 -27.32
N ASN B 25 -12.61 13.37 -26.12
CA ASN B 25 -11.83 13.93 -25.02
C ASN B 25 -10.90 15.07 -25.45
N ARG B 26 -11.47 16.10 -26.08
CA ARG B 26 -10.69 17.23 -26.58
C ARG B 26 -11.20 18.60 -26.10
N ARG B 27 -12.02 18.62 -25.03
CA ARG B 27 -12.59 19.84 -24.44
C ARG B 27 -13.35 20.74 -25.42
N LEU B 28 -14.14 20.12 -26.31
CA LEU B 28 -14.90 20.87 -27.30
C LEU B 28 -16.15 21.48 -26.70
N GLN B 29 -16.27 22.82 -26.79
CA GLN B 29 -17.43 23.54 -26.25
C GLN B 29 -18.67 23.34 -27.13
N GLU B 30 -18.49 23.18 -28.44
CA GLU B 30 -19.58 22.99 -29.39
C GLU B 30 -19.16 22.03 -30.51
N VAL B 31 -20.15 21.46 -31.24
CA VAL B 31 -19.90 20.54 -32.35
C VAL B 31 -19.08 21.25 -33.43
N PRO B 32 -17.87 20.74 -33.72
CA PRO B 32 -17.02 21.41 -34.70
C PRO B 32 -17.47 21.33 -36.15
N GLN B 33 -17.34 22.45 -36.88
CA GLN B 33 -17.70 22.50 -38.29
C GLN B 33 -16.48 22.28 -39.23
N THR B 34 -15.32 21.88 -38.66
CA THR B 34 -14.11 21.63 -39.45
C THR B 34 -13.87 20.15 -39.67
N VAL B 35 -14.95 19.37 -39.81
CA VAL B 35 -14.87 17.94 -40.06
C VAL B 35 -15.16 17.70 -41.55
N GLY B 36 -14.33 16.90 -42.20
CA GLY B 36 -14.49 16.56 -43.61
C GLY B 36 -15.82 15.90 -43.89
N LYS B 37 -16.60 16.43 -44.83
CA LYS B 37 -17.94 15.94 -45.16
C LYS B 37 -18.00 14.46 -45.61
N TYR B 38 -16.85 13.86 -45.90
CA TYR B 38 -16.74 12.47 -46.33
C TYR B 38 -16.65 11.45 -45.20
N VAL B 39 -16.59 11.88 -43.93
CA VAL B 39 -16.48 10.95 -42.81
C VAL B 39 -17.74 10.10 -42.62
N THR B 40 -17.56 8.88 -42.14
CA THR B 40 -18.68 7.97 -41.91
C THR B 40 -18.98 7.83 -40.43
N GLU B 41 -17.96 7.62 -39.59
CA GLU B 41 -18.17 7.47 -38.16
C GLU B 41 -17.56 8.63 -37.38
N LEU B 42 -18.37 9.28 -36.56
CA LEU B 42 -17.92 10.43 -35.77
C LEU B 42 -18.04 10.13 -34.27
N ASP B 43 -16.95 10.32 -33.53
CA ASP B 43 -16.93 10.09 -32.09
C ASP B 43 -16.69 11.41 -31.38
N LEU B 44 -17.70 11.98 -30.75
CA LEU B 44 -17.58 13.25 -30.03
C LEU B 44 -17.83 13.06 -28.52
N SER B 45 -17.39 11.91 -27.97
CA SER B 45 -17.59 11.62 -26.56
C SER B 45 -16.61 12.35 -25.63
N ASP B 46 -17.00 12.52 -24.36
CA ASP B 46 -16.22 13.15 -23.30
C ASP B 46 -15.78 14.57 -23.63
N ASN B 47 -16.72 15.39 -24.08
CA ASN B 47 -16.50 16.79 -24.40
C ASN B 47 -17.45 17.70 -23.59
N PHE B 48 -17.36 19.03 -23.75
CA PHE B 48 -18.23 19.94 -23.02
C PHE B 48 -19.35 20.50 -23.89
N ILE B 49 -19.84 19.69 -24.85
CA ILE B 49 -20.92 20.08 -25.75
C ILE B 49 -22.23 20.19 -24.97
N THR B 50 -22.96 21.30 -25.15
CA THR B 50 -24.20 21.52 -24.42
C THR B 50 -25.43 21.57 -25.30
N HIS B 51 -25.28 21.93 -26.58
CA HIS B 51 -26.44 22.05 -27.47
C HIS B 51 -26.31 21.28 -28.77
N ILE B 52 -27.40 20.62 -29.18
CA ILE B 52 -27.46 19.85 -30.42
C ILE B 52 -28.60 20.39 -31.29
N THR B 53 -28.28 21.06 -32.40
CA THR B 53 -29.30 21.63 -33.29
C THR B 53 -29.35 20.88 -34.65
N ASN B 54 -30.35 21.20 -35.50
CA ASN B 54 -30.47 20.60 -36.82
C ASN B 54 -29.31 21.00 -37.77
N GLU B 55 -28.58 22.09 -37.44
CA GLU B 55 -27.46 22.56 -38.25
C GLU B 55 -26.11 22.26 -37.59
N SER B 56 -26.03 21.22 -36.75
CA SER B 56 -24.78 20.85 -36.09
C SER B 56 -23.98 19.89 -36.97
N PHE B 57 -24.66 18.93 -37.60
CA PHE B 57 -24.01 17.98 -38.49
C PHE B 57 -24.35 18.26 -39.95
N GLN B 58 -24.41 19.54 -40.32
CA GLN B 58 -24.71 19.92 -41.70
C GLN B 58 -23.51 19.64 -42.59
N GLY B 59 -23.78 19.13 -43.79
CA GLY B 59 -22.73 18.79 -44.74
C GLY B 59 -22.25 17.36 -44.61
N LEU B 60 -22.20 16.84 -43.36
CA LEU B 60 -21.76 15.48 -43.08
C LEU B 60 -22.95 14.53 -43.35
N GLN B 61 -23.35 14.42 -44.62
CA GLN B 61 -24.49 13.60 -45.03
C GLN B 61 -24.20 12.09 -45.05
N ASN B 62 -22.92 11.69 -45.02
CA ASN B 62 -22.56 10.28 -45.02
C ASN B 62 -22.26 9.74 -43.61
N LEU B 63 -22.87 10.35 -42.57
CA LEU B 63 -22.64 9.90 -41.20
C LEU B 63 -23.50 8.71 -40.85
N THR B 64 -22.88 7.53 -40.72
CA THR B 64 -23.56 6.29 -40.35
C THR B 64 -23.48 6.00 -38.83
N LYS B 65 -22.60 6.69 -38.10
CA LYS B 65 -22.45 6.48 -36.67
C LYS B 65 -22.05 7.77 -35.96
N ILE B 66 -22.78 8.16 -34.91
CA ILE B 66 -22.49 9.35 -34.13
C ILE B 66 -22.43 8.98 -32.65
N ASN B 67 -21.33 9.35 -31.98
CA ASN B 67 -21.15 9.08 -30.56
C ASN B 67 -21.15 10.41 -29.82
N LEU B 68 -22.00 10.57 -28.81
CA LEU B 68 -22.08 11.82 -28.05
C LEU B 68 -22.16 11.53 -26.55
N ASN B 69 -21.43 10.52 -26.07
CA ASN B 69 -21.43 10.14 -24.66
C ASN B 69 -20.73 11.15 -23.75
N HIS B 70 -21.21 11.27 -22.50
CA HIS B 70 -20.67 12.16 -21.47
C HIS B 70 -20.53 13.61 -21.92
N ASN B 71 -21.65 14.25 -22.27
CA ASN B 71 -21.65 15.63 -22.73
C ASN B 71 -22.73 16.43 -22.00
N PRO B 72 -22.36 17.40 -21.14
CA PRO B 72 -20.99 17.84 -20.80
C PRO B 72 -20.29 16.89 -19.82
N ASN B 73 -19.00 16.63 -20.07
CA ASN B 73 -18.20 15.72 -19.25
C ASN B 73 -18.06 16.23 -17.81
N VAL B 74 -18.90 15.70 -16.91
CA VAL B 74 -18.97 16.05 -15.48
C VAL B 74 -19.30 17.54 -15.29
N GLY B 87 -27.83 19.61 -18.68
CA GLY B 87 -27.50 18.42 -19.44
C GLY B 87 -27.21 18.70 -20.89
N LEU B 88 -27.83 17.95 -21.81
CA LEU B 88 -27.62 18.15 -23.24
C LEU B 88 -28.91 18.60 -23.90
N ASN B 89 -28.97 19.87 -24.30
CA ASN B 89 -30.15 20.43 -24.95
C ASN B 89 -30.21 19.99 -26.41
N ILE B 90 -30.95 18.91 -26.69
CA ILE B 90 -31.11 18.42 -28.07
C ILE B 90 -32.45 18.89 -28.62
N THR B 91 -32.42 19.67 -29.71
CA THR B 91 -33.65 20.16 -30.33
C THR B 91 -34.44 19.04 -31.01
N ASP B 92 -35.74 19.30 -31.26
CA ASP B 92 -36.59 18.31 -31.91
C ASP B 92 -36.23 18.20 -33.39
N GLY B 93 -35.89 17.00 -33.83
CA GLY B 93 -35.51 16.74 -35.21
C GLY B 93 -34.12 17.23 -35.55
N ALA B 94 -33.21 17.22 -34.57
CA ALA B 94 -31.83 17.66 -34.78
C ALA B 94 -31.04 16.68 -35.64
N PHE B 95 -31.37 15.38 -35.56
CA PHE B 95 -30.69 14.35 -36.35
C PHE B 95 -31.54 13.84 -37.53
N LEU B 96 -32.65 14.53 -37.87
CA LEU B 96 -33.54 14.06 -38.94
C LEU B 96 -32.94 14.20 -40.35
N ASN B 97 -32.10 15.22 -40.58
CA ASN B 97 -31.48 15.42 -41.88
C ASN B 97 -30.44 14.34 -42.23
N LEU B 98 -29.86 13.68 -41.22
CA LEU B 98 -28.89 12.61 -41.40
C LEU B 98 -29.64 11.35 -41.80
N LYS B 99 -29.88 11.17 -43.10
CA LYS B 99 -30.65 10.04 -43.60
C LYS B 99 -29.89 8.71 -43.61
N ASN B 100 -28.56 8.73 -43.42
CA ASN B 100 -27.78 7.50 -43.38
C ASN B 100 -27.32 7.09 -41.98
N LEU B 101 -27.85 7.73 -40.93
CA LEU B 101 -27.48 7.46 -39.55
C LEU B 101 -28.02 6.12 -39.03
N ARG B 102 -27.12 5.21 -38.66
CA ARG B 102 -27.50 3.89 -38.17
C ARG B 102 -27.26 3.74 -36.67
N GLU B 103 -26.11 4.19 -36.17
CA GLU B 103 -25.78 4.05 -34.77
C GLU B 103 -25.68 5.40 -34.06
N LEU B 104 -26.57 5.65 -33.09
CA LEU B 104 -26.54 6.90 -32.33
C LEU B 104 -26.38 6.60 -30.85
N LEU B 105 -25.26 7.03 -30.27
CA LEU B 105 -24.99 6.79 -28.86
C LEU B 105 -25.13 8.08 -28.04
N LEU B 106 -26.06 8.10 -27.10
CA LEU B 106 -26.29 9.26 -26.25
C LEU B 106 -26.31 8.83 -24.77
N GLU B 107 -25.15 8.43 -24.24
CA GLU B 107 -25.05 7.98 -22.86
C GLU B 107 -24.53 9.08 -21.93
N ASP B 108 -24.99 9.07 -20.67
CA ASP B 108 -24.58 10.03 -19.64
C ASP B 108 -24.71 11.49 -20.08
N ASN B 109 -25.87 11.86 -20.63
CA ASN B 109 -26.14 13.21 -21.10
C ASN B 109 -27.21 13.95 -20.28
N GLN B 110 -27.76 13.32 -19.24
CA GLN B 110 -28.81 13.89 -18.39
C GLN B 110 -30.05 14.28 -19.20
N LEU B 111 -30.40 13.46 -20.21
CA LEU B 111 -31.56 13.71 -21.07
C LEU B 111 -32.84 13.49 -20.29
N PRO B 112 -33.70 14.51 -20.18
CA PRO B 112 -34.95 14.33 -19.40
C PRO B 112 -35.95 13.42 -20.11
N GLN B 113 -36.05 13.53 -21.44
CA GLN B 113 -36.95 12.70 -22.24
C GLN B 113 -36.21 12.11 -23.46
N ILE B 114 -36.81 11.11 -24.12
CA ILE B 114 -36.23 10.50 -25.32
C ILE B 114 -36.24 11.54 -26.44
N PRO B 115 -35.08 11.79 -27.06
CA PRO B 115 -35.02 12.81 -28.13
C PRO B 115 -36.06 12.65 -29.23
N SER B 116 -36.84 13.70 -29.47
CA SER B 116 -37.86 13.68 -30.51
C SER B 116 -37.25 13.93 -31.88
N GLY B 117 -37.90 13.41 -32.92
CA GLY B 117 -37.45 13.60 -34.29
C GLY B 117 -36.21 12.81 -34.64
N LEU B 118 -36.08 11.58 -34.12
CA LEU B 118 -34.93 10.73 -34.44
C LEU B 118 -35.09 10.14 -35.84
N PRO B 119 -33.98 9.97 -36.59
CA PRO B 119 -34.10 9.43 -37.96
C PRO B 119 -34.57 7.99 -38.02
N GLU B 120 -35.47 7.69 -38.97
CA GLU B 120 -36.04 6.35 -39.20
C GLU B 120 -34.96 5.31 -39.53
N SER B 121 -33.86 5.74 -40.14
CA SER B 121 -32.74 4.88 -40.54
C SER B 121 -32.03 4.19 -39.37
N LEU B 122 -32.20 4.70 -38.14
CA LEU B 122 -31.55 4.16 -36.96
C LEU B 122 -31.75 2.67 -36.71
N THR B 123 -30.63 1.95 -36.56
CA THR B 123 -30.58 0.52 -36.26
C THR B 123 -29.97 0.24 -34.86
N GLU B 124 -29.39 1.26 -34.20
CA GLU B 124 -28.79 1.08 -32.88
C GLU B 124 -28.88 2.39 -32.11
N LEU B 125 -29.65 2.41 -31.02
CA LEU B 125 -29.80 3.60 -30.21
C LEU B 125 -29.49 3.29 -28.75
N SER B 126 -28.57 4.05 -28.15
CA SER B 126 -28.20 3.84 -26.76
C SER B 126 -28.49 5.10 -25.93
N LEU B 127 -29.31 4.99 -24.89
CA LEU B 127 -29.66 6.11 -24.03
C LEU B 127 -29.41 5.74 -22.56
N ILE B 128 -28.29 5.07 -22.30
CA ILE B 128 -27.89 4.63 -20.96
C ILE B 128 -27.46 5.80 -20.07
N GLN B 129 -27.75 5.73 -18.76
CA GLN B 129 -27.38 6.74 -17.76
C GLN B 129 -27.96 8.13 -18.02
N ASN B 130 -29.26 8.20 -18.29
CA ASN B 130 -29.95 9.47 -18.52
C ASN B 130 -31.09 9.65 -17.49
N ASN B 131 -31.86 10.74 -17.58
CA ASN B 131 -32.98 10.98 -16.69
C ASN B 131 -34.30 10.69 -17.40
N ILE B 132 -34.33 9.62 -18.20
CA ILE B 132 -35.54 9.27 -18.95
C ILE B 132 -36.51 8.46 -18.09
N TYR B 133 -37.69 9.02 -17.84
CA TYR B 133 -38.70 8.33 -17.03
C TYR B 133 -39.87 7.82 -17.87
N ASN B 134 -40.09 8.38 -19.05
CA ASN B 134 -41.20 7.96 -19.92
C ASN B 134 -40.72 7.39 -21.25
N ILE B 135 -41.05 6.12 -21.51
CA ILE B 135 -40.71 5.48 -22.77
C ILE B 135 -41.99 5.55 -23.61
N THR B 136 -42.20 6.67 -24.27
CA THR B 136 -43.43 6.91 -25.04
C THR B 136 -43.32 6.56 -26.53
N LYS B 137 -44.48 6.28 -27.16
CA LYS B 137 -44.59 5.95 -28.58
C LYS B 137 -44.20 7.13 -29.49
N GLU B 138 -44.20 8.36 -28.95
CA GLU B 138 -43.87 9.56 -29.70
C GLU B 138 -42.41 9.59 -30.15
N GLY B 139 -41.51 9.06 -29.32
CA GLY B 139 -40.10 9.07 -29.63
C GLY B 139 -39.49 7.74 -30.00
N ILE B 140 -40.25 6.64 -29.90
CA ILE B 140 -39.72 5.31 -30.19
C ILE B 140 -40.43 4.60 -31.35
N SER B 141 -41.76 4.52 -31.32
CA SER B 141 -42.58 3.80 -32.31
C SER B 141 -42.31 4.13 -33.78
N ARG B 142 -41.72 5.29 -34.10
CA ARG B 142 -41.41 5.63 -35.48
C ARG B 142 -40.14 4.91 -35.99
N LEU B 143 -39.21 4.59 -35.08
CA LEU B 143 -37.96 3.90 -35.41
C LEU B 143 -38.24 2.42 -35.63
N ILE B 144 -38.72 2.06 -36.82
CA ILE B 144 -39.09 0.68 -37.15
C ILE B 144 -37.91 -0.20 -37.59
N ASN B 145 -36.71 0.37 -37.79
CA ASN B 145 -35.56 -0.42 -38.21
C ASN B 145 -34.56 -0.71 -37.09
N LEU B 146 -34.93 -0.45 -35.82
CA LEU B 146 -34.03 -0.65 -34.69
C LEU B 146 -33.71 -2.10 -34.41
N LYS B 147 -32.42 -2.46 -34.45
CA LYS B 147 -31.95 -3.81 -34.14
C LYS B 147 -31.60 -3.87 -32.66
N ASN B 148 -30.92 -2.84 -32.13
CA ASN B 148 -30.52 -2.82 -30.73
C ASN B 148 -30.97 -1.52 -30.05
N LEU B 149 -31.56 -1.64 -28.86
CA LEU B 149 -32.04 -0.50 -28.10
C LEU B 149 -31.58 -0.64 -26.66
N TYR B 150 -30.83 0.33 -26.16
CA TYR B 150 -30.31 0.29 -24.80
C TYR B 150 -30.90 1.41 -23.95
N LEU B 151 -31.74 1.08 -22.96
CA LEU B 151 -32.35 2.08 -22.09
C LEU B 151 -32.01 1.80 -20.62
N ALA B 152 -30.77 1.37 -20.35
CA ALA B 152 -30.34 1.06 -19.00
C ALA B 152 -30.03 2.31 -18.15
N TRP B 153 -30.06 2.18 -16.81
CA TRP B 153 -29.75 3.24 -15.85
C TRP B 153 -30.57 4.55 -16.05
N ASN B 154 -31.89 4.44 -16.18
CA ASN B 154 -32.74 5.61 -16.39
C ASN B 154 -33.78 5.75 -15.28
N LYS B 163 -40.66 5.06 -10.39
CA LYS B 163 -41.11 4.06 -11.35
C LYS B 163 -40.95 4.53 -12.80
N THR B 164 -40.62 3.61 -13.71
CA THR B 164 -40.45 3.93 -15.14
C THR B 164 -41.75 3.69 -15.90
N ASN B 165 -42.29 4.74 -16.53
CA ASN B 165 -43.53 4.67 -17.27
C ASN B 165 -43.30 4.19 -18.70
N ILE B 166 -43.68 2.94 -18.99
CA ILE B 166 -43.54 2.37 -20.33
C ILE B 166 -44.91 2.33 -21.00
N GLU B 167 -45.03 2.93 -22.19
CA GLU B 167 -46.29 2.98 -22.94
C GLU B 167 -46.77 1.58 -23.31
N ASP B 168 -48.09 1.35 -23.25
CA ASP B 168 -48.65 0.04 -23.55
C ASP B 168 -48.52 -0.31 -25.02
N GLY B 169 -47.47 -1.04 -25.37
CA GLY B 169 -47.22 -1.45 -26.74
C GLY B 169 -46.29 -0.53 -27.48
N VAL B 170 -45.35 0.11 -26.78
CA VAL B 170 -44.40 1.01 -27.40
C VAL B 170 -43.39 0.23 -28.26
N PHE B 171 -42.96 -0.95 -27.79
CA PHE B 171 -42.01 -1.78 -28.52
C PHE B 171 -42.66 -2.68 -29.59
N GLU B 172 -44.00 -2.75 -29.61
CA GLU B 172 -44.77 -3.59 -30.53
C GLU B 172 -44.53 -3.28 -32.01
N THR B 173 -44.34 -2.00 -32.35
CA THR B 173 -44.11 -1.61 -33.75
C THR B 173 -42.68 -1.86 -34.24
N LEU B 174 -41.73 -2.10 -33.32
CA LEU B 174 -40.35 -2.37 -33.69
C LEU B 174 -40.20 -3.84 -34.10
N THR B 175 -40.64 -4.19 -35.32
CA THR B 175 -40.61 -5.55 -35.85
C THR B 175 -39.19 -6.11 -36.05
N ASN B 176 -38.17 -5.25 -36.09
CA ASN B 176 -36.79 -5.70 -36.27
C ASN B 176 -35.97 -5.65 -34.98
N LEU B 177 -36.62 -5.50 -33.81
CA LEU B 177 -35.90 -5.40 -32.54
C LEU B 177 -35.33 -6.71 -32.08
N GLU B 178 -34.01 -6.78 -31.99
CA GLU B 178 -33.27 -7.97 -31.56
C GLU B 178 -32.75 -7.84 -30.13
N LEU B 179 -32.46 -6.62 -29.68
CA LEU B 179 -31.91 -6.41 -28.33
C LEU B 179 -32.64 -5.33 -27.57
N LEU B 180 -33.26 -5.67 -26.44
CA LEU B 180 -33.93 -4.69 -25.59
C LEU B 180 -33.35 -4.78 -24.20
N SER B 181 -32.62 -3.73 -23.79
CA SER B 181 -32.00 -3.69 -22.48
C SER B 181 -32.66 -2.64 -21.61
N LEU B 182 -33.48 -3.04 -20.64
CA LEU B 182 -34.14 -2.11 -19.74
C LEU B 182 -33.61 -2.19 -18.30
N SER B 183 -32.39 -2.73 -18.12
CA SER B 183 -31.73 -2.93 -16.82
C SER B 183 -31.52 -1.66 -16.01
N PHE B 184 -31.44 -1.79 -14.68
CA PHE B 184 -31.20 -0.70 -13.73
C PHE B 184 -32.23 0.41 -13.85
N ASN B 185 -33.49 0.00 -13.91
CA ASN B 185 -34.69 0.84 -13.99
C ASN B 185 -35.73 0.22 -13.07
N SER B 186 -36.46 1.01 -12.27
CA SER B 186 -37.49 0.46 -11.40
C SER B 186 -38.77 0.12 -12.16
N LEU B 187 -38.75 -0.98 -12.93
CA LEU B 187 -39.86 -1.41 -13.76
C LEU B 187 -40.98 -2.06 -12.95
N SER B 188 -40.62 -2.93 -11.99
CA SER B 188 -41.54 -3.69 -11.12
C SER B 188 -42.25 -4.85 -11.83
N HIS B 189 -42.48 -4.71 -13.15
CA HIS B 189 -43.14 -5.73 -13.95
C HIS B 189 -42.50 -5.84 -15.33
N VAL B 190 -42.60 -7.02 -15.95
CA VAL B 190 -42.07 -7.22 -17.30
C VAL B 190 -42.99 -6.48 -18.27
N PRO B 191 -42.44 -5.59 -19.11
CA PRO B 191 -43.30 -4.81 -20.02
C PRO B 191 -44.07 -5.68 -21.00
N PRO B 192 -45.38 -5.43 -21.14
CA PRO B 192 -46.19 -6.24 -22.08
C PRO B 192 -46.02 -5.78 -23.53
N LYS B 193 -46.42 -6.67 -24.46
CA LYS B 193 -46.37 -6.45 -25.91
C LYS B 193 -44.96 -6.17 -26.43
N LEU B 194 -44.08 -7.16 -26.32
CA LEU B 194 -42.72 -7.07 -26.84
C LEU B 194 -42.68 -7.79 -28.20
N PRO B 195 -41.83 -7.33 -29.15
CA PRO B 195 -41.82 -7.97 -30.48
C PRO B 195 -41.32 -9.41 -30.45
N SER B 196 -41.89 -10.27 -31.29
CA SER B 196 -41.49 -11.68 -31.36
C SER B 196 -40.06 -11.87 -31.90
N SER B 197 -39.52 -10.87 -32.61
CA SER B 197 -38.16 -10.92 -33.15
C SER B 197 -37.06 -10.79 -32.09
N LEU B 198 -37.41 -10.40 -30.85
CA LEU B 198 -36.46 -10.20 -29.74
C LEU B 198 -35.59 -11.41 -29.53
N ARG B 199 -34.27 -11.20 -29.42
CA ARG B 199 -33.33 -12.29 -29.18
C ARG B 199 -32.54 -12.09 -27.87
N LYS B 200 -32.37 -10.85 -27.43
CA LYS B 200 -31.64 -10.56 -26.19
C LYS B 200 -32.41 -9.59 -25.30
N LEU B 201 -33.09 -10.12 -24.27
CA LEU B 201 -33.86 -9.30 -23.34
C LEU B 201 -33.11 -9.14 -22.03
N PHE B 202 -32.78 -7.88 -21.66
CA PHE B 202 -32.04 -7.58 -20.44
C PHE B 202 -32.89 -6.87 -19.38
N LEU B 203 -33.18 -7.54 -18.27
CA LEU B 203 -33.99 -6.96 -17.20
C LEU B 203 -33.28 -7.08 -15.84
N SER B 204 -31.99 -6.74 -15.79
CA SER B 204 -31.23 -6.82 -14.54
C SER B 204 -31.53 -5.68 -13.59
N ASN B 205 -31.63 -5.95 -12.28
CA ASN B 205 -31.92 -4.96 -11.25
C ASN B 205 -33.12 -4.09 -11.59
N THR B 206 -34.21 -4.73 -12.01
CA THR B 206 -35.42 -4.02 -12.41
C THR B 206 -36.58 -4.13 -11.40
N GLN B 207 -36.30 -4.62 -10.18
CA GLN B 207 -37.30 -4.79 -9.12
C GLN B 207 -38.49 -5.64 -9.54
N ILE B 208 -38.26 -6.63 -10.41
CA ILE B 208 -39.31 -7.53 -10.84
C ILE B 208 -39.32 -8.72 -9.89
N LYS B 209 -40.26 -8.74 -8.95
CA LYS B 209 -40.33 -9.79 -7.94
C LYS B 209 -41.14 -11.01 -8.39
N TYR B 210 -41.97 -10.89 -9.43
CA TYR B 210 -42.77 -12.01 -9.91
C TYR B 210 -42.68 -12.18 -11.42
N ILE B 211 -42.44 -13.42 -11.86
CA ILE B 211 -42.35 -13.77 -13.27
C ILE B 211 -43.49 -14.75 -13.56
N SER B 212 -44.33 -14.44 -14.57
CA SER B 212 -45.46 -15.29 -14.90
C SER B 212 -45.29 -16.04 -16.24
N GLU B 213 -46.20 -17.00 -16.53
CA GLU B 213 -46.21 -17.80 -17.74
C GLU B 213 -46.39 -16.91 -18.98
N GLU B 214 -47.27 -15.90 -18.88
CA GLU B 214 -47.58 -14.99 -19.97
C GLU B 214 -46.53 -13.92 -20.25
N ASP B 215 -45.52 -13.77 -19.38
CA ASP B 215 -44.50 -12.74 -19.54
C ASP B 215 -43.58 -12.91 -20.75
N PHE B 216 -43.23 -14.16 -21.09
CA PHE B 216 -42.32 -14.39 -22.22
C PHE B 216 -42.88 -15.32 -23.30
N LYS B 217 -44.21 -15.47 -23.37
CA LYS B 217 -44.82 -16.34 -24.38
C LYS B 217 -44.72 -15.78 -25.81
N GLY B 218 -44.69 -14.45 -25.93
CA GLY B 218 -44.59 -13.79 -27.23
C GLY B 218 -43.23 -13.88 -27.89
N LEU B 219 -42.16 -13.86 -27.09
CA LEU B 219 -40.78 -13.90 -27.61
C LEU B 219 -40.25 -15.33 -27.80
N ILE B 220 -40.69 -16.02 -28.86
CA ILE B 220 -40.26 -17.39 -29.15
C ILE B 220 -38.82 -17.50 -29.67
N ASN B 221 -38.22 -16.39 -30.11
CA ASN B 221 -36.84 -16.41 -30.62
C ASN B 221 -35.83 -15.85 -29.62
N LEU B 222 -36.15 -15.86 -28.31
CA LEU B 222 -35.23 -15.35 -27.30
C LEU B 222 -34.06 -16.27 -27.07
N THR B 223 -32.85 -15.79 -27.34
CA THR B 223 -31.60 -16.52 -27.10
C THR B 223 -30.94 -16.11 -25.77
N LEU B 224 -31.34 -14.97 -25.18
CA LEU B 224 -30.78 -14.51 -23.90
C LEU B 224 -31.86 -13.89 -23.00
N LEU B 225 -31.86 -14.26 -21.72
CA LEU B 225 -32.77 -13.68 -20.74
C LEU B 225 -32.01 -13.34 -19.46
N ASP B 226 -31.95 -12.05 -19.14
CA ASP B 226 -31.23 -11.58 -17.96
C ASP B 226 -32.21 -11.14 -16.88
N LEU B 227 -32.40 -11.96 -15.84
CA LEU B 227 -33.28 -11.61 -14.73
C LEU B 227 -32.52 -11.40 -13.41
N SER B 228 -31.21 -11.15 -13.49
CA SER B 228 -30.34 -10.95 -12.33
C SER B 228 -30.67 -9.68 -11.54
N GLY B 229 -30.25 -9.63 -10.28
CA GLY B 229 -30.48 -8.46 -9.44
C GLY B 229 -31.89 -8.25 -8.94
N ASN B 230 -32.83 -9.11 -9.35
CA ASN B 230 -34.21 -9.02 -8.90
C ASN B 230 -34.32 -9.87 -7.65
N CYS B 231 -34.49 -9.22 -6.48
CA CYS B 231 -34.44 -9.79 -5.12
C CYS B 231 -32.99 -10.12 -4.85
N PRO B 232 -32.13 -9.11 -4.72
CA PRO B 232 -30.68 -9.39 -4.63
C PRO B 232 -30.14 -9.87 -3.30
N ARG B 233 -29.05 -10.64 -3.38
CA ARG B 233 -28.32 -11.09 -2.21
C ARG B 233 -27.27 -10.00 -2.04
N CYS B 234 -27.41 -9.17 -1.00
CA CYS B 234 -26.53 -8.04 -0.79
C CYS B 234 -25.17 -8.43 -0.26
N PHE B 235 -24.29 -8.84 -1.16
CA PHE B 235 -22.93 -9.20 -0.82
C PHE B 235 -21.99 -8.52 -1.79
N ASN B 236 -21.21 -7.54 -1.30
CA ASN B 236 -20.22 -6.79 -2.06
C ASN B 236 -20.78 -6.22 -3.36
N ALA B 237 -22.04 -5.75 -3.31
CA ALA B 237 -22.71 -5.20 -4.48
C ALA B 237 -21.99 -3.96 -5.00
N PRO B 238 -21.77 -3.88 -6.32
CA PRO B 238 -21.09 -2.70 -6.87
C PRO B 238 -21.99 -1.48 -7.10
N PHE B 239 -23.27 -1.59 -6.73
CA PHE B 239 -24.31 -0.57 -6.85
C PHE B 239 -25.30 -0.71 -5.66
N PRO B 240 -26.24 0.24 -5.42
CA PRO B 240 -27.15 0.10 -4.28
C PRO B 240 -27.91 -1.23 -4.25
N CYS B 241 -27.96 -1.87 -3.08
CA CYS B 241 -28.60 -3.16 -2.95
C CYS B 241 -29.68 -3.18 -1.89
N VAL B 242 -30.90 -3.55 -2.27
CA VAL B 242 -31.99 -3.68 -1.31
C VAL B 242 -32.62 -5.06 -1.42
N PRO B 243 -32.57 -5.86 -0.35
CA PRO B 243 -33.18 -7.20 -0.40
C PRO B 243 -34.68 -7.19 -0.65
N CYS B 244 -35.24 -8.33 -1.04
CA CYS B 244 -36.66 -8.41 -1.39
C CYS B 244 -37.63 -8.47 -0.21
N ASP B 245 -37.28 -7.85 0.93
CA ASP B 245 -38.17 -7.76 2.08
C ASP B 245 -38.74 -9.11 2.56
N GLY B 246 -38.19 -9.64 3.64
CA GLY B 246 -38.63 -10.90 4.19
C GLY B 246 -37.87 -12.11 3.67
N GLY B 247 -36.65 -11.88 3.18
CA GLY B 247 -35.78 -12.93 2.64
C GLY B 247 -36.33 -13.64 1.42
N ALA B 248 -37.27 -13.00 0.71
CA ALA B 248 -37.90 -13.59 -0.46
C ALA B 248 -36.99 -13.59 -1.68
N SER B 249 -37.23 -14.53 -2.59
CA SER B 249 -36.47 -14.66 -3.84
C SER B 249 -37.34 -14.21 -5.04
N ILE B 250 -36.80 -14.30 -6.28
CA ILE B 250 -37.59 -13.98 -7.47
C ILE B 250 -38.62 -15.11 -7.62
N ASN B 251 -39.89 -14.75 -7.83
CA ASN B 251 -40.94 -15.76 -7.96
C ASN B 251 -41.18 -16.15 -9.40
N ILE B 252 -40.37 -17.07 -9.93
CA ILE B 252 -40.52 -17.52 -11.30
C ILE B 252 -41.58 -18.62 -11.37
N ASP B 253 -42.61 -18.44 -12.22
CA ASP B 253 -43.68 -19.42 -12.37
C ASP B 253 -43.15 -20.72 -12.99
N ARG B 254 -43.83 -21.84 -12.71
CA ARG B 254 -43.44 -23.15 -13.23
C ARG B 254 -43.32 -23.15 -14.77
N PHE B 255 -44.33 -22.59 -15.46
CA PHE B 255 -44.35 -22.56 -16.91
C PHE B 255 -43.97 -21.20 -17.49
N ALA B 256 -43.10 -20.45 -16.81
CA ALA B 256 -42.69 -19.13 -17.29
C ALA B 256 -41.74 -19.24 -18.49
N PHE B 257 -40.91 -20.29 -18.53
CA PHE B 257 -39.97 -20.48 -19.63
C PHE B 257 -40.31 -21.72 -20.46
N GLN B 258 -41.62 -22.05 -20.57
CA GLN B 258 -42.03 -23.24 -21.32
C GLN B 258 -42.03 -23.06 -22.84
N ASN B 259 -41.94 -21.82 -23.33
CA ASN B 259 -41.92 -21.57 -24.78
C ASN B 259 -40.66 -20.84 -25.25
N LEU B 260 -39.57 -20.94 -24.48
CA LEU B 260 -38.29 -20.31 -24.83
C LEU B 260 -37.32 -21.41 -25.25
N THR B 261 -37.71 -22.15 -26.29
CA THR B 261 -36.96 -23.27 -26.83
C THR B 261 -35.56 -22.91 -27.33
N GLN B 262 -35.38 -21.67 -27.79
CA GLN B 262 -34.08 -21.24 -28.32
C GLN B 262 -33.22 -20.49 -27.30
N LEU B 263 -33.53 -20.60 -26.00
CA LEU B 263 -32.76 -19.89 -24.98
C LEU B 263 -31.37 -20.51 -24.77
N ARG B 264 -30.33 -19.69 -24.92
CA ARG B 264 -28.93 -20.11 -24.75
C ARG B 264 -28.29 -19.50 -23.51
N TYR B 265 -28.66 -18.25 -23.18
CA TYR B 265 -28.06 -17.57 -22.03
C TYR B 265 -29.12 -17.22 -21.00
N LEU B 266 -28.96 -17.72 -19.77
CA LEU B 266 -29.91 -17.44 -18.69
C LEU B 266 -29.17 -16.92 -17.47
N ASN B 267 -29.32 -15.63 -17.16
CA ASN B 267 -28.64 -15.04 -16.01
C ASN B 267 -29.61 -14.83 -14.85
N LEU B 268 -29.49 -15.66 -13.80
CA LEU B 268 -30.33 -15.55 -12.61
C LEU B 268 -29.47 -15.27 -11.36
N SER B 269 -28.43 -14.45 -11.52
CA SER B 269 -27.52 -14.09 -10.44
C SER B 269 -28.16 -13.11 -9.48
N SER B 270 -27.76 -13.13 -8.19
CA SER B 270 -28.30 -12.24 -7.17
C SER B 270 -29.84 -12.15 -7.18
N THR B 271 -30.48 -13.31 -7.15
CA THR B 271 -31.93 -13.39 -7.11
C THR B 271 -32.47 -14.05 -5.82
N SER B 272 -31.57 -14.30 -4.83
CA SER B 272 -31.86 -14.93 -3.54
C SER B 272 -32.56 -16.27 -3.64
N LEU B 273 -32.41 -16.95 -4.79
CA LEU B 273 -33.04 -18.24 -5.05
C LEU B 273 -32.57 -19.31 -4.09
N ARG B 274 -33.52 -20.09 -3.58
CA ARG B 274 -33.20 -21.20 -2.68
C ARG B 274 -33.50 -22.57 -3.30
N LYS B 275 -34.44 -22.61 -4.26
CA LYS B 275 -34.80 -23.83 -4.98
C LYS B 275 -34.94 -23.51 -6.46
N ILE B 276 -34.37 -24.36 -7.32
CA ILE B 276 -34.44 -24.20 -8.76
C ILE B 276 -35.43 -25.25 -9.27
N ASN B 277 -36.45 -24.82 -10.01
CA ASN B 277 -37.45 -25.74 -10.54
C ASN B 277 -36.92 -26.33 -11.84
N ALA B 278 -36.86 -27.66 -11.92
CA ALA B 278 -36.37 -28.37 -13.09
C ALA B 278 -37.27 -28.19 -14.31
N ALA B 279 -38.58 -27.95 -14.09
CA ALA B 279 -39.57 -27.74 -15.16
C ALA B 279 -39.29 -26.48 -16.00
N TRP B 280 -38.44 -25.56 -15.51
CA TRP B 280 -38.07 -24.37 -16.25
C TRP B 280 -37.24 -24.74 -17.49
N PHE B 281 -36.39 -25.77 -17.38
CA PHE B 281 -35.49 -26.17 -18.45
C PHE B 281 -35.97 -27.39 -19.26
N LYS B 282 -37.25 -27.80 -19.11
CA LYS B 282 -37.76 -28.94 -19.87
C LYS B 282 -37.92 -28.63 -21.37
N ASN B 283 -38.13 -27.36 -21.72
CA ASN B 283 -38.25 -26.94 -23.11
C ASN B 283 -37.14 -25.93 -23.42
N MET B 284 -35.92 -26.24 -23.00
CA MET B 284 -34.75 -25.39 -23.21
C MET B 284 -33.56 -26.31 -23.48
N PRO B 285 -33.57 -27.02 -24.62
CA PRO B 285 -32.48 -27.99 -24.88
C PRO B 285 -31.15 -27.36 -25.31
N HIS B 286 -31.16 -26.06 -25.69
CA HIS B 286 -29.96 -25.40 -26.14
C HIS B 286 -29.31 -24.49 -25.11
N LEU B 287 -29.73 -24.57 -23.82
CA LEU B 287 -29.16 -23.70 -22.78
C LEU B 287 -27.67 -23.94 -22.65
N LYS B 288 -26.87 -22.92 -22.95
CA LYS B 288 -25.42 -22.97 -22.97
C LYS B 288 -24.76 -22.32 -21.75
N VAL B 289 -25.23 -21.14 -21.34
CA VAL B 289 -24.65 -20.44 -20.19
C VAL B 289 -25.68 -20.22 -19.09
N LEU B 290 -25.45 -20.77 -17.90
CA LEU B 290 -26.37 -20.58 -16.77
C LEU B 290 -25.66 -19.93 -15.60
N ASP B 291 -26.09 -18.72 -15.25
CA ASP B 291 -25.48 -17.98 -14.16
C ASP B 291 -26.35 -18.02 -12.91
N LEU B 292 -25.88 -18.69 -11.84
CA LEU B 292 -26.61 -18.80 -10.58
C LEU B 292 -25.77 -18.30 -9.39
N GLU B 293 -24.89 -17.32 -9.63
CA GLU B 293 -24.05 -16.78 -8.57
C GLU B 293 -24.80 -15.84 -7.63
N PHE B 294 -24.29 -15.66 -6.40
CA PHE B 294 -24.89 -14.82 -5.38
C PHE B 294 -26.30 -15.25 -5.01
N ASN B 295 -26.46 -16.55 -4.73
CA ASN B 295 -27.74 -17.15 -4.35
C ASN B 295 -27.57 -18.01 -3.08
N TYR B 296 -28.61 -18.75 -2.66
CA TYR B 296 -28.53 -19.61 -1.49
C TYR B 296 -28.81 -21.03 -1.97
N LEU B 297 -27.94 -21.56 -2.84
CA LEU B 297 -28.16 -22.87 -3.44
C LEU B 297 -27.17 -23.94 -2.98
N VAL B 298 -26.77 -23.93 -1.70
CA VAL B 298 -25.89 -24.99 -1.17
C VAL B 298 -26.65 -26.34 -1.19
N GLY B 299 -27.93 -26.31 -0.81
CA GLY B 299 -28.78 -27.48 -0.82
C GLY B 299 -29.13 -27.92 -2.22
N GLU B 300 -29.36 -26.95 -3.13
CA GLU B 300 -29.64 -27.23 -4.53
C GLU B 300 -28.44 -27.79 -5.28
N ILE B 301 -27.22 -27.49 -4.82
CA ILE B 301 -26.01 -28.04 -5.43
C ILE B 301 -25.87 -29.52 -5.02
N ALA B 302 -26.28 -29.88 -3.79
CA ALA B 302 -26.21 -31.24 -3.26
C ALA B 302 -27.26 -32.18 -3.85
N SER B 303 -28.49 -31.70 -4.09
CA SER B 303 -29.55 -32.54 -4.65
C SER B 303 -29.59 -32.42 -6.18
N GLY B 304 -29.56 -31.19 -6.68
CA GLY B 304 -29.50 -30.84 -8.10
C GLY B 304 -30.41 -31.55 -9.09
N ALA B 305 -31.73 -31.49 -8.86
CA ALA B 305 -32.68 -32.11 -9.80
C ALA B 305 -32.69 -31.42 -11.17
N PHE B 306 -32.39 -30.12 -11.20
CA PHE B 306 -32.34 -29.31 -12.41
C PHE B 306 -31.13 -29.64 -13.31
N LEU B 307 -30.08 -30.28 -12.75
CA LEU B 307 -28.86 -30.62 -13.50
C LEU B 307 -29.09 -31.65 -14.61
N THR B 308 -30.12 -32.49 -14.48
CA THR B 308 -30.44 -33.47 -15.52
C THR B 308 -31.06 -32.79 -16.75
N MET B 309 -31.71 -31.63 -16.57
CA MET B 309 -32.36 -30.90 -17.66
C MET B 309 -31.38 -30.06 -18.51
N LEU B 310 -30.07 -30.15 -18.24
CA LEU B 310 -29.09 -29.33 -18.97
C LEU B 310 -28.02 -30.21 -19.67
N PRO B 311 -28.38 -30.96 -20.72
CA PRO B 311 -27.38 -31.81 -21.39
C PRO B 311 -26.43 -31.09 -22.33
N ARG B 312 -26.72 -29.81 -22.65
CA ARG B 312 -25.86 -29.03 -23.54
C ARG B 312 -25.25 -27.79 -22.89
N LEU B 313 -25.36 -27.65 -21.55
CA LEU B 313 -24.82 -26.52 -20.80
C LEU B 313 -23.31 -26.55 -20.82
N GLU B 314 -22.66 -25.46 -21.21
CA GLU B 314 -21.21 -25.40 -21.26
C GLU B 314 -20.60 -24.61 -20.12
N ILE B 315 -21.28 -23.54 -19.66
CA ILE B 315 -20.75 -22.74 -18.56
C ILE B 315 -21.74 -22.68 -17.39
N LEU B 316 -21.31 -23.17 -16.23
CA LEU B 316 -22.15 -23.14 -15.04
C LEU B 316 -21.45 -22.41 -13.90
N ASP B 317 -21.97 -21.25 -13.52
CA ASP B 317 -21.39 -20.48 -12.43
C ASP B 317 -22.32 -20.54 -11.21
N LEU B 318 -21.85 -21.13 -10.12
CA LEU B 318 -22.58 -21.20 -8.86
C LEU B 318 -21.76 -20.51 -7.76
N SER B 319 -21.04 -19.43 -8.09
CA SER B 319 -20.18 -18.72 -7.14
C SER B 319 -20.93 -17.91 -6.10
N PHE B 320 -20.30 -17.70 -4.95
CA PHE B 320 -20.83 -16.92 -3.82
C PHE B 320 -22.23 -17.38 -3.42
N ASN B 321 -22.37 -18.70 -3.31
CA ASN B 321 -23.60 -19.34 -2.85
C ASN B 321 -23.48 -19.86 -1.41
N TYR B 322 -22.46 -19.41 -0.66
CA TYR B 322 -22.17 -19.83 0.71
C TYR B 322 -23.26 -19.47 1.69
N ILE B 323 -23.33 -20.22 2.78
CA ILE B 323 -24.27 -19.93 3.86
C ILE B 323 -23.43 -19.12 4.84
N LYS B 324 -23.84 -17.88 5.15
CA LYS B 324 -23.08 -17.01 6.06
C LYS B 324 -22.92 -17.68 7.43
N GLY B 325 -21.68 -17.89 7.83
CA GLY B 325 -21.37 -18.53 9.10
C GLY B 325 -21.18 -20.04 9.01
N SER B 326 -21.38 -20.62 7.81
CA SER B 326 -21.26 -22.05 7.58
C SER B 326 -19.93 -22.41 6.93
N TYR B 327 -19.13 -23.23 7.60
CA TYR B 327 -17.82 -23.67 7.12
C TYR B 327 -17.84 -25.21 7.08
N PRO B 328 -18.48 -25.82 6.06
CA PRO B 328 -18.55 -27.29 6.02
C PRO B 328 -17.20 -27.95 5.84
N GLN B 329 -17.09 -29.20 6.26
CA GLN B 329 -15.86 -29.96 6.12
C GLN B 329 -15.58 -30.23 4.65
N HIS B 330 -16.61 -30.58 3.87
CA HIS B 330 -16.46 -30.91 2.45
C HIS B 330 -17.51 -30.22 1.57
N ILE B 331 -17.32 -30.28 0.24
CA ILE B 331 -18.28 -29.71 -0.69
C ILE B 331 -19.27 -30.80 -1.14
N ASN B 332 -20.57 -30.56 -0.94
CA ASN B 332 -21.59 -31.52 -1.30
C ASN B 332 -22.04 -31.32 -2.74
N ILE B 333 -21.35 -31.98 -3.68
CA ILE B 333 -21.64 -31.91 -5.10
C ILE B 333 -22.56 -33.06 -5.46
N SER B 334 -23.70 -32.76 -6.12
CA SER B 334 -24.67 -33.79 -6.49
C SER B 334 -24.11 -34.79 -7.49
N ARG B 335 -24.64 -36.01 -7.47
CA ARG B 335 -24.28 -37.03 -8.43
C ARG B 335 -24.77 -36.60 -9.83
N ASN B 336 -25.94 -35.91 -9.90
CA ASN B 336 -26.53 -35.39 -11.14
C ASN B 336 -25.61 -34.44 -11.92
N PHE B 337 -24.49 -33.98 -11.31
CA PHE B 337 -23.50 -33.16 -12.00
C PHE B 337 -22.86 -33.94 -13.17
N SER B 338 -22.86 -35.28 -13.10
CA SER B 338 -22.34 -36.17 -14.14
C SER B 338 -23.16 -36.10 -15.43
N LYS B 339 -24.43 -35.67 -15.35
CA LYS B 339 -25.30 -35.53 -16.52
C LYS B 339 -25.02 -34.24 -17.35
N LEU B 340 -24.11 -33.37 -16.87
CA LEU B 340 -23.74 -32.14 -17.58
C LEU B 340 -22.63 -32.46 -18.59
N LEU B 341 -22.92 -33.38 -19.52
CA LEU B 341 -21.99 -33.88 -20.54
C LEU B 341 -21.28 -32.79 -21.34
N SER B 342 -21.97 -31.70 -21.69
CA SER B 342 -21.36 -30.63 -22.47
C SER B 342 -20.62 -29.58 -21.64
N LEU B 343 -20.59 -29.73 -20.28
CA LEU B 343 -19.94 -28.75 -19.41
C LEU B 343 -18.44 -28.61 -19.64
N ARG B 344 -17.97 -27.38 -19.84
CA ARG B 344 -16.55 -27.12 -20.01
C ARG B 344 -15.98 -26.13 -18.98
N ALA B 345 -16.83 -25.41 -18.24
CA ALA B 345 -16.35 -24.48 -17.22
C ALA B 345 -17.28 -24.43 -16.02
N LEU B 346 -16.76 -24.82 -14.85
CA LEU B 346 -17.52 -24.79 -13.61
C LEU B 346 -16.92 -23.79 -12.63
N HIS B 347 -17.65 -22.72 -12.33
CA HIS B 347 -17.17 -21.69 -11.41
C HIS B 347 -17.82 -21.89 -10.03
N LEU B 348 -17.03 -22.40 -9.08
CA LEU B 348 -17.51 -22.66 -7.73
C LEU B 348 -16.78 -21.85 -6.65
N ARG B 349 -16.68 -20.54 -6.86
CA ARG B 349 -16.08 -19.65 -5.86
C ARG B 349 -17.07 -19.40 -4.71
N GLY B 350 -16.60 -18.82 -3.61
CA GLY B 350 -17.46 -18.46 -2.49
C GLY B 350 -18.44 -19.51 -1.98
N TYR B 351 -18.07 -20.78 -2.03
CA TYR B 351 -18.88 -21.85 -1.44
C TYR B 351 -18.45 -21.96 0.03
N VAL B 352 -17.13 -21.87 0.30
CA VAL B 352 -16.48 -21.91 1.61
C VAL B 352 -16.55 -23.29 2.22
N PHE B 353 -15.48 -24.08 2.07
CA PHE B 353 -15.37 -25.42 2.63
C PHE B 353 -13.93 -25.72 3.05
N GLN B 354 -13.75 -26.54 4.09
CA GLN B 354 -12.43 -26.82 4.63
C GLN B 354 -11.56 -27.81 3.89
N GLU B 355 -12.17 -28.77 3.18
CA GLU B 355 -11.38 -29.83 2.54
C GLU B 355 -11.97 -30.36 1.25
N LEU B 356 -11.14 -30.47 0.20
CA LEU B 356 -11.58 -31.04 -1.06
C LEU B 356 -11.04 -32.46 -1.15
N ARG B 357 -11.93 -33.43 -1.33
CA ARG B 357 -11.54 -34.83 -1.45
C ARG B 357 -11.80 -35.37 -2.86
N GLU B 358 -11.13 -36.48 -3.23
CA GLU B 358 -11.32 -37.11 -4.53
C GLU B 358 -12.78 -37.55 -4.71
N ASP B 359 -13.41 -38.07 -3.64
CA ASP B 359 -14.80 -38.52 -3.66
C ASP B 359 -15.76 -37.39 -3.98
N ASP B 360 -15.50 -36.19 -3.44
CA ASP B 360 -16.36 -35.03 -3.65
C ASP B 360 -16.42 -34.63 -5.12
N PHE B 361 -15.33 -34.83 -5.86
CA PHE B 361 -15.27 -34.44 -7.27
C PHE B 361 -15.42 -35.61 -8.25
N GLN B 362 -15.98 -36.74 -7.78
CA GLN B 362 -16.21 -37.91 -8.62
C GLN B 362 -17.23 -37.64 -9.77
N PRO B 363 -18.33 -36.88 -9.58
CA PRO B 363 -19.26 -36.64 -10.70
C PRO B 363 -18.67 -35.86 -11.88
N LEU B 364 -17.60 -35.09 -11.65
CA LEU B 364 -16.99 -34.27 -12.70
C LEU B 364 -15.89 -34.98 -13.50
N MET B 365 -15.38 -36.09 -12.99
CA MET B 365 -14.25 -36.79 -13.61
C MET B 365 -14.55 -37.48 -14.94
N GLN B 366 -15.80 -37.87 -15.22
CA GLN B 366 -16.09 -38.53 -16.49
C GLN B 366 -16.62 -37.56 -17.58
N LEU B 367 -16.77 -36.27 -17.25
CA LEU B 367 -17.20 -35.26 -18.22
C LEU B 367 -16.08 -35.10 -19.26
N PRO B 368 -16.39 -35.32 -20.54
CA PRO B 368 -15.34 -35.30 -21.56
C PRO B 368 -14.82 -33.94 -21.97
N ASN B 369 -15.54 -32.86 -21.63
CA ASN B 369 -15.13 -31.52 -22.05
C ASN B 369 -14.76 -30.57 -20.92
N LEU B 370 -14.89 -30.99 -19.65
CA LEU B 370 -14.56 -30.11 -18.53
C LEU B 370 -13.09 -29.73 -18.54
N SER B 371 -12.82 -28.46 -18.85
CA SER B 371 -11.48 -27.92 -18.92
C SER B 371 -11.19 -26.84 -17.88
N THR B 372 -12.20 -26.33 -17.16
CA THR B 372 -11.97 -25.27 -16.18
C THR B 372 -12.68 -25.52 -14.85
N ILE B 373 -11.92 -25.50 -13.75
CA ILE B 373 -12.50 -25.63 -12.42
C ILE B 373 -12.10 -24.42 -11.61
N ASN B 374 -13.08 -23.58 -11.29
CA ASN B 374 -12.82 -22.36 -10.52
C ASN B 374 -13.17 -22.62 -9.07
N LEU B 375 -12.19 -22.50 -8.16
CA LEU B 375 -12.42 -22.74 -6.73
C LEU B 375 -11.80 -21.63 -5.86
N GLY B 376 -11.77 -20.40 -6.36
CA GLY B 376 -11.24 -19.28 -5.61
C GLY B 376 -12.10 -18.87 -4.43
N ILE B 377 -11.52 -18.13 -3.46
CA ILE B 377 -12.21 -17.62 -2.27
C ILE B 377 -13.05 -18.71 -1.57
N ASN B 378 -12.45 -19.87 -1.33
CA ASN B 378 -13.13 -20.98 -0.66
C ASN B 378 -12.57 -21.30 0.73
N PHE B 379 -11.41 -20.72 1.08
CA PHE B 379 -10.74 -20.92 2.37
C PHE B 379 -10.48 -22.38 2.65
N ILE B 380 -10.08 -23.14 1.61
CA ILE B 380 -9.82 -24.56 1.78
C ILE B 380 -8.54 -24.78 2.53
N LYS B 381 -8.61 -25.42 3.71
CA LYS B 381 -7.43 -25.70 4.51
C LYS B 381 -6.49 -26.63 3.79
N GLN B 382 -7.01 -27.67 3.12
CA GLN B 382 -6.17 -28.58 2.34
C GLN B 382 -6.93 -29.42 1.32
N ILE B 383 -6.36 -29.57 0.13
CA ILE B 383 -6.93 -30.33 -0.97
C ILE B 383 -6.09 -31.59 -1.23
N ASP B 384 -6.74 -32.69 -1.58
CA ASP B 384 -6.06 -33.91 -1.95
C ASP B 384 -5.76 -33.78 -3.45
N PHE B 385 -4.56 -33.32 -3.79
CA PHE B 385 -4.17 -33.03 -5.18
C PHE B 385 -4.13 -34.22 -6.14
N LYS B 386 -4.26 -35.48 -5.66
CA LYS B 386 -4.27 -36.63 -6.58
C LYS B 386 -5.58 -36.74 -7.37
N LEU B 387 -6.63 -35.98 -7.00
CA LEU B 387 -7.90 -36.00 -7.71
C LEU B 387 -7.82 -35.30 -9.07
N PHE B 388 -6.89 -34.35 -9.25
CA PHE B 388 -6.76 -33.61 -10.50
C PHE B 388 -6.20 -34.45 -11.66
N GLN B 389 -5.54 -35.57 -11.35
CA GLN B 389 -5.07 -36.50 -12.38
C GLN B 389 -6.24 -37.33 -12.96
N ASN B 390 -7.40 -37.36 -12.29
CA ASN B 390 -8.57 -38.12 -12.67
C ASN B 390 -9.48 -37.46 -13.70
N PHE B 391 -9.12 -36.28 -14.21
CA PHE B 391 -9.94 -35.59 -15.20
C PHE B 391 -9.52 -35.92 -16.64
N SER B 392 -10.38 -35.58 -17.62
CA SER B 392 -10.07 -35.87 -19.02
C SER B 392 -9.25 -34.75 -19.70
N ASN B 393 -9.79 -33.52 -19.76
CA ASN B 393 -9.09 -32.42 -20.42
C ASN B 393 -9.00 -31.18 -19.53
N LEU B 394 -8.72 -31.39 -18.23
CA LEU B 394 -8.61 -30.30 -17.28
C LEU B 394 -7.43 -29.39 -17.58
N GLU B 395 -7.70 -28.24 -18.21
CA GLU B 395 -6.66 -27.31 -18.59
C GLU B 395 -6.43 -26.22 -17.56
N ILE B 396 -7.46 -25.83 -16.80
CA ILE B 396 -7.35 -24.74 -15.84
C ILE B 396 -7.85 -25.10 -14.44
N ILE B 397 -6.94 -25.11 -13.46
CA ILE B 397 -7.30 -25.36 -12.07
C ILE B 397 -7.02 -24.09 -11.28
N TYR B 398 -8.07 -23.29 -11.02
CA TYR B 398 -7.93 -22.03 -10.31
C TYR B 398 -8.20 -22.22 -8.82
N LEU B 399 -7.14 -22.20 -8.01
CA LEU B 399 -7.28 -22.39 -6.57
C LEU B 399 -6.75 -21.17 -5.80
N SER B 400 -6.81 -19.98 -6.39
CA SER B 400 -6.31 -18.76 -5.74
C SER B 400 -7.18 -18.33 -4.55
N GLU B 401 -6.57 -17.58 -3.62
CA GLU B 401 -7.22 -17.07 -2.41
C GLU B 401 -7.79 -18.16 -1.50
N ASN B 402 -7.06 -19.26 -1.37
CA ASN B 402 -7.42 -20.37 -0.50
C ASN B 402 -6.45 -20.47 0.71
N ARG B 403 -6.61 -21.46 1.59
CA ARG B 403 -5.75 -21.59 2.78
C ARG B 403 -4.82 -22.79 2.73
N ILE B 404 -4.43 -23.22 1.52
CA ILE B 404 -3.55 -24.37 1.37
C ILE B 404 -2.19 -24.09 2.00
N SER B 405 -1.76 -24.98 2.89
CA SER B 405 -0.51 -24.85 3.64
C SER B 405 0.61 -25.74 3.06
N PRO B 406 1.89 -25.55 3.45
CA PRO B 406 2.97 -26.42 2.94
C PRO B 406 2.78 -27.93 3.13
N LEU B 407 3.31 -28.72 2.15
CA LEU B 407 3.26 -30.19 2.06
C LEU B 407 1.83 -30.74 1.97
N ASP B 436 -18.59 1.21 -15.01
CA ASP B 436 -18.84 0.75 -16.37
C ASP B 436 -20.18 0.02 -16.46
N PRO B 437 -21.18 0.64 -17.10
CA PRO B 437 -22.49 -0.03 -17.22
C PRO B 437 -22.56 -1.12 -18.28
N HIS B 438 -21.53 -1.26 -19.13
CA HIS B 438 -21.50 -2.28 -20.17
C HIS B 438 -20.62 -3.47 -19.74
N SER B 439 -20.70 -3.83 -18.45
CA SER B 439 -19.91 -4.93 -17.91
C SER B 439 -20.79 -6.00 -17.28
N ASN B 440 -20.27 -7.21 -17.16
CA ASN B 440 -20.98 -8.30 -16.49
C ASN B 440 -20.70 -8.07 -15.01
N PHE B 441 -21.65 -7.45 -14.31
CA PHE B 441 -21.49 -7.10 -12.90
C PHE B 441 -21.49 -8.27 -11.93
N TYR B 442 -21.82 -9.49 -12.39
CA TYR B 442 -21.88 -10.66 -11.51
C TYR B 442 -20.92 -11.78 -11.85
N HIS B 443 -20.39 -11.80 -13.08
CA HIS B 443 -19.50 -12.86 -13.50
C HIS B 443 -18.08 -12.38 -13.74
N PHE B 444 -17.10 -13.15 -13.32
CA PHE B 444 -15.69 -12.84 -13.51
C PHE B 444 -15.34 -13.19 -14.97
N THR B 445 -15.29 -12.18 -15.83
CA THR B 445 -15.03 -12.38 -17.26
C THR B 445 -13.56 -12.35 -17.64
N ARG B 446 -12.72 -11.67 -16.84
CA ARG B 446 -11.28 -11.62 -17.10
C ARG B 446 -10.68 -13.02 -16.93
N PRO B 447 -9.69 -13.41 -17.75
CA PRO B 447 -9.11 -14.76 -17.63
C PRO B 447 -8.57 -15.05 -16.23
N LEU B 448 -8.93 -16.22 -15.67
CA LEU B 448 -8.50 -16.62 -14.32
C LEU B 448 -6.98 -16.67 -14.25
N ILE B 449 -6.35 -17.23 -15.27
CA ILE B 449 -4.90 -17.32 -15.38
C ILE B 449 -4.50 -16.57 -16.66
N LYS B 450 -3.42 -15.75 -16.59
CA LYS B 450 -2.93 -14.97 -17.73
C LYS B 450 -2.81 -15.80 -19.02
N PRO B 451 -3.36 -15.29 -20.14
CA PRO B 451 -3.31 -16.06 -21.40
C PRO B 451 -1.92 -16.54 -21.80
N GLN B 452 -0.90 -15.72 -21.54
CA GLN B 452 0.50 -16.04 -21.84
C GLN B 452 0.98 -17.27 -21.07
N CYS B 453 0.43 -17.51 -19.87
CA CYS B 453 0.80 -18.64 -19.03
C CYS B 453 -0.01 -19.89 -19.40
N ALA B 454 -1.35 -19.77 -19.45
CA ALA B 454 -2.25 -20.88 -19.74
C ALA B 454 -2.03 -21.48 -21.13
N ALA B 455 -1.45 -20.72 -22.07
CA ALA B 455 -1.19 -21.21 -23.41
C ALA B 455 -0.15 -22.34 -23.44
N TYR B 456 0.72 -22.42 -22.42
CA TYR B 456 1.75 -23.45 -22.37
C TYR B 456 1.20 -24.85 -22.12
N GLY B 457 0.07 -24.96 -21.45
CA GLY B 457 -0.55 -26.25 -21.17
C GLY B 457 -1.47 -26.22 -19.98
N LYS B 458 -1.39 -27.26 -19.13
CA LYS B 458 -2.21 -27.31 -17.93
C LYS B 458 -1.74 -26.23 -16.96
N ALA B 459 -2.69 -25.45 -16.43
CA ALA B 459 -2.35 -24.34 -15.56
C ALA B 459 -2.95 -24.51 -14.16
N LEU B 460 -2.13 -24.34 -13.13
CA LEU B 460 -2.58 -24.46 -11.74
C LEU B 460 -2.26 -23.15 -11.00
N ASP B 461 -3.30 -22.44 -10.56
CA ASP B 461 -3.12 -21.19 -9.87
C ASP B 461 -3.27 -21.40 -8.39
N LEU B 462 -2.17 -21.37 -7.65
CA LEU B 462 -2.18 -21.52 -6.20
C LEU B 462 -1.73 -20.22 -5.51
N SER B 463 -2.00 -19.07 -6.12
CA SER B 463 -1.61 -17.78 -5.55
C SER B 463 -2.47 -17.37 -4.36
N LEU B 464 -1.94 -16.51 -3.49
CA LEU B 464 -2.65 -16.01 -2.32
C LEU B 464 -3.14 -17.11 -1.38
N ASN B 465 -2.28 -18.09 -1.17
CA ASN B 465 -2.57 -19.20 -0.28
C ASN B 465 -1.70 -19.13 0.99
N SER B 466 -1.71 -20.17 1.84
CA SER B 466 -0.90 -20.16 3.07
C SER B 466 0.41 -20.95 2.89
N ILE B 467 0.93 -21.05 1.66
CA ILE B 467 2.16 -21.82 1.39
C ILE B 467 3.38 -20.96 1.70
N PHE B 468 3.81 -20.92 2.97
CA PHE B 468 4.97 -20.11 3.36
C PHE B 468 6.33 -20.72 2.99
N PHE B 469 6.34 -21.98 2.52
CA PHE B 469 7.52 -22.66 2.03
C PHE B 469 7.09 -23.85 1.17
N ILE B 470 7.82 -24.12 0.08
CA ILE B 470 7.49 -25.23 -0.81
C ILE B 470 7.84 -26.56 -0.15
N GLY B 471 6.82 -27.26 0.36
CA GLY B 471 7.00 -28.53 1.04
C GLY B 471 7.48 -29.65 0.14
N PRO B 472 7.95 -30.77 0.73
CA PRO B 472 8.43 -31.88 -0.11
C PRO B 472 7.29 -32.54 -0.89
N ASN B 473 6.09 -32.62 -0.29
CA ASN B 473 4.93 -33.20 -0.96
C ASN B 473 4.00 -32.08 -1.46
N GLN B 474 4.55 -30.94 -1.87
CA GLN B 474 3.75 -29.81 -2.32
C GLN B 474 3.08 -30.07 -3.67
N PHE B 475 3.80 -30.74 -4.56
CA PHE B 475 3.28 -31.00 -5.90
C PHE B 475 3.17 -32.47 -6.27
N GLU B 476 3.29 -33.39 -5.29
CA GLU B 476 3.18 -34.82 -5.58
C GLU B 476 1.76 -35.18 -5.99
N ASN B 477 1.64 -36.12 -6.94
CA ASN B 477 0.36 -36.61 -7.47
C ASN B 477 -0.41 -35.55 -8.26
N LEU B 478 0.30 -34.62 -8.90
CA LEU B 478 -0.32 -33.59 -9.71
C LEU B 478 -0.21 -33.94 -11.21
N PRO B 479 -1.11 -33.42 -12.06
CA PRO B 479 -0.97 -33.68 -13.51
C PRO B 479 0.31 -33.07 -14.10
N ASP B 480 0.56 -33.23 -15.42
CA ASP B 480 1.76 -32.67 -16.04
C ASP B 480 1.57 -31.17 -16.26
N ILE B 481 1.78 -30.40 -15.19
CA ILE B 481 1.60 -28.95 -15.14
C ILE B 481 2.61 -28.18 -16.01
N ALA B 482 2.10 -27.25 -16.83
CA ALA B 482 2.93 -26.41 -17.70
C ALA B 482 2.90 -24.92 -17.31
N CYS B 483 1.97 -24.51 -16.45
CA CYS B 483 1.86 -23.12 -15.99
C CYS B 483 1.54 -23.20 -14.50
N LEU B 484 2.37 -22.57 -13.66
CA LEU B 484 2.16 -22.62 -12.22
C LEU B 484 2.21 -21.23 -11.57
N ASN B 485 1.14 -20.84 -10.87
CA ASN B 485 1.11 -19.55 -10.20
C ASN B 485 1.25 -19.69 -8.69
N LEU B 486 2.42 -19.34 -8.16
CA LEU B 486 2.65 -19.37 -6.71
C LEU B 486 2.79 -17.97 -6.13
N SER B 487 2.16 -16.97 -6.76
CA SER B 487 2.23 -15.57 -6.33
C SER B 487 1.67 -15.32 -4.94
N ALA B 488 2.09 -14.20 -4.35
CA ALA B 488 1.63 -13.67 -3.07
C ALA B 488 1.34 -14.72 -1.99
N ASN B 489 2.29 -15.61 -1.76
CA ASN B 489 2.17 -16.66 -0.74
C ASN B 489 3.07 -16.43 0.48
N SER B 490 3.97 -15.43 0.41
CA SER B 490 5.03 -15.17 1.39
C SER B 490 5.90 -16.42 1.51
N ASN B 491 6.24 -17.00 0.36
CA ASN B 491 7.02 -18.21 0.27
C ASN B 491 8.48 -17.89 0.45
N ALA B 492 9.06 -18.36 1.55
CA ALA B 492 10.47 -18.11 1.84
C ALA B 492 11.29 -19.38 1.60
N GLN B 493 10.98 -20.12 0.53
CA GLN B 493 11.71 -21.34 0.21
C GLN B 493 13.11 -21.01 -0.28
N VAL B 494 14.11 -21.76 0.20
CA VAL B 494 15.48 -21.63 -0.27
C VAL B 494 15.58 -22.63 -1.40
N LEU B 495 15.37 -22.16 -2.63
CA LEU B 495 15.39 -22.99 -3.82
C LEU B 495 16.76 -23.67 -4.02
N SER B 496 16.74 -25.01 -4.13
CA SER B 496 17.95 -25.81 -4.22
C SER B 496 18.04 -26.70 -5.47
N GLY B 497 16.90 -27.00 -6.09
CA GLY B 497 16.88 -27.82 -7.30
C GLY B 497 16.11 -29.11 -7.19
N THR B 498 15.28 -29.25 -6.15
CA THR B 498 14.46 -30.46 -5.96
C THR B 498 12.99 -30.16 -5.58
N GLU B 499 12.63 -28.89 -5.41
CA GLU B 499 11.28 -28.48 -4.99
C GLU B 499 10.20 -28.78 -6.04
N PHE B 500 10.52 -28.58 -7.30
CA PHE B 500 9.59 -28.77 -8.42
C PHE B 500 9.91 -30.04 -9.22
N SER B 501 10.39 -31.09 -8.55
CA SER B 501 10.73 -32.33 -9.23
C SER B 501 9.49 -33.12 -9.67
N ALA B 502 8.36 -32.96 -8.97
CA ALA B 502 7.13 -33.67 -9.31
C ALA B 502 6.41 -33.09 -10.54
N ILE B 503 6.70 -31.85 -10.91
CA ILE B 503 6.12 -31.22 -12.07
C ILE B 503 7.26 -30.54 -12.84
N PRO B 504 8.16 -31.33 -13.48
CA PRO B 504 9.34 -30.71 -14.12
C PRO B 504 9.11 -30.08 -15.48
N HIS B 505 7.88 -30.14 -16.02
CA HIS B 505 7.62 -29.57 -17.33
C HIS B 505 6.92 -28.21 -17.26
N VAL B 506 7.24 -27.41 -16.24
CA VAL B 506 6.67 -26.07 -16.10
C VAL B 506 7.35 -25.14 -17.07
N LYS B 507 6.57 -24.44 -17.90
CA LYS B 507 7.11 -23.53 -18.89
C LYS B 507 6.93 -22.06 -18.54
N TYR B 508 5.97 -21.72 -17.69
CA TYR B 508 5.75 -20.34 -17.25
C TYR B 508 5.48 -20.44 -15.76
N LEU B 509 6.44 -20.02 -14.95
CA LEU B 509 6.33 -20.09 -13.51
C LEU B 509 6.24 -18.70 -12.90
N ASP B 510 5.11 -18.38 -12.26
CA ASP B 510 4.92 -17.07 -11.65
C ASP B 510 5.23 -17.15 -10.16
N LEU B 511 6.44 -16.77 -9.75
CA LEU B 511 6.82 -16.78 -8.34
C LEU B 511 6.85 -15.37 -7.75
N THR B 512 5.98 -14.47 -8.23
CA THR B 512 5.95 -13.09 -7.79
C THR B 512 5.44 -12.90 -6.37
N ASN B 513 5.77 -11.76 -5.75
CA ASN B 513 5.35 -11.34 -4.42
C ASN B 513 5.70 -12.33 -3.33
N ASN B 514 6.90 -12.90 -3.39
CA ASN B 514 7.35 -13.86 -2.39
C ASN B 514 8.67 -13.43 -1.73
N ARG B 515 9.11 -14.17 -0.71
CA ARG B 515 10.36 -13.88 -0.03
C ARG B 515 11.34 -15.02 -0.30
N LEU B 516 11.42 -15.47 -1.57
CA LEU B 516 12.24 -16.59 -2.02
C LEU B 516 13.74 -16.35 -1.93
N ASP B 517 14.53 -17.44 -1.91
CA ASP B 517 15.97 -17.39 -1.88
C ASP B 517 16.47 -18.22 -3.06
N PHE B 518 16.99 -17.57 -4.08
CA PHE B 518 17.50 -18.27 -5.26
C PHE B 518 19.01 -18.06 -5.42
N ASP B 519 19.73 -17.93 -4.30
CA ASP B 519 21.18 -17.73 -4.32
C ASP B 519 21.95 -19.02 -4.66
N ASN B 520 21.34 -20.19 -4.42
CA ASN B 520 21.99 -21.46 -4.74
C ASN B 520 22.10 -21.58 -6.25
N ALA B 521 23.28 -21.96 -6.75
CA ALA B 521 23.51 -22.06 -8.19
C ALA B 521 22.58 -23.04 -8.91
N SER B 522 21.99 -23.99 -8.18
CA SER B 522 21.09 -24.96 -8.79
C SER B 522 19.61 -24.69 -8.51
N ALA B 523 19.26 -23.46 -8.11
CA ALA B 523 17.87 -23.11 -7.83
C ALA B 523 17.02 -23.15 -9.09
N LEU B 524 15.84 -23.78 -9.04
CA LEU B 524 14.86 -23.90 -10.13
C LEU B 524 15.32 -24.71 -11.35
N THR B 525 16.59 -25.17 -11.37
CA THR B 525 17.16 -25.91 -12.49
C THR B 525 16.49 -27.26 -12.79
N GLU B 526 15.64 -27.75 -11.88
CA GLU B 526 14.89 -29.00 -12.11
C GLU B 526 13.80 -28.83 -13.21
N LEU B 527 13.43 -27.58 -13.53
CA LEU B 527 12.46 -27.26 -14.58
C LEU B 527 13.25 -27.02 -15.85
N SER B 528 13.70 -28.10 -16.49
CA SER B 528 14.51 -28.05 -17.71
C SER B 528 13.88 -27.25 -18.85
N ASP B 529 12.56 -27.39 -19.03
CA ASP B 529 11.83 -26.72 -20.12
C ASP B 529 11.26 -25.34 -19.74
N LEU B 530 11.76 -24.73 -18.65
CA LEU B 530 11.28 -23.42 -18.21
C LEU B 530 11.54 -22.35 -19.27
N GLU B 531 10.50 -21.58 -19.64
CA GLU B 531 10.60 -20.53 -20.64
C GLU B 531 10.40 -19.14 -20.05
N VAL B 532 9.46 -18.98 -19.12
CA VAL B 532 9.21 -17.68 -18.52
C VAL B 532 9.26 -17.79 -17.00
N LEU B 533 10.05 -16.92 -16.35
CA LEU B 533 10.19 -16.89 -14.90
C LEU B 533 9.86 -15.50 -14.40
N ASP B 534 8.91 -15.40 -13.48
CA ASP B 534 8.48 -14.11 -12.96
C ASP B 534 8.82 -13.99 -11.49
N LEU B 535 9.83 -13.18 -11.14
CA LEU B 535 10.25 -13.01 -9.76
C LEU B 535 10.01 -11.60 -9.23
N SER B 536 9.03 -10.88 -9.79
CA SER B 536 8.69 -9.51 -9.39
C SER B 536 8.35 -9.37 -7.92
N TYR B 537 8.79 -8.27 -7.29
CA TYR B 537 8.52 -7.91 -5.90
C TYR B 537 8.99 -8.97 -4.92
N ASN B 538 10.18 -9.53 -5.16
CA ASN B 538 10.75 -10.55 -4.29
C ASN B 538 11.65 -9.94 -3.24
N SER B 539 11.23 -9.98 -1.96
CA SER B 539 12.04 -9.44 -0.88
C SER B 539 12.88 -10.54 -0.24
N HIS B 540 14.20 -10.59 -0.55
CA HIS B 540 15.12 -11.62 -0.03
C HIS B 540 15.09 -11.65 1.51
N TYR B 541 14.73 -12.81 2.06
CA TYR B 541 14.54 -13.01 3.49
C TYR B 541 15.79 -13.57 4.23
N PHE B 542 16.80 -14.02 3.48
CA PHE B 542 17.99 -14.61 4.08
C PHE B 542 19.25 -14.05 3.43
N ARG B 543 19.32 -12.73 3.30
CA ARG B 543 20.42 -12.02 2.64
C ARG B 543 21.78 -12.23 3.31
N ILE B 544 22.70 -12.92 2.62
CA ILE B 544 24.05 -13.15 3.13
C ILE B 544 25.00 -12.15 2.48
N ALA B 545 25.70 -11.35 3.29
CA ALA B 545 26.62 -10.28 2.88
C ALA B 545 27.50 -10.60 1.65
N GLY B 546 28.23 -11.72 1.66
CA GLY B 546 29.08 -12.07 0.53
C GLY B 546 28.47 -13.07 -0.45
N VAL B 547 27.13 -13.18 -0.47
CA VAL B 547 26.45 -14.14 -1.35
C VAL B 547 25.26 -13.52 -2.10
N THR B 548 24.24 -13.01 -1.38
CA THR B 548 23.05 -12.41 -1.99
C THR B 548 23.41 -11.08 -2.69
N HIS B 549 23.02 -10.89 -3.96
CA HIS B 549 22.28 -11.83 -4.79
C HIS B 549 23.26 -12.65 -5.66
N HIS B 550 22.92 -13.91 -5.90
CA HIS B 550 23.74 -14.79 -6.73
C HIS B 550 22.85 -15.32 -7.85
N LEU B 551 22.92 -14.70 -9.02
CA LEU B 551 22.08 -15.06 -10.15
C LEU B 551 22.70 -16.08 -11.11
N GLU B 552 23.56 -16.96 -10.61
CA GLU B 552 24.21 -17.96 -11.47
C GLU B 552 23.33 -19.16 -11.84
N PHE B 553 22.11 -19.24 -11.29
CA PHE B 553 21.17 -20.32 -11.61
C PHE B 553 20.61 -20.23 -13.03
N ILE B 554 20.57 -19.01 -13.59
CA ILE B 554 20.07 -18.68 -14.92
C ILE B 554 20.86 -19.36 -16.05
N GLN B 555 22.17 -19.54 -15.85
CA GLN B 555 23.04 -20.16 -16.84
C GLN B 555 22.73 -21.65 -17.08
N ASN B 556 22.06 -22.33 -16.13
CA ASN B 556 21.72 -23.74 -16.28
C ASN B 556 20.35 -23.96 -16.96
N PHE B 557 19.88 -22.99 -17.75
CA PHE B 557 18.61 -23.12 -18.47
C PHE B 557 18.85 -23.02 -19.97
N THR B 558 18.56 -24.10 -20.70
CA THR B 558 18.76 -24.11 -22.15
C THR B 558 17.64 -23.45 -22.96
N ASN B 559 16.49 -23.16 -22.33
CA ASN B 559 15.37 -22.59 -23.06
C ASN B 559 14.63 -21.48 -22.32
N LEU B 560 15.27 -20.86 -21.33
CA LEU B 560 14.64 -19.76 -20.60
C LEU B 560 14.65 -18.52 -21.48
N LYS B 561 13.47 -18.03 -21.88
CA LYS B 561 13.33 -16.87 -22.75
C LYS B 561 13.06 -15.56 -21.99
N VAL B 562 12.08 -15.55 -21.08
CA VAL B 562 11.73 -14.32 -20.36
C VAL B 562 12.00 -14.43 -18.86
N LEU B 563 12.71 -13.44 -18.29
CA LEU B 563 13.01 -13.40 -16.86
C LEU B 563 12.67 -12.01 -16.33
N ASN B 564 11.84 -11.95 -15.29
CA ASN B 564 11.47 -10.68 -14.70
C ASN B 564 12.01 -10.60 -13.28
N LEU B 565 13.11 -9.88 -13.09
CA LEU B 565 13.69 -9.69 -11.76
C LEU B 565 13.34 -8.30 -11.21
N SER B 566 12.15 -7.79 -11.54
CA SER B 566 11.76 -6.46 -11.10
C SER B 566 11.50 -6.34 -9.62
N HIS B 567 11.78 -5.16 -9.06
CA HIS B 567 11.58 -4.81 -7.66
C HIS B 567 12.12 -5.83 -6.67
N ASN B 568 13.26 -6.44 -6.99
CA ASN B 568 13.90 -7.40 -6.09
C ASN B 568 14.92 -6.74 -5.16
N ASN B 569 15.11 -5.41 -5.25
CA ASN B 569 16.07 -4.64 -4.46
C ASN B 569 17.47 -5.19 -4.67
N ILE B 570 17.84 -5.43 -5.93
CA ILE B 570 19.15 -5.97 -6.24
C ILE B 570 20.17 -4.85 -6.28
N TYR B 571 20.90 -4.68 -5.19
CA TYR B 571 21.96 -3.67 -5.12
C TYR B 571 23.37 -4.28 -5.00
N THR B 572 23.48 -5.62 -4.95
CA THR B 572 24.74 -6.32 -4.82
C THR B 572 24.69 -7.71 -5.48
N LEU B 573 25.75 -8.05 -6.23
CA LEU B 573 25.91 -9.34 -6.90
C LEU B 573 27.24 -10.00 -6.52
N THR B 574 27.32 -11.34 -6.53
CA THR B 574 28.54 -12.03 -6.10
C THR B 574 29.10 -13.10 -7.05
N ASP B 575 30.41 -13.47 -6.84
CA ASP B 575 31.22 -14.48 -7.56
C ASP B 575 31.12 -14.32 -9.09
N LYS B 576 30.10 -14.89 -9.72
CA LYS B 576 29.83 -14.70 -11.13
C LYS B 576 28.99 -13.43 -11.12
N TYR B 577 29.65 -12.27 -10.96
CA TYR B 577 29.02 -10.95 -10.90
C TYR B 577 28.16 -10.71 -12.15
N ASN B 578 28.65 -11.17 -13.30
CA ASN B 578 27.97 -11.07 -14.58
C ASN B 578 26.99 -12.24 -14.75
N LEU B 579 25.84 -11.96 -15.36
CA LEU B 579 24.83 -12.95 -15.70
C LEU B 579 25.19 -13.54 -17.08
N GLU B 580 24.97 -14.84 -17.29
CA GLU B 580 25.27 -15.48 -18.57
C GLU B 580 24.13 -16.38 -19.02
N SER B 581 23.65 -16.21 -20.26
CA SER B 581 22.57 -17.04 -20.80
C SER B 581 22.60 -17.10 -22.32
N LYS B 582 22.44 -18.31 -22.89
CA LYS B 582 22.45 -18.47 -24.34
C LYS B 582 21.05 -18.39 -24.96
N SER B 583 19.98 -18.50 -24.16
CA SER B 583 18.62 -18.50 -24.69
C SER B 583 17.76 -17.32 -24.26
N LEU B 584 18.19 -16.54 -23.24
CA LEU B 584 17.39 -15.41 -22.75
C LEU B 584 17.17 -14.38 -23.83
N VAL B 585 15.94 -13.90 -23.95
CA VAL B 585 15.54 -12.93 -24.96
C VAL B 585 15.06 -11.62 -24.31
N GLU B 586 14.41 -11.71 -23.15
CA GLU B 586 13.91 -10.52 -22.47
C GLU B 586 14.23 -10.55 -20.97
N LEU B 587 14.80 -9.47 -20.44
CA LEU B 587 15.10 -9.36 -19.02
C LEU B 587 14.52 -8.06 -18.48
N VAL B 588 13.68 -8.15 -17.45
CA VAL B 588 13.09 -6.98 -16.83
C VAL B 588 13.82 -6.72 -15.52
N PHE B 589 14.71 -5.73 -15.50
CA PHE B 589 15.49 -5.40 -14.31
C PHE B 589 14.99 -4.12 -13.60
N SER B 590 13.77 -3.69 -13.89
CA SER B 590 13.21 -2.47 -13.28
C SER B 590 13.03 -2.55 -11.77
N GLY B 591 12.98 -1.42 -11.09
CA GLY B 591 12.79 -1.38 -9.65
C GLY B 591 13.94 -1.90 -8.81
N ASN B 592 15.14 -1.93 -9.39
CA ASN B 592 16.31 -2.40 -8.67
C ASN B 592 17.28 -1.21 -8.40
N ARG B 593 18.51 -1.48 -7.91
CA ARG B 593 19.45 -0.41 -7.63
C ARG B 593 20.69 -0.50 -8.52
N LEU B 594 20.54 -0.16 -9.81
CA LEU B 594 21.67 -0.17 -10.74
C LEU B 594 22.66 0.98 -10.50
N ASP B 595 22.22 2.04 -9.79
CA ASP B 595 23.07 3.17 -9.46
C ASP B 595 24.16 2.74 -8.50
N ILE B 596 23.82 1.91 -7.51
CA ILE B 596 24.78 1.38 -6.54
C ILE B 596 25.73 0.40 -7.22
N LEU B 597 25.19 -0.45 -8.12
CA LEU B 597 25.96 -1.43 -8.87
C LEU B 597 26.94 -0.77 -9.84
N TRP B 598 26.54 0.34 -10.46
CA TRP B 598 27.40 1.04 -11.41
C TRP B 598 28.16 2.23 -10.79
N ASN B 599 28.29 2.27 -9.45
CA ASN B 599 29.03 3.34 -8.77
C ASN B 599 30.37 2.83 -8.20
N ARG B 604 33.06 -3.01 -10.42
CA ARG B 604 33.15 -4.46 -10.61
C ARG B 604 31.89 -5.08 -11.26
N TYR B 605 30.93 -4.25 -11.70
CA TYR B 605 29.70 -4.73 -12.35
C TYR B 605 29.48 -4.01 -13.68
N ILE B 606 30.56 -3.74 -14.41
CA ILE B 606 30.57 -3.06 -15.71
C ILE B 606 29.96 -3.99 -16.76
N SER B 607 30.36 -5.26 -16.74
CA SER B 607 29.85 -6.27 -17.67
C SER B 607 28.81 -7.15 -16.99
N ILE B 608 27.78 -6.55 -16.42
CA ILE B 608 26.73 -7.27 -15.70
C ILE B 608 25.82 -8.09 -16.64
N PHE B 609 25.33 -7.47 -17.73
CA PHE B 609 24.45 -8.16 -18.67
C PHE B 609 25.16 -8.56 -19.98
N LYS B 610 26.50 -8.49 -20.03
CA LYS B 610 27.25 -8.83 -21.23
C LYS B 610 27.15 -10.31 -21.62
N GLY B 611 26.91 -11.18 -20.65
CA GLY B 611 26.79 -12.61 -20.89
C GLY B 611 25.49 -13.05 -21.54
N LEU B 612 24.49 -12.17 -21.58
CA LEU B 612 23.20 -12.50 -22.20
C LEU B 612 23.31 -12.13 -23.69
N LYS B 613 24.09 -12.90 -24.45
CA LYS B 613 24.36 -12.67 -25.86
C LYS B 613 23.13 -12.67 -26.77
N ASN B 614 22.11 -13.45 -26.41
CA ASN B 614 20.89 -13.56 -27.21
C ASN B 614 19.79 -12.57 -26.81
N LEU B 615 20.03 -11.72 -25.81
CA LEU B 615 19.05 -10.76 -25.31
C LEU B 615 18.64 -9.70 -26.34
N THR B 616 17.33 -9.53 -26.55
CA THR B 616 16.80 -8.54 -27.48
C THR B 616 16.02 -7.42 -26.76
N ARG B 617 15.45 -7.71 -25.58
CA ARG B 617 14.70 -6.69 -24.83
C ARG B 617 15.22 -6.53 -23.41
N LEU B 618 15.54 -5.29 -23.00
CA LEU B 618 16.04 -5.03 -21.65
C LEU B 618 15.35 -3.83 -21.00
N ASP B 619 14.78 -4.03 -19.82
CA ASP B 619 14.11 -2.95 -19.10
C ASP B 619 14.93 -2.52 -17.89
N LEU B 620 15.57 -1.35 -17.98
CA LEU B 620 16.38 -0.81 -16.88
C LEU B 620 15.72 0.41 -16.24
N SER B 621 14.39 0.49 -16.26
CA SER B 621 13.67 1.61 -15.67
C SER B 621 13.67 1.59 -14.14
N LEU B 622 13.33 2.70 -13.48
CA LEU B 622 13.24 2.79 -12.02
C LEU B 622 14.45 2.25 -11.28
N ASN B 623 15.65 2.56 -11.78
CA ASN B 623 16.89 2.11 -11.13
C ASN B 623 17.67 3.25 -10.47
N ARG B 624 17.04 4.44 -10.29
CA ARG B 624 17.67 5.61 -9.67
C ARG B 624 19.00 5.98 -10.34
N LEU B 625 19.12 5.72 -11.64
CA LEU B 625 20.34 6.00 -12.40
C LEU B 625 20.48 7.46 -12.71
N LYS B 626 21.56 8.07 -12.23
CA LYS B 626 21.85 9.46 -12.51
C LYS B 626 22.81 9.52 -13.71
N HIS B 627 23.85 8.67 -13.70
CA HIS B 627 24.83 8.61 -14.79
C HIS B 627 25.15 7.17 -15.15
N ILE B 628 25.05 6.82 -16.45
CA ILE B 628 25.41 5.48 -16.90
C ILE B 628 26.83 5.55 -17.40
N PRO B 629 27.74 4.78 -16.81
CA PRO B 629 29.14 4.78 -17.27
C PRO B 629 29.27 4.39 -18.73
N ASN B 630 30.17 5.03 -19.47
CA ASN B 630 30.35 4.72 -20.89
C ASN B 630 30.80 3.28 -21.11
N GLU B 631 31.71 2.79 -20.26
CA GLU B 631 32.20 1.42 -20.35
C GLU B 631 31.08 0.43 -20.07
N ALA B 632 30.24 0.74 -19.06
CA ALA B 632 29.12 -0.12 -18.69
C ALA B 632 28.06 -0.14 -19.79
N PHE B 633 27.76 1.00 -20.41
CA PHE B 633 26.77 1.07 -21.48
C PHE B 633 27.25 0.28 -22.70
N LEU B 634 28.54 0.37 -23.01
CA LEU B 634 29.12 -0.36 -24.14
C LEU B 634 29.13 -1.86 -23.91
N ASN B 635 29.16 -2.31 -22.64
CA ASN B 635 29.14 -3.73 -22.31
C ASN B 635 27.72 -4.30 -22.19
N LEU B 636 26.77 -3.73 -22.95
CA LEU B 636 25.39 -4.21 -23.00
C LEU B 636 25.24 -5.14 -24.22
N PRO B 637 24.27 -6.08 -24.22
CA PRO B 637 24.14 -6.99 -25.37
C PRO B 637 23.97 -6.29 -26.69
N ALA B 638 24.85 -6.57 -27.67
CA ALA B 638 24.77 -5.96 -28.99
C ALA B 638 23.52 -6.39 -29.79
N SER B 639 22.88 -7.50 -29.38
CA SER B 639 21.68 -8.00 -30.02
C SER B 639 20.39 -7.27 -29.61
N LEU B 640 20.50 -6.26 -28.71
CA LEU B 640 19.34 -5.52 -28.23
C LEU B 640 18.59 -4.77 -29.33
N THR B 641 17.30 -5.04 -29.44
CA THR B 641 16.41 -4.37 -30.39
C THR B 641 15.38 -3.45 -29.67
N GLU B 642 15.39 -3.41 -28.33
CA GLU B 642 14.44 -2.64 -27.54
C GLU B 642 15.03 -2.38 -26.15
N LEU B 643 15.48 -1.14 -25.89
CA LEU B 643 16.08 -0.79 -24.60
C LEU B 643 15.22 0.23 -23.86
N HIS B 644 14.92 -0.02 -22.59
CA HIS B 644 14.08 0.88 -21.80
C HIS B 644 14.80 1.46 -20.59
N ILE B 645 15.38 2.66 -20.71
CA ILE B 645 16.04 3.30 -19.56
C ILE B 645 15.16 4.44 -19.01
N ASN B 646 13.83 4.34 -19.14
CA ASN B 646 12.89 5.36 -18.70
C ASN B 646 12.74 5.46 -17.17
N ASP B 647 12.06 6.50 -16.67
CA ASP B 647 11.82 6.72 -15.25
C ASP B 647 13.06 6.58 -14.37
N ASN B 648 14.10 7.33 -14.71
CA ASN B 648 15.37 7.38 -13.98
C ASN B 648 15.72 8.87 -13.72
N MET B 649 17.00 9.20 -13.48
CA MET B 649 17.43 10.58 -13.27
C MET B 649 18.62 10.92 -14.16
N LEU B 650 18.65 10.35 -15.37
CA LEU B 650 19.73 10.54 -16.33
C LEU B 650 19.85 11.99 -16.76
N LYS B 651 20.96 12.64 -16.41
CA LYS B 651 21.19 14.02 -16.82
C LYS B 651 21.74 14.05 -18.24
N PHE B 652 22.68 13.13 -18.54
CA PHE B 652 23.28 13.06 -19.87
C PHE B 652 23.17 11.65 -20.48
N PHE B 653 23.21 11.58 -21.81
CA PHE B 653 23.16 10.33 -22.56
C PHE B 653 24.16 10.41 -23.70
N ASN B 654 25.11 9.48 -23.76
CA ASN B 654 26.12 9.48 -24.81
C ASN B 654 25.53 8.82 -26.06
N TRP B 655 25.00 9.64 -26.98
CA TRP B 655 24.39 9.16 -28.22
C TRP B 655 25.38 8.45 -29.16
N THR B 656 26.69 8.73 -29.01
CA THR B 656 27.75 8.15 -29.82
C THR B 656 27.84 6.63 -29.62
N LEU B 657 27.59 6.16 -28.40
CA LEU B 657 27.66 4.73 -28.06
C LEU B 657 26.63 3.86 -28.79
N LEU B 658 25.58 4.46 -29.37
CA LEU B 658 24.56 3.73 -30.11
C LEU B 658 25.09 3.01 -31.35
N GLN B 659 26.33 3.30 -31.78
CA GLN B 659 27.02 2.71 -32.92
C GLN B 659 27.25 1.21 -32.72
N GLN B 660 27.49 0.78 -31.48
CA GLN B 660 27.75 -0.63 -31.20
C GLN B 660 26.47 -1.49 -31.04
N PHE B 661 25.29 -0.92 -31.36
CA PHE B 661 24.01 -1.62 -31.31
C PHE B 661 23.32 -1.39 -32.65
N PRO B 662 23.73 -2.15 -33.70
CA PRO B 662 23.17 -1.92 -35.03
C PRO B 662 21.74 -2.42 -35.25
N ARG B 663 21.20 -3.18 -34.29
CA ARG B 663 19.83 -3.70 -34.42
C ARG B 663 18.83 -3.00 -33.48
N LEU B 664 19.26 -1.98 -32.71
CA LEU B 664 18.40 -1.27 -31.78
C LEU B 664 17.30 -0.48 -32.50
N GLU B 665 16.04 -0.89 -32.31
CA GLU B 665 14.91 -0.24 -32.95
C GLU B 665 14.17 0.71 -32.02
N LEU B 666 14.06 0.37 -30.74
CA LEU B 666 13.33 1.21 -29.79
C LEU B 666 14.19 1.63 -28.60
N LEU B 667 14.43 2.94 -28.47
CA LEU B 667 15.18 3.48 -27.34
C LEU B 667 14.24 4.30 -26.49
N ASP B 668 14.05 3.91 -25.24
CA ASP B 668 13.12 4.60 -24.34
C ASP B 668 13.87 5.38 -23.26
N LEU B 669 13.83 6.71 -23.32
CA LEU B 669 14.49 7.55 -22.33
C LEU B 669 13.49 8.52 -21.68
N ARG B 670 12.23 8.09 -21.49
CA ARG B 670 11.17 8.90 -20.89
C ARG B 670 11.40 9.13 -19.38
N GLY B 671 10.68 10.09 -18.79
CA GLY B 671 10.76 10.40 -17.37
C GLY B 671 12.15 10.59 -16.81
N ASN B 672 13.02 11.25 -17.58
CA ASN B 672 14.39 11.50 -17.17
C ASN B 672 14.66 13.02 -17.05
N LYS B 673 15.92 13.44 -16.88
CA LYS B 673 16.26 14.85 -16.79
C LYS B 673 17.29 15.24 -17.85
N LEU B 674 17.16 14.67 -19.07
CA LEU B 674 18.07 14.96 -20.19
C LEU B 674 17.89 16.39 -20.67
N LEU B 675 18.97 17.00 -21.19
CA LEU B 675 18.91 18.38 -21.65
C LEU B 675 19.28 18.56 -23.11
N PHE B 676 20.16 17.71 -23.65
CA PHE B 676 20.65 17.88 -25.03
C PHE B 676 20.57 16.64 -25.90
N LEU B 677 20.51 16.86 -27.22
CA LEU B 677 20.51 15.82 -28.25
C LEU B 677 21.78 15.94 -29.13
N THR B 678 22.07 14.92 -29.95
CA THR B 678 23.27 14.95 -30.80
C THR B 678 23.04 15.66 -32.14
N ASP B 679 24.13 16.16 -32.74
CA ASP B 679 24.06 16.84 -34.04
C ASP B 679 24.12 15.86 -35.22
N SER B 680 24.66 14.65 -35.01
CA SER B 680 24.77 13.65 -36.08
C SER B 680 24.26 12.28 -35.64
N LEU B 681 22.93 12.15 -35.43
CA LEU B 681 22.33 10.88 -35.03
C LEU B 681 22.41 9.82 -36.14
N SER B 682 22.45 10.26 -37.42
CA SER B 682 22.60 9.35 -38.56
C SER B 682 23.93 8.60 -38.50
N ASP B 683 24.99 9.27 -38.00
CA ASP B 683 26.32 8.68 -37.85
C ASP B 683 26.39 7.61 -36.76
N PHE B 684 25.38 7.51 -35.88
CA PHE B 684 25.40 6.53 -34.80
C PHE B 684 24.38 5.42 -34.96
N THR B 685 23.21 5.72 -35.54
CA THR B 685 22.19 4.68 -35.73
C THR B 685 21.62 4.63 -37.15
N SER B 686 21.42 3.42 -37.65
CA SER B 686 20.85 3.16 -38.97
C SER B 686 19.74 2.10 -38.86
N SER B 687 18.98 2.10 -37.75
CA SER B 687 17.92 1.13 -37.49
C SER B 687 16.87 1.63 -36.51
N LEU B 688 17.22 2.63 -35.68
CA LEU B 688 16.32 3.19 -34.66
C LEU B 688 15.01 3.68 -35.27
N ARG B 689 13.94 2.87 -35.13
CA ARG B 689 12.63 3.21 -35.68
C ARG B 689 11.76 4.00 -34.70
N THR B 690 12.03 3.90 -33.39
CA THR B 690 11.25 4.62 -32.38
C THR B 690 12.18 5.21 -31.31
N LEU B 691 11.97 6.48 -30.96
CA LEU B 691 12.76 7.16 -29.95
C LEU B 691 11.83 7.94 -29.03
N LEU B 692 11.61 7.43 -27.81
CA LEU B 692 10.71 8.09 -26.85
C LEU B 692 11.50 8.92 -25.86
N LEU B 693 11.37 10.25 -25.93
CA LEU B 693 12.09 11.16 -25.03
C LEU B 693 11.13 12.05 -24.22
N SER B 694 9.89 11.59 -23.99
CA SER B 694 8.91 12.39 -23.26
C SER B 694 9.27 12.64 -21.80
N HIS B 695 8.69 13.69 -21.19
CA HIS B 695 8.93 14.07 -19.80
C HIS B 695 10.41 14.25 -19.47
N ASN B 696 11.08 15.10 -20.25
CA ASN B 696 12.50 15.43 -20.10
C ASN B 696 12.69 16.96 -20.08
N ARG B 697 13.96 17.44 -19.98
CA ARG B 697 14.23 18.87 -19.94
C ARG B 697 14.88 19.37 -21.23
N ILE B 698 14.54 18.76 -22.37
CA ILE B 698 15.10 19.18 -23.66
C ILE B 698 14.45 20.48 -24.09
N SER B 699 15.27 21.54 -24.24
CA SER B 699 14.75 22.86 -24.61
C SER B 699 15.07 23.29 -26.04
N HIS B 700 15.91 22.54 -26.76
CA HIS B 700 16.27 22.90 -28.13
C HIS B 700 16.49 21.68 -29.02
N LEU B 701 15.82 21.64 -30.17
CA LEU B 701 15.98 20.56 -31.13
C LEU B 701 17.15 20.93 -32.02
N PRO B 702 18.19 20.07 -32.09
CA PRO B 702 19.37 20.41 -32.90
C PRO B 702 19.10 20.49 -34.40
N SER B 703 19.96 21.23 -35.13
CA SER B 703 19.82 21.42 -36.56
C SER B 703 19.91 20.12 -37.36
N GLY B 704 18.84 19.81 -38.08
CA GLY B 704 18.76 18.62 -38.93
C GLY B 704 18.36 17.34 -38.23
N PHE B 705 17.96 17.42 -36.95
CA PHE B 705 17.55 16.26 -36.16
C PHE B 705 16.40 15.46 -36.79
N LEU B 706 15.42 16.14 -37.38
CA LEU B 706 14.28 15.47 -38.00
C LEU B 706 14.67 14.70 -39.28
N SER B 707 15.76 15.11 -39.94
CA SER B 707 16.24 14.46 -41.16
C SER B 707 17.46 13.55 -40.95
N GLU B 708 18.07 13.55 -39.74
CA GLU B 708 19.25 12.74 -39.49
C GLU B 708 19.00 11.23 -39.69
N VAL B 709 18.21 10.59 -38.79
CA VAL B 709 17.93 9.17 -38.93
C VAL B 709 16.71 8.95 -39.83
N SER B 710 16.95 8.40 -41.03
CA SER B 710 15.91 8.15 -42.02
C SER B 710 14.98 7.00 -41.63
N SER B 711 15.48 6.03 -40.85
CA SER B 711 14.65 4.90 -40.43
C SER B 711 13.68 5.23 -39.28
N LEU B 712 13.84 6.40 -38.64
CA LEU B 712 12.99 6.81 -37.52
C LEU B 712 11.58 7.15 -37.97
N LYS B 713 10.61 6.36 -37.49
CA LYS B 713 9.20 6.56 -37.82
C LYS B 713 8.41 7.19 -36.66
N HIS B 714 8.86 7.01 -35.41
CA HIS B 714 8.17 7.56 -34.26
C HIS B 714 9.10 8.31 -33.31
N LEU B 715 8.89 9.61 -33.14
CA LEU B 715 9.71 10.42 -32.24
C LEU B 715 8.80 11.10 -31.21
N ASP B 716 9.01 10.78 -29.93
CA ASP B 716 8.19 11.36 -28.86
C ASP B 716 8.93 12.46 -28.13
N LEU B 717 8.45 13.71 -28.25
CA LEU B 717 9.07 14.84 -27.57
C LEU B 717 8.04 15.59 -26.69
N SER B 718 7.03 14.88 -26.18
CA SER B 718 6.00 15.50 -25.36
C SER B 718 6.46 15.80 -23.94
N SER B 719 5.82 16.78 -23.28
CA SER B 719 6.13 17.20 -21.90
C SER B 719 7.61 17.58 -21.69
N ASN B 720 8.22 18.21 -22.69
CA ASN B 720 9.61 18.69 -22.61
C ASN B 720 9.64 20.23 -22.39
N LEU B 721 10.77 20.91 -22.62
CA LEU B 721 10.86 22.35 -22.45
C LEU B 721 11.08 23.06 -23.78
N LEU B 722 10.48 22.54 -24.87
CA LEU B 722 10.64 23.12 -26.20
C LEU B 722 9.82 24.39 -26.36
N LYS B 723 10.49 25.52 -26.59
CA LYS B 723 9.80 26.79 -26.79
C LYS B 723 9.43 26.94 -28.26
N THR B 724 10.35 26.61 -29.17
CA THR B 724 10.10 26.71 -30.61
C THR B 724 10.98 25.75 -31.42
N ILE B 725 10.56 25.45 -32.66
CA ILE B 725 11.34 24.57 -33.54
C ILE B 725 11.89 25.41 -34.69
N ASN B 726 13.22 25.59 -34.72
CA ASN B 726 13.87 26.41 -35.75
C ASN B 726 13.88 25.76 -37.14
N LYS B 727 14.03 26.58 -38.19
CA LYS B 727 14.03 26.13 -39.58
C LYS B 727 15.22 25.25 -39.95
N SER B 728 16.35 25.38 -39.22
CA SER B 728 17.52 24.55 -39.47
C SER B 728 17.27 23.09 -39.08
N ALA B 729 16.43 22.85 -38.06
CA ALA B 729 16.06 21.50 -37.62
C ALA B 729 15.08 20.84 -38.60
N LEU B 730 14.26 21.64 -39.30
CA LEU B 730 13.27 21.18 -40.27
C LEU B 730 13.84 21.08 -41.69
N GLU B 731 15.17 21.20 -41.87
CA GLU B 731 15.81 21.13 -43.18
C GLU B 731 15.59 19.77 -43.84
N THR B 732 14.80 19.76 -44.92
CA THR B 732 14.47 18.53 -45.62
C THR B 732 15.35 18.29 -46.85
N LYS B 733 16.66 18.11 -46.63
CA LYS B 733 17.59 17.79 -47.72
C LYS B 733 17.38 16.33 -48.15
N THR B 734 17.18 15.44 -47.17
CA THR B 734 16.93 14.02 -47.37
C THR B 734 15.47 13.68 -47.01
N THR B 735 14.96 12.55 -47.53
CA THR B 735 13.59 12.13 -47.27
C THR B 735 13.50 11.12 -46.12
N THR B 736 12.73 11.44 -45.08
CA THR B 736 12.56 10.55 -43.94
C THR B 736 11.14 9.97 -43.87
N LYS B 737 10.99 8.81 -43.21
CA LYS B 737 9.68 8.18 -43.09
C LYS B 737 9.06 8.41 -41.71
N LEU B 738 9.22 9.62 -41.16
CA LEU B 738 8.65 9.95 -39.86
C LEU B 738 7.14 9.99 -39.96
N SER B 739 6.47 8.96 -39.44
CA SER B 739 5.01 8.87 -39.50
C SER B 739 4.30 9.50 -38.30
N MET B 740 5.02 9.73 -37.19
CA MET B 740 4.40 10.32 -36.00
C MET B 740 5.38 11.14 -35.16
N LEU B 741 4.97 12.34 -34.76
CA LEU B 741 5.78 13.24 -33.93
C LEU B 741 4.90 13.80 -32.83
N GLU B 742 5.15 13.41 -31.58
CA GLU B 742 4.35 13.90 -30.45
C GLU B 742 4.99 15.16 -29.87
N LEU B 743 4.20 16.20 -29.61
CA LEU B 743 4.75 17.46 -29.09
C LEU B 743 3.89 18.14 -28.03
N HIS B 744 2.83 17.50 -27.56
CA HIS B 744 1.93 18.09 -26.57
C HIS B 744 2.60 18.32 -25.21
N GLY B 745 2.14 19.32 -24.48
CA GLY B 745 2.70 19.62 -23.16
C GLY B 745 3.94 20.49 -23.14
N ASN B 746 4.43 20.89 -24.32
CA ASN B 746 5.61 21.74 -24.43
C ASN B 746 5.23 23.21 -24.23
N PRO B 747 6.11 24.04 -23.63
CA PRO B 747 5.78 25.46 -23.46
C PRO B 747 6.08 26.25 -24.73
N PHE B 748 5.27 26.04 -25.77
CA PHE B 748 5.46 26.71 -27.04
C PHE B 748 5.26 28.21 -27.00
N GLU B 749 6.26 28.95 -27.45
CA GLU B 749 6.21 30.41 -27.52
C GLU B 749 5.48 30.72 -28.81
N CYS B 750 4.17 30.97 -28.70
CA CYS B 750 3.30 31.23 -29.85
C CYS B 750 3.42 32.64 -30.44
N THR B 751 4.65 33.06 -30.74
CA THR B 751 4.94 34.34 -31.37
C THR B 751 5.17 34.06 -32.91
N CYS B 752 5.76 34.99 -33.67
CA CYS B 752 6.02 34.76 -35.10
C CYS B 752 7.18 33.76 -35.34
N ASP B 753 7.92 33.36 -34.28
CA ASP B 753 9.01 32.39 -34.35
C ASP B 753 8.47 30.97 -34.62
N ILE B 754 7.26 30.66 -34.13
CA ILE B 754 6.62 29.36 -34.36
C ILE B 754 6.07 29.18 -35.80
N GLY B 755 6.06 30.26 -36.58
CA GLY B 755 5.59 30.26 -37.96
C GLY B 755 6.38 29.34 -38.87
N ASP B 756 7.69 29.21 -38.63
CA ASP B 756 8.54 28.32 -39.43
C ASP B 756 8.11 26.88 -39.27
N PHE B 757 7.76 26.47 -38.04
CA PHE B 757 7.32 25.10 -37.79
C PHE B 757 5.89 24.88 -38.30
N ARG B 758 5.03 25.89 -38.18
CA ARG B 758 3.64 25.83 -38.64
C ARG B 758 3.54 25.49 -40.12
N ARG B 759 4.42 26.06 -40.95
CA ARG B 759 4.44 25.80 -42.39
C ARG B 759 4.90 24.36 -42.66
N TRP B 760 5.88 23.88 -41.89
CA TRP B 760 6.40 22.51 -42.01
C TRP B 760 5.30 21.47 -41.72
N MET B 761 4.36 21.79 -40.81
CA MET B 761 3.26 20.89 -40.49
C MET B 761 2.32 20.75 -41.69
N ASP B 762 2.08 21.85 -42.41
CA ASP B 762 1.22 21.87 -43.59
C ASP B 762 1.92 21.24 -44.81
N GLU B 763 3.25 21.36 -44.90
CA GLU B 763 4.01 20.79 -46.01
C GLU B 763 4.19 19.28 -45.82
N HIS B 764 4.46 18.85 -44.59
CA HIS B 764 4.65 17.44 -44.28
C HIS B 764 3.41 16.89 -43.57
N LEU B 765 2.34 16.63 -44.34
CA LEU B 765 1.09 16.10 -43.80
C LEU B 765 1.17 14.64 -43.37
N ASN B 766 2.16 13.89 -43.90
CA ASN B 766 2.38 12.49 -43.55
C ASN B 766 2.90 12.32 -42.11
N VAL B 767 3.56 13.35 -41.55
CA VAL B 767 4.04 13.31 -40.18
C VAL B 767 2.85 13.61 -39.29
N LYS B 768 2.16 12.58 -38.82
CA LYS B 768 0.97 12.74 -37.99
C LYS B 768 1.31 13.26 -36.59
N ILE B 769 0.79 14.42 -36.23
CA ILE B 769 1.01 15.00 -34.91
C ILE B 769 -0.23 14.78 -34.06
N PRO B 770 -0.17 13.83 -33.11
CA PRO B 770 -1.37 13.57 -32.29
C PRO B 770 -1.61 14.61 -31.20
N ARG B 771 -2.83 14.60 -30.65
CA ARG B 771 -3.27 15.51 -29.59
C ARG B 771 -2.99 16.98 -29.92
N LEU B 772 -3.50 17.45 -31.08
CA LEU B 772 -3.31 18.83 -31.53
C LEU B 772 -3.87 19.85 -30.54
N VAL B 773 -4.96 19.50 -29.85
CA VAL B 773 -5.57 20.40 -28.86
C VAL B 773 -4.70 20.56 -27.59
N ASP B 774 -3.80 19.60 -27.32
CA ASP B 774 -2.92 19.65 -26.17
C ASP B 774 -1.53 20.26 -26.46
N VAL B 775 -1.28 20.70 -27.71
CA VAL B 775 -0.05 21.39 -28.09
C VAL B 775 -0.38 22.86 -27.82
N ILE B 776 -0.32 23.26 -26.56
CA ILE B 776 -0.72 24.58 -26.07
C ILE B 776 0.41 25.61 -26.06
N CYS B 777 0.07 26.88 -26.36
CA CYS B 777 1.02 27.99 -26.34
C CYS B 777 1.10 28.49 -24.90
N ALA B 778 2.32 28.62 -24.36
CA ALA B 778 2.49 29.13 -22.99
C ALA B 778 2.54 30.66 -22.93
N SER B 779 2.90 31.32 -24.05
CA SER B 779 3.00 32.77 -24.15
C SER B 779 2.76 33.21 -25.60
N PRO B 780 2.16 34.40 -25.85
CA PRO B 780 1.67 35.39 -24.88
C PRO B 780 0.22 35.15 -24.40
N GLY B 781 -0.23 35.97 -23.47
CA GLY B 781 -1.56 35.89 -22.86
C GLY B 781 -2.74 35.66 -23.80
N ASP B 782 -2.79 36.37 -24.93
CA ASP B 782 -3.88 36.22 -25.90
C ASP B 782 -3.88 34.87 -26.61
N GLN B 783 -2.70 34.27 -26.79
CA GLN B 783 -2.57 32.96 -27.44
C GLN B 783 -2.44 31.79 -26.44
N ARG B 784 -2.37 32.09 -25.13
CA ARG B 784 -2.23 31.11 -24.05
C ARG B 784 -3.45 30.21 -23.96
N GLY B 785 -3.21 28.90 -23.98
CA GLY B 785 -4.28 27.92 -23.92
C GLY B 785 -4.63 27.38 -25.29
N LYS B 786 -4.58 28.25 -26.31
CA LYS B 786 -4.90 27.89 -27.69
C LYS B 786 -3.84 26.97 -28.30
N SER B 787 -4.23 26.20 -29.32
CA SER B 787 -3.32 25.31 -30.00
C SER B 787 -2.41 26.10 -30.96
N ILE B 788 -1.21 25.60 -31.23
CA ILE B 788 -0.28 26.26 -32.14
C ILE B 788 -0.80 26.31 -33.59
N VAL B 789 -1.68 25.37 -33.96
CA VAL B 789 -2.27 25.31 -35.30
C VAL B 789 -3.41 26.33 -35.52
N SER B 790 -3.89 26.98 -34.44
CA SER B 790 -4.97 27.96 -34.56
C SER B 790 -4.45 29.41 -34.63
N LEU B 791 -3.30 29.61 -35.28
CA LEU B 791 -2.71 30.94 -35.41
C LEU B 791 -2.70 31.46 -36.86
N GLU B 792 -2.47 32.78 -37.05
CA GLU B 792 -2.45 33.40 -38.38
C GLU B 792 -1.29 32.89 -39.22
C1 NAG C . 21.68 -8.21 23.82
C2 NAG C . 21.43 -6.95 23.00
C3 NAG C . 21.74 -5.74 23.89
C4 NAG C . 20.92 -5.80 25.18
C5 NAG C . 21.18 -7.12 25.90
C6 NAG C . 20.29 -7.31 27.12
C7 NAG C . 21.71 -6.89 20.56
C8 NAG C . 22.70 -6.75 19.43
N2 NAG C . 22.24 -6.90 21.79
O3 NAG C . 21.43 -4.56 23.16
O4 NAG C . 21.26 -4.71 26.03
O5 NAG C . 20.89 -8.21 25.01
O6 NAG C . 18.92 -7.28 26.78
O7 NAG C . 20.51 -6.99 20.36
C1 NAG C . 20.42 -3.59 26.03
C2 NAG C . 20.57 -2.85 27.36
C3 NAG C . 19.60 -1.66 27.30
C4 NAG C . 19.92 -0.75 26.12
C5 NAG C . 19.93 -1.55 24.82
C6 NAG C . 20.44 -0.77 23.63
C7 NAG C . 20.98 -3.69 29.62
C8 NAG C . 20.45 -4.54 30.74
N2 NAG C . 20.27 -3.69 28.50
O3 NAG C . 19.68 -0.93 28.53
O4 NAG C . 18.93 0.26 26.02
O5 NAG C . 20.77 -2.71 24.95
O6 NAG C . 21.85 -0.56 23.68
O7 NAG C . 22.00 -3.02 29.74
C1 BMA C . 19.29 1.58 26.39
C2 BMA C . 18.24 2.54 25.82
C3 BMA C . 18.56 3.97 26.26
C4 BMA C . 18.74 4.07 27.77
C5 BMA C . 19.76 3.03 28.27
C6 BMA C . 19.85 2.96 29.78
O2 BMA C . 16.94 2.16 26.28
O3 BMA C . 17.52 4.85 25.84
O4 BMA C . 19.19 5.36 28.12
O5 BMA C . 19.36 1.72 27.82
O6 BMA C . 18.62 2.56 30.36
C1 MAN C . 17.69 5.56 24.62
C2 MAN C . 16.76 6.77 24.62
C3 MAN C . 15.30 6.33 24.47
C4 MAN C . 15.12 5.41 23.26
C5 MAN C . 16.10 4.24 23.32
C6 MAN C . 16.08 3.40 22.06
O2 MAN C . 17.12 7.67 23.58
O3 MAN C . 14.45 7.46 24.36
O4 MAN C . 13.79 4.91 23.25
O5 MAN C . 17.44 4.74 23.46
O6 MAN C . 16.52 4.13 20.92
C1 MAN C . 18.57 2.62 31.76
C2 MAN C . 17.40 1.76 32.25
C3 MAN C . 16.09 2.42 31.85
C4 MAN C . 16.01 3.86 32.37
C5 MAN C . 17.23 4.66 31.92
C6 MAN C . 17.31 6.03 32.57
O2 MAN C . 17.46 1.59 33.66
O3 MAN C . 14.97 1.67 32.31
O4 MAN C . 14.84 4.49 31.89
O5 MAN C . 18.44 3.96 32.27
O6 MAN C . 18.47 6.72 32.15
C1 NAG D . -3.52 -5.35 17.32
C2 NAG D . -2.67 -4.26 17.98
C3 NAG D . -2.16 -3.34 16.86
C4 NAG D . -1.45 -4.13 15.76
C5 NAG D . -2.35 -5.23 15.24
C6 NAG D . -1.69 -6.14 14.23
C7 NAG D . -3.45 -3.59 20.21
C8 NAG D . -4.60 -2.99 20.97
N2 NAG D . -3.55 -3.54 18.87
O3 NAG D . -1.28 -2.38 17.43
O4 NAG D . -1.11 -3.26 14.68
O5 NAG D . -2.78 -6.07 16.33
O6 NAG D . -0.47 -6.67 14.71
O7 NAG D . -2.49 -4.11 20.76
C1 NAG D . 0.25 -2.99 14.47
C2 NAG D . 0.44 -2.49 13.04
C3 NAG D . 1.93 -2.23 12.86
C4 NAG D . 2.44 -1.23 13.90
C5 NAG D . 2.10 -1.71 15.31
C6 NAG D . 2.39 -0.69 16.38
C7 NAG D . -1.26 -3.50 11.56
C8 NAG D . -1.60 -4.67 10.70
N2 NAG D . -0.02 -3.50 12.10
O3 NAG D . 2.16 -1.73 11.54
O4 NAG D . 3.86 -1.13 13.77
O5 NAG D . 0.70 -2.00 15.40
O6 NAG D . 1.55 0.46 16.26
O7 NAG D . -2.06 -2.59 11.79
C1 BMA D . 4.44 0.14 13.54
C2 BMA D . 5.88 0.11 14.06
C3 BMA D . 6.54 1.46 13.80
C4 BMA D . 6.44 1.84 12.33
C5 BMA D . 4.99 1.79 11.86
C6 BMA D . 4.82 2.01 10.37
O2 BMA D . 6.62 -0.92 13.39
O3 BMA D . 7.91 1.43 14.22
O4 BMA D . 6.95 3.15 12.12
O5 BMA D . 4.43 0.49 12.15
O6 BMA D . 5.51 1.03 9.61
C1 NAG E . -8.35 4.97 17.28
C2 NAG E . -6.85 4.81 17.09
C3 NAG E . -6.21 4.63 18.48
C4 NAG E . -6.60 5.77 19.41
C5 NAG E . -8.12 5.89 19.49
C6 NAG E . -8.59 7.07 20.30
C7 NAG E . -5.88 3.70 15.12
C8 NAG E . -5.70 2.41 14.40
N2 NAG E . -6.58 3.64 16.27
O3 NAG E . -4.80 4.59 18.34
O4 NAG E . -6.09 5.52 20.72
O5 NAG E . -8.65 6.05 18.18
O6 NAG E . -8.03 8.28 19.80
O7 NAG E . -5.41 4.75 14.70
C1 NAG E . -5.31 6.54 21.32
C2 NAG E . -4.98 6.11 22.76
C3 NAG E . -4.15 7.23 23.37
C4 NAG E . -2.90 7.50 22.54
C5 NAG E . -3.29 7.83 21.10
C6 NAG E . -2.11 7.94 20.16
C7 NAG E . -6.71 4.72 23.81
C8 NAG E . -8.01 4.71 24.57
N2 NAG E . -6.22 5.93 23.50
O3 NAG E . -3.77 6.88 24.70
O4 NAG E . -2.18 8.60 23.10
O5 NAG E . -4.11 6.77 20.57
O6 NAG E . -2.52 8.16 18.82
O7 NAG E . -6.14 3.67 23.49
C1 BMA E . -0.87 8.37 23.53
C2 BMA E . -0.10 9.70 23.50
C3 BMA E . 1.32 9.47 24.00
C4 BMA E . 1.32 8.77 25.36
C5 BMA E . 0.50 7.49 25.31
C6 BMA E . 0.35 6.79 26.64
O2 BMA E . -0.76 10.67 24.29
O3 BMA E . 2.03 10.70 24.05
O4 BMA E . 2.66 8.48 25.76
O5 BMA E . -0.83 7.79 24.84
O6 BMA E . -0.39 7.56 27.58
C1 MAN E . 2.72 11.10 22.87
C2 MAN E . 3.95 11.93 23.26
C3 MAN E . 3.50 13.29 23.81
C4 MAN E . 2.56 14.00 22.83
C5 MAN E . 1.39 13.10 22.46
C6 MAN E . 0.50 13.68 21.39
O2 MAN E . 4.80 12.09 22.13
O3 MAN E . 4.64 14.11 24.07
O4 MAN E . 2.06 15.18 23.44
O5 MAN E . 1.88 11.84 21.96
O6 MAN E . -0.60 12.81 21.10
C1 MAN E . -0.39 7.04 28.89
C2 MAN E . -1.54 7.68 29.67
C3 MAN E . -1.22 9.15 29.92
C4 MAN E . 0.13 9.31 30.61
C5 MAN E . 1.23 8.60 29.83
C6 MAN E . 2.56 8.56 30.56
O2 MAN E . -1.70 6.99 30.91
O3 MAN E . -2.24 9.75 30.70
O4 MAN E . 0.43 10.70 30.68
O5 MAN E . 0.86 7.23 29.57
O6 MAN E . 3.55 7.86 29.80
C1 NAG F . -26.01 -11.70 -17.22
C2 NAG F . -25.21 -10.40 -17.26
C3 NAG F . -25.15 -9.91 -18.71
C4 NAG F . -24.57 -11.00 -19.63
C5 NAG F . -25.38 -12.28 -19.49
C6 NAG F . -24.78 -13.45 -20.24
C7 NAG F . -25.17 -8.85 -15.35
C8 NAG F . -25.89 -7.74 -14.65
N2 NAG F . -25.80 -9.37 -16.41
O3 NAG F . -24.35 -8.74 -18.76
O4 NAG F . -24.59 -10.57 -20.98
O5 NAG F . -25.41 -12.67 -18.10
O6 NAG F . -23.45 -13.73 -19.81
O7 NAG F . -24.07 -9.24 -14.98
C1 NAG F . -23.39 -10.05 -21.52
C2 NAG F . -23.42 -10.23 -23.04
C3 NAG F . -22.09 -9.68 -23.55
C4 NAG F . -21.91 -8.21 -23.16
C5 NAG F . -22.05 -8.05 -21.65
C6 NAG F . -22.09 -6.61 -21.19
C7 NAG F . -24.37 -12.00 -24.43
C8 NAG F . -24.33 -13.46 -24.79
N2 NAG F . -23.58 -11.62 -23.43
O3 NAG F . -22.04 -9.82 -24.97
O4 NAG F . -20.62 -7.77 -23.55
O5 NAG F . -23.27 -8.67 -21.20
O6 NAG F . -23.32 -5.98 -21.53
O7 NAG F . -25.09 -11.21 -25.04
C1 BMA F . -20.52 -6.88 -24.66
C2 BMA F . -19.12 -6.25 -24.62
C3 BMA F . -18.96 -5.33 -25.84
C4 BMA F . -19.28 -6.06 -27.14
C5 BMA F . -20.65 -6.72 -27.05
C6 BMA F . -20.96 -7.60 -28.25
O2 BMA F . -18.12 -7.25 -24.61
O3 BMA F . -17.62 -4.82 -25.88
O4 BMA F . -19.26 -5.14 -28.22
O5 BMA F . -20.71 -7.57 -25.90
O6 BMA F . -20.03 -8.67 -28.36
C1 MAN F . -17.36 -3.54 -25.31
C2 MAN F . -16.07 -2.99 -25.90
C3 MAN F . -14.87 -3.76 -25.35
C4 MAN F . -14.88 -3.82 -23.83
C5 MAN F . -16.21 -4.35 -23.31
C6 MAN F . -16.35 -4.26 -21.81
O2 MAN F . -15.96 -1.60 -25.60
O3 MAN F . -13.66 -3.17 -25.82
O4 MAN F . -13.83 -4.68 -23.38
O5 MAN F . -17.30 -3.58 -23.87
O6 MAN F . -16.34 -2.91 -21.35
C1 MAN F . -20.17 -9.45 -29.53
C2 MAN F . -19.45 -10.79 -29.30
C3 MAN F . -17.94 -10.56 -29.25
C4 MAN F . -17.46 -9.84 -30.51
C5 MAN F . -18.23 -8.54 -30.71
C6 MAN F . -17.92 -7.87 -32.03
O2 MAN F . -19.77 -11.69 -30.35
O3 MAN F . -17.24 -11.79 -29.09
O4 MAN F . -16.07 -9.56 -30.39
O5 MAN F . -19.66 -8.80 -30.70
O6 MAN F . -18.67 -6.67 -32.20
C1 NAG G . -0.87 -15.09 -10.59
C2 NAG G . -1.33 -14.35 -11.85
C3 NAG G . -1.34 -12.85 -11.53
C4 NAG G . -2.22 -12.56 -10.31
C5 NAG G . -1.73 -13.38 -9.11
C6 NAG G . -2.62 -13.26 -7.89
C7 NAG G . -0.59 -15.57 -13.85
C8 NAG G . 0.56 -15.87 -14.75
N2 NAG G . -0.39 -14.64 -12.92
O3 NAG G . -1.81 -12.13 -12.66
O4 NAG G . -2.16 -11.18 -9.98
O5 NAG G . -1.69 -14.78 -9.46
O6 NAG G . -3.93 -13.77 -8.14
O7 NAG G . -1.66 -16.15 -13.96
C1 NAG G . -3.32 -10.40 -10.18
C2 NAG G . -3.13 -9.07 -9.45
C3 NAG G . -4.34 -8.19 -9.73
C4 NAG G . -4.56 -8.02 -11.24
C5 NAG G . -4.66 -9.38 -11.93
C6 NAG G . -4.68 -9.29 -13.44
C7 NAG G . -1.83 -9.47 -7.39
C8 NAG G . -1.90 -9.78 -5.93
N2 NAG G . -3.01 -9.33 -8.02
O3 NAG G . -4.14 -6.91 -9.12
O4 NAG G . -5.74 -7.26 -11.46
O5 NAG G . -3.51 -10.17 -11.59
O6 NAG G . -3.43 -8.84 -13.96
O7 NAG G . -0.76 -9.37 -7.99
C1 BMA G . -5.65 -6.07 -12.23
C2 BMA G . -7.02 -5.77 -12.84
C3 BMA G . -6.94 -4.49 -13.67
C4 BMA G . -6.36 -3.34 -12.86
C5 BMA G . -5.04 -3.73 -12.20
C6 BMA G . -4.50 -2.69 -11.25
O2 BMA G . -7.99 -5.63 -11.81
O3 BMA G . -8.23 -4.15 -14.18
O4 BMA G . -6.14 -2.22 -13.71
O5 BMA G . -5.22 -4.94 -11.44
O6 BMA G . -5.39 -2.45 -10.17
C1 NAG H . 7.39 -9.36 -15.70
C2 NAG H . 5.97 -8.82 -15.65
C3 NAG H . 5.15 -9.52 -16.73
C4 NAG H . 5.81 -9.37 -18.10
C5 NAG H . 7.23 -9.89 -18.04
C6 NAG H . 8.01 -9.65 -19.32
C7 NAG H . 4.91 -8.12 -13.53
C8 NAG H . 4.35 -8.57 -12.22
N2 NAG H . 5.38 -9.08 -14.33
O3 NAG H . 3.83 -8.95 -16.76
O4 NAG H . 5.07 -10.08 -19.09
O5 NAG H . 7.95 -9.21 -17.00
O6 NAG H . 8.00 -8.27 -19.66
O7 NAG H . 4.94 -6.93 -13.86
C1 NAG H . 4.66 -9.38 -20.25
C2 NAG H . 4.02 -10.37 -21.21
C3 NAG H . 3.58 -9.58 -22.45
C4 NAG H . 2.65 -8.44 -22.07
C5 NAG H . 3.30 -7.54 -21.02
C6 NAG H . 2.37 -6.48 -20.46
C7 NAG H . 4.94 -12.64 -21.09
C8 NAG H . 6.04 -13.56 -21.53
N2 NAG H . 4.98 -11.40 -21.57
O3 NAG H . 2.94 -10.46 -23.37
O4 NAG H . 2.34 -7.66 -23.22
O5 NAG H . 3.73 -8.34 -19.91
O6 NAG H . 2.98 -5.75 -19.40
O7 NAG H . 4.07 -13.01 -20.31
C1 BMA H . 1.01 -7.67 -23.68
C2 BMA H . 0.81 -6.46 -24.60
C3 BMA H . -0.64 -6.45 -25.09
C4 BMA H . -1.04 -7.79 -25.71
C5 BMA H . -0.66 -8.97 -24.81
C6 BMA H . -0.80 -10.30 -25.52
O2 BMA H . 1.70 -6.54 -25.70
O3 BMA H . -0.80 -5.41 -26.05
O4 BMA H . -2.44 -7.81 -25.95
O5 BMA H . 0.71 -8.87 -24.40
O6 BMA H . 0.00 -10.33 -26.70
C1 MAN H . -1.26 -4.13 -25.62
C2 MAN H . -1.94 -3.44 -26.81
C3 MAN H . -0.88 -3.04 -27.84
C4 MAN H . 0.23 -2.22 -27.21
C5 MAN H . 0.84 -2.95 -26.01
C6 MAN H . 1.83 -2.11 -25.24
O2 MAN H . -2.66 -2.29 -26.36
O3 MAN H . -1.50 -2.32 -28.90
O4 MAN H . 1.25 -1.97 -28.17
O5 MAN H . -0.21 -3.32 -25.08
O6 MAN H . 2.37 -2.82 -24.13
C1 MAN H . -0.31 -11.34 -27.63
C2 MAN H . 0.68 -11.26 -28.79
C3 MAN H . 0.38 -10.00 -29.61
C4 MAN H . -1.07 -9.97 -30.08
C5 MAN H . -2.02 -10.11 -28.89
C6 MAN H . -3.47 -10.30 -29.32
O2 MAN H . 0.54 -12.41 -29.61
O3 MAN H . 1.27 -9.89 -30.72
O4 MAN H . -1.33 -8.73 -30.74
O5 MAN H . -1.67 -11.28 -28.12
O6 MAN H . -4.33 -10.48 -28.20
C1 NAG I . -30.17 -8.67 14.79
C2 NAG I . -30.89 -9.61 13.81
C3 NAG I . -31.91 -10.46 14.56
C4 NAG I . -31.30 -11.11 15.80
C5 NAG I . -30.66 -10.05 16.68
C6 NAG I . -29.98 -10.62 17.91
C7 NAG I . -31.03 -8.42 11.65
C8 NAG I . -31.83 -7.45 10.83
N2 NAG I . -31.57 -8.76 12.82
O3 NAG I . -32.41 -11.47 13.68
O4 NAG I . -32.33 -11.74 16.56
O5 NAG I . -29.65 -9.37 15.92
O6 NAG I . -29.00 -11.59 17.58
O7 NAG I . -29.95 -8.86 11.28
C1 NAG J . -22.26 32.42 11.50
C2 NAG J . -22.39 33.40 10.34
C3 NAG J . -23.59 34.30 10.62
C4 NAG J . -24.86 33.46 10.79
C5 NAG J . -24.66 32.41 11.88
C6 NAG J . -25.80 31.42 11.95
C7 NAG J . -20.34 34.06 9.15
C8 NAG J . -19.14 34.95 9.16
N2 NAG J . -21.18 34.21 10.18
O3 NAG J . -23.75 35.21 9.53
O4 NAG J . -25.96 34.29 11.10
O5 NAG J . -23.47 31.66 11.64
O6 NAG J . -25.53 30.36 12.85
O7 NAG J . -20.54 33.23 8.27
C1 NAG K . 7.26 -13.11 41.59
C2 NAG K . 8.29 -13.83 42.48
C3 NAG K . 8.22 -13.12 43.85
C4 NAG K . 8.55 -11.64 43.71
C5 NAG K . 7.57 -10.98 42.73
C6 NAG K . 7.93 -9.54 42.40
C7 NAG K . 8.79 -16.22 42.21
C8 NAG K . 8.36 -17.61 42.54
N2 NAG K . 7.97 -15.24 42.63
O3 NAG K . 9.11 -13.75 44.77
O4 NAG K . 8.48 -10.99 44.97
O5 NAG K . 7.56 -11.71 41.50
O6 NAG K . 7.01 -8.98 41.47
O7 NAG K . 9.83 -15.98 41.61
C1 NAG L . -5.58 -28.21 33.88
C2 NAG L . -7.07 -28.50 33.66
C3 NAG L . -7.33 -29.81 34.42
C4 NAG L . -6.44 -30.94 33.89
C5 NAG L . -4.96 -30.53 33.92
C6 NAG L . -4.06 -31.50 33.20
C7 NAG L . -8.26 -26.35 33.44
C8 NAG L . -9.16 -25.37 34.12
N2 NAG L . -7.93 -27.44 34.16
O3 NAG L . -8.70 -30.17 34.30
O4 NAG L . -6.60 -32.11 34.69
O5 NAG L . -4.80 -29.24 33.29
O6 NAG L . -2.76 -30.96 33.00
O7 NAG L . -7.84 -26.17 32.30
C1 NAG M . -19.11 11.15 31.25
C2 NAG M . -20.07 10.61 32.32
C3 NAG M . -19.30 10.22 33.58
C4 NAG M . -18.12 9.31 33.24
C5 NAG M . -17.20 10.00 32.24
C6 NAG M . -16.03 9.13 31.80
C7 NAG M . -22.38 11.44 32.41
C8 NAG M . -23.29 12.54 32.85
N2 NAG M . -21.07 11.61 32.63
O3 NAG M . -20.17 9.57 34.50
O4 NAG M . -17.40 8.98 34.42
O5 NAG M . -17.95 10.31 31.05
O6 NAG M . -16.44 8.00 31.05
O7 NAG M . -22.82 10.42 31.87
C1 NAG N . 29.12 28.01 37.01
C2 NAG N . 29.15 29.53 36.89
C3 NAG N . 29.42 30.11 38.27
C4 NAG N . 28.39 29.63 39.28
C5 NAG N . 28.33 28.10 39.29
C6 NAG N . 27.18 27.56 40.13
C7 NAG N . 29.93 30.41 34.73
C8 NAG N . 31.12 30.72 33.87
N2 NAG N . 30.19 29.93 35.95
O3 NAG N . 29.40 31.53 38.21
O4 NAG N . 28.71 30.09 40.59
O5 NAG N . 28.11 27.62 37.96
O6 NAG N . 27.10 26.14 40.07
O7 NAG N . 28.77 30.58 34.33
C1 I5N O . -16.41 -14.49 2.56
C2 I5N O . -16.39 -14.59 3.97
C3 I5N O . -15.40 -13.94 4.73
C11 I5N O . -17.44 -15.27 4.75
C12 I5N O . -18.18 -14.56 5.70
C13 I5N O . -19.15 -15.21 6.45
C15 I5N O . -18.65 -17.26 5.38
C16 I5N O . -17.65 -16.64 4.62
C17 I5N O . -18.92 -18.75 5.21
C18 I5N O . -17.45 -14.89 0.19
C19 I5N O . -16.88 -16.21 0.71
C21 I5N O . -11.84 -10.83 1.10
C22 I5N O . -11.81 -10.27 -0.34
C23 I5N O . -11.24 -11.33 -1.32
C25 I5N O . -9.91 -12.36 0.49
C26 I5N O . -10.40 -11.27 1.46
C27 I5N O . -19.99 -14.45 7.48
C4 I5N O . -14.41 -13.24 4.05
C5 I5N O . -14.42 -13.17 2.67
C6 I5N O . -15.40 -13.78 1.89
N7 I5N O . -13.36 -12.57 4.56
N8 I5N O . -12.66 -12.05 3.52
C9 I5N O . -13.21 -12.33 2.39
C10 I5N O . -17.47 -15.19 1.70
N14 I5N O . -19.36 -16.53 6.28
N20 I5N O . -12.76 -11.96 1.22
N24 I5N O . -9.92 -11.80 -0.88
F28 I5N O . -9.61 -10.17 1.30
C1 I5N P . 9.34 -18.17 8.36
C2 I5N P . 9.27 -19.01 7.22
C3 I5N P . 8.57 -18.60 6.07
C11 I5N P . 9.89 -20.35 7.13
C12 I5N P . 10.72 -20.64 6.04
C13 I5N P . 11.27 -21.92 5.92
C15 I5N P . 10.15 -22.64 7.88
C16 I5N P . 9.58 -21.37 8.03
C17 I5N P . 9.85 -23.73 8.88
C18 I5N P . 10.46 -17.43 10.60
C19 I5N P . 9.31 -18.39 10.94
C21 I5N P . 6.55 -13.05 6.74
C22 I5N P . 7.05 -11.75 7.42
C23 I5N P . 6.43 -11.59 8.84
C25 I5N P . 4.48 -12.96 8.17
C26 I5N P . 5.00 -13.03 6.72
C27 I5N P . 12.21 -22.26 4.75
C4 I5N P . 7.96 -17.36 6.10
C5 I5N P . 8.03 -16.55 7.20
C6 I5N P . 8.71 -16.92 8.37
N7 I5N P . 7.27 -16.77 5.10
N8 I5N P . 6.87 -15.56 5.54
C9 I5N P . 7.27 -15.34 6.73
C10 I5N P . 10.10 -18.59 9.63
N14 I5N P . 10.99 -22.87 6.84
N20 I5N P . 7.04 -14.25 7.42
N24 I5N P . 4.96 -11.71 8.81
F28 I5N P . 4.60 -11.93 6.03
C1 NAG Q . 22.69 -25.89 -3.07
C2 NAG Q . 23.14 -26.22 -1.64
C3 NAG Q . 23.60 -27.68 -1.56
C4 NAG Q . 22.60 -28.63 -2.22
C5 NAG Q . 22.33 -28.18 -3.65
C6 NAG Q . 21.35 -29.06 -4.40
C7 NAG Q . 24.07 -24.17 -0.67
C8 NAG Q . 25.29 -23.31 -0.53
N2 NAG Q . 24.24 -25.33 -1.31
O3 NAG Q . 23.77 -28.05 -0.19
O4 NAG Q . 23.14 -29.95 -2.23
O5 NAG Q . 21.79 -26.86 -3.62
O6 NAG Q . 20.11 -29.15 -3.72
O7 NAG Q . 22.97 -23.81 -0.23
C1 NAG R . 31.02 8.87 -25.21
C2 NAG R . 31.65 10.21 -24.84
C3 NAG R . 33.03 10.25 -25.47
C4 NAG R . 33.88 9.07 -24.99
C5 NAG R . 33.18 7.75 -25.28
C6 NAG R . 33.87 6.57 -24.61
C7 NAG R . 30.16 12.13 -24.48
C8 NAG R . 29.37 13.22 -25.13
N2 NAG R . 30.85 11.33 -25.30
O3 NAG R . 33.66 11.48 -25.13
O4 NAG R . 35.15 9.08 -25.65
O5 NAG R . 31.84 7.79 -24.75
O6 NAG R . 33.12 5.37 -24.74
O7 NAG R . 30.16 11.95 -23.26
C1 NAG S . -16.35 -30.72 -26.70
C2 NAG S . -17.64 -31.31 -27.27
C3 NAG S . -17.34 -31.56 -28.75
C4 NAG S . -16.98 -30.26 -29.46
C5 NAG S . -15.78 -29.59 -28.77
C6 NAG S . -15.51 -28.19 -29.29
C7 NAG S . -19.12 -32.76 -25.91
C8 NAG S . -19.33 -34.14 -25.39
N2 NAG S . -17.99 -32.56 -26.61
O3 NAG S . -18.46 -32.19 -29.38
O4 NAG S . -16.63 -30.53 -30.81
O5 NAG S . -16.04 -29.47 -27.36
O6 NAG S . -14.46 -27.56 -28.58
O7 NAG S . -19.92 -31.85 -25.72
C1 NAG T . -8.50 -42.13 -10.96
C2 NAG T . -7.12 -42.67 -10.55
C3 NAG T . -7.26 -44.18 -10.33
C4 NAG T . -8.39 -44.51 -9.36
C5 NAG T . -9.69 -43.86 -9.82
C6 NAG T . -10.84 -44.02 -8.85
C7 NAG T . -5.42 -41.24 -11.63
C8 NAG T . -4.40 -41.16 -12.72
N2 NAG T . -6.11 -42.40 -11.55
O3 NAG T . -6.02 -44.68 -9.82
O4 NAG T . -8.58 -45.91 -9.28
O5 NAG T . -9.47 -42.44 -9.97
O6 NAG T . -11.96 -43.23 -9.24
O7 NAG T . -5.63 -40.31 -10.86
C1 NAG U . 17.84 -16.85 -29.23
C2 NAG U . 18.39 -18.21 -29.69
C3 NAG U . 17.38 -18.90 -30.60
C4 NAG U . 16.00 -18.96 -29.94
C5 NAG U . 15.53 -17.54 -29.60
C6 NAG U . 14.20 -17.50 -28.89
C7 NAG U . 20.82 -18.52 -29.94
C8 NAG U . 22.01 -18.29 -30.83
N2 NAG U . 19.66 -18.02 -30.39
O3 NAG U . 17.82 -20.21 -30.90
O4 NAG U . 15.06 -19.56 -30.82
O5 NAG U . 16.50 -16.93 -28.73
O6 NAG U . 14.27 -18.07 -27.59
O7 NAG U . 20.90 -19.12 -28.88
C1 NAG V . -21.00 9.86 -49.68
C2 NAG V . -20.45 11.05 -50.45
C3 NAG V . -20.66 10.80 -51.94
C4 NAG V . -20.03 9.47 -52.35
C5 NAG V . -20.57 8.32 -51.49
C6 NAG V . -19.90 7.00 -51.75
C7 NAG V . -20.56 13.22 -49.28
C8 NAG V . -21.44 14.37 -48.92
N2 NAG V . -21.13 12.27 -50.04
O3 NAG V . -20.09 11.86 -52.68
O4 NAG V . -20.32 9.20 -53.72
O5 NAG V . -20.37 8.64 -50.10
O6 NAG V . -20.43 5.98 -50.91
O7 NAG V . -19.39 13.13 -48.92
#